data_2K00
#
_entry.id   2K00
#
loop_
_entity.id
_entity.type
_entity.pdbx_description
1 polymer Talin-1
2 polymer Layilin
#
loop_
_entity_poly.entity_id
_entity_poly.type
_entity_poly.pdbx_seq_one_letter_code
_entity_poly.pdbx_strand_id
1 'polypeptide(L)'
;GVSFFLVKEKMKGKNKLVPRLLGITKECVMRVDEKTKEVIQEWSLTNIKRWAASPKSFTLDFGDYQDGYYSVQTTEGEQI
AQLIAGYIDIIL
;
A
2 'polypeptide(L)' GRSKESGWVENEIYY B
#
# COMPACT_ATOMS: atom_id res chain seq x y z
N GLY A 1 -0.98 -8.50 12.88
CA GLY A 1 0.29 -8.51 12.10
C GLY A 1 1.38 -7.70 12.77
N VAL A 2 2.62 -7.95 12.40
CA VAL A 2 3.76 -7.22 12.94
C VAL A 2 4.54 -6.53 11.84
N SER A 3 4.21 -6.83 10.59
CA SER A 3 4.89 -6.23 9.46
C SER A 3 4.27 -4.87 9.12
N PHE A 4 4.88 -3.81 9.63
CA PHE A 4 4.41 -2.46 9.39
C PHE A 4 5.49 -1.65 8.71
N PHE A 5 5.11 -0.88 7.72
CA PHE A 5 6.05 -0.03 7.01
C PHE A 5 5.85 1.43 7.37
N LEU A 6 6.95 2.13 7.60
CA LEU A 6 6.90 3.54 7.93
C LEU A 6 6.78 4.37 6.65
N VAL A 7 5.59 4.88 6.40
CA VAL A 7 5.34 5.67 5.22
C VAL A 7 4.93 7.09 5.59
N LYS A 8 4.98 7.99 4.64
CA LYS A 8 4.59 9.37 4.88
C LYS A 8 3.52 9.79 3.87
N GLU A 9 2.34 10.09 4.38
CA GLU A 9 1.20 10.44 3.54
C GLU A 9 1.15 11.95 3.32
N LYS A 10 1.07 12.36 2.07
CA LYS A 10 0.92 13.78 1.77
C LYS A 10 -0.54 14.08 1.44
N MET A 11 -1.23 14.63 2.42
CA MET A 11 -2.62 15.01 2.25
C MET A 11 -2.74 16.52 2.27
N LYS A 12 -3.91 17.04 1.94
CA LYS A 12 -4.13 18.48 2.02
C LYS A 12 -4.45 18.87 3.46
N GLY A 13 -4.63 20.16 3.69
CA GLY A 13 -4.89 20.64 5.04
C GLY A 13 -3.62 21.19 5.67
N LYS A 14 -2.51 20.55 5.34
CA LYS A 14 -1.20 20.99 5.77
C LYS A 14 -0.15 20.48 4.81
N ASN A 15 1.00 21.13 4.77
CA ASN A 15 2.07 20.73 3.86
C ASN A 15 2.95 19.67 4.49
N LYS A 16 2.69 19.38 5.76
CA LYS A 16 3.44 18.39 6.50
C LYS A 16 3.02 16.99 6.10
N LEU A 17 3.99 16.17 5.70
CA LEU A 17 3.73 14.77 5.39
C LEU A 17 3.48 13.99 6.68
N VAL A 18 2.41 13.22 6.70
CA VAL A 18 1.98 12.53 7.89
C VAL A 18 2.58 11.13 7.97
N PRO A 19 3.37 10.85 9.01
CA PRO A 19 3.91 9.50 9.25
C PRO A 19 2.81 8.49 9.52
N ARG A 20 2.75 7.46 8.71
CA ARG A 20 1.72 6.45 8.82
C ARG A 20 2.36 5.07 8.91
N LEU A 21 1.77 4.21 9.72
CA LEU A 21 2.20 2.82 9.79
C LEU A 21 1.38 1.99 8.83
N LEU A 22 2.00 1.63 7.71
CA LEU A 22 1.33 0.83 6.71
C LEU A 22 1.41 -0.65 7.08
N GLY A 23 0.32 -1.17 7.62
CA GLY A 23 0.30 -2.55 8.04
C GLY A 23 -0.05 -3.48 6.91
N ILE A 24 0.91 -4.29 6.52
CA ILE A 24 0.71 -5.26 5.46
C ILE A 24 0.61 -6.65 6.07
N THR A 25 -0.59 -7.21 6.06
CA THR A 25 -0.79 -8.54 6.64
C THR A 25 -1.22 -9.53 5.57
N LYS A 26 -1.25 -10.80 5.95
CA LYS A 26 -1.61 -11.88 5.04
C LYS A 26 -3.12 -11.89 4.73
N GLU A 27 -3.80 -10.85 5.16
CA GLU A 27 -5.26 -10.82 5.07
C GLU A 27 -5.80 -9.43 4.76
N CYS A 28 -5.06 -8.38 5.13
CA CYS A 28 -5.55 -7.02 4.95
C CYS A 28 -4.42 -6.00 4.98
N VAL A 29 -4.76 -4.77 4.62
CA VAL A 29 -3.84 -3.64 4.67
C VAL A 29 -4.43 -2.54 5.54
N MET A 30 -3.81 -2.26 6.68
CA MET A 30 -4.35 -1.28 7.61
C MET A 30 -3.46 -0.05 7.71
N ARG A 31 -4.08 1.11 7.81
CA ARG A 31 -3.37 2.36 8.05
C ARG A 31 -3.42 2.70 9.53
N VAL A 32 -2.30 2.47 10.21
CA VAL A 32 -2.21 2.76 11.63
C VAL A 32 -1.49 4.08 11.84
N ASP A 33 -1.97 4.88 12.77
CA ASP A 33 -1.31 6.15 13.07
C ASP A 33 0.02 5.89 13.77
N GLU A 34 1.03 6.66 13.40
CA GLU A 34 2.39 6.42 13.88
C GLU A 34 2.53 6.72 15.37
N LYS A 35 1.81 7.72 15.84
CA LYS A 35 1.96 8.18 17.22
C LYS A 35 0.79 7.72 18.09
N THR A 36 -0.41 7.72 17.51
CA THR A 36 -1.60 7.30 18.24
C THR A 36 -1.69 5.77 18.26
N LYS A 37 -1.09 5.14 17.25
CA LYS A 37 -1.04 3.68 17.13
C LYS A 37 -2.43 3.07 16.94
N GLU A 38 -3.36 3.88 16.43
CA GLU A 38 -4.71 3.40 16.18
C GLU A 38 -4.92 3.15 14.69
N VAL A 39 -5.79 2.20 14.36
CA VAL A 39 -6.08 1.88 12.98
C VAL A 39 -7.17 2.80 12.44
N ILE A 40 -6.81 3.59 11.45
CA ILE A 40 -7.74 4.56 10.87
C ILE A 40 -8.59 3.92 9.79
N GLN A 41 -7.96 3.15 8.92
CA GLN A 41 -8.63 2.58 7.76
C GLN A 41 -7.98 1.26 7.38
N GLU A 42 -8.78 0.29 6.97
CA GLU A 42 -8.27 -1.03 6.64
C GLU A 42 -8.90 -1.52 5.32
N TRP A 43 -8.07 -2.12 4.47
CA TRP A 43 -8.54 -2.65 3.19
C TRP A 43 -8.26 -4.14 3.09
N SER A 44 -9.08 -4.84 2.32
CA SER A 44 -8.86 -6.25 2.06
C SER A 44 -7.89 -6.41 0.89
N LEU A 45 -7.15 -7.53 0.87
CA LEU A 45 -6.18 -7.78 -0.19
C LEU A 45 -6.88 -8.04 -1.51
N THR A 46 -8.12 -8.49 -1.42
CA THR A 46 -8.93 -8.80 -2.59
C THR A 46 -9.38 -7.52 -3.32
N ASN A 47 -9.07 -6.37 -2.74
CA ASN A 47 -9.44 -5.09 -3.35
C ASN A 47 -8.24 -4.43 -3.97
N ILE A 48 -7.18 -5.20 -4.17
CA ILE A 48 -5.98 -4.71 -4.80
C ILE A 48 -6.03 -4.98 -6.30
N LYS A 49 -6.15 -3.91 -7.08
CA LYS A 49 -6.13 -4.02 -8.53
C LYS A 49 -4.69 -4.04 -9.03
N ARG A 50 -3.88 -3.17 -8.44
CA ARG A 50 -2.49 -3.03 -8.80
C ARG A 50 -1.78 -2.16 -7.77
N TRP A 51 -0.47 -2.02 -7.93
CA TRP A 51 0.30 -1.11 -7.09
C TRP A 51 1.54 -0.63 -7.83
N ALA A 52 2.02 0.54 -7.46
CA ALA A 52 3.21 1.11 -8.07
C ALA A 52 4.33 1.20 -7.06
N ALA A 53 5.35 0.40 -7.26
CA ALA A 53 6.49 0.35 -6.37
C ALA A 53 7.64 1.21 -6.90
N SER A 54 7.78 2.40 -6.34
CA SER A 54 8.88 3.28 -6.69
C SER A 54 9.77 3.48 -5.46
N PRO A 55 11.07 3.75 -5.67
CA PRO A 55 12.04 3.85 -4.58
C PRO A 55 11.78 5.01 -3.62
N LYS A 56 10.99 6.00 -4.03
CA LYS A 56 10.72 7.14 -3.18
C LYS A 56 9.27 7.16 -2.71
N SER A 57 8.37 6.57 -3.49
CA SER A 57 6.95 6.60 -3.15
C SER A 57 6.24 5.34 -3.63
N PHE A 58 5.25 4.90 -2.86
CA PHE A 58 4.51 3.70 -3.17
C PHE A 58 3.02 4.03 -3.32
N THR A 59 2.40 3.47 -4.34
CA THR A 59 0.99 3.72 -4.60
C THR A 59 0.20 2.40 -4.64
N LEU A 60 -0.90 2.36 -3.91
CA LEU A 60 -1.81 1.23 -3.93
C LEU A 60 -3.09 1.59 -4.69
N ASP A 61 -3.35 0.87 -5.76
CA ASP A 61 -4.55 1.09 -6.57
C ASP A 61 -5.65 0.14 -6.13
N PHE A 62 -6.64 0.67 -5.43
CA PHE A 62 -7.75 -0.14 -4.94
C PHE A 62 -8.91 -0.14 -5.92
N GLY A 63 -8.64 0.39 -7.11
CA GLY A 63 -9.64 0.39 -8.16
C GLY A 63 -10.82 1.29 -7.84
N ASP A 64 -12.00 0.69 -7.85
CA ASP A 64 -13.24 1.42 -7.66
C ASP A 64 -13.77 1.24 -6.24
N TYR A 65 -12.86 1.06 -5.29
CA TYR A 65 -13.23 0.88 -3.90
C TYR A 65 -13.37 2.24 -3.21
N GLN A 66 -12.65 3.23 -3.73
CA GLN A 66 -12.68 4.57 -3.20
C GLN A 66 -12.28 5.56 -4.27
N ASP A 67 -12.28 6.85 -3.95
CA ASP A 67 -11.92 7.88 -4.91
C ASP A 67 -10.42 8.06 -4.95
N GLY A 68 -9.80 7.68 -6.06
CA GLY A 68 -8.37 7.80 -6.19
C GLY A 68 -7.65 6.59 -5.65
N TYR A 69 -6.35 6.75 -5.40
CA TYR A 69 -5.52 5.65 -4.92
C TYR A 69 -4.89 6.02 -3.59
N TYR A 70 -3.93 5.21 -3.16
CA TYR A 70 -3.24 5.46 -1.91
C TYR A 70 -1.74 5.59 -2.16
N SER A 71 -1.25 6.82 -2.14
CA SER A 71 0.15 7.09 -2.44
C SER A 71 0.87 7.63 -1.21
N VAL A 72 1.97 6.98 -0.85
CA VAL A 72 2.76 7.38 0.30
C VAL A 72 4.25 7.43 -0.02
N GLN A 73 4.96 8.31 0.66
CA GLN A 73 6.39 8.46 0.46
C GLN A 73 7.14 7.53 1.39
N THR A 74 8.08 6.77 0.84
CA THR A 74 8.87 5.83 1.61
C THR A 74 9.92 5.17 0.72
N THR A 75 11.08 4.88 1.28
CA THR A 75 12.14 4.22 0.53
C THR A 75 11.96 2.71 0.55
N GLU A 76 10.98 2.25 1.31
CA GLU A 76 10.69 0.82 1.44
C GLU A 76 9.57 0.41 0.50
N GLY A 77 9.34 1.22 -0.53
CA GLY A 77 8.25 0.99 -1.46
C GLY A 77 8.26 -0.41 -2.08
N GLU A 78 9.41 -0.83 -2.59
CA GLU A 78 9.51 -2.15 -3.22
C GLU A 78 9.35 -3.25 -2.18
N GLN A 79 9.84 -3.01 -0.97
CA GLN A 79 9.68 -3.96 0.13
C GLN A 79 8.20 -4.17 0.43
N ILE A 80 7.43 -3.09 0.41
CA ILE A 80 5.98 -3.17 0.61
C ILE A 80 5.36 -4.01 -0.49
N ALA A 81 5.66 -3.65 -1.73
CA ALA A 81 5.15 -4.36 -2.89
C ALA A 81 5.45 -5.84 -2.82
N GLN A 82 6.71 -6.17 -2.53
CA GLN A 82 7.16 -7.54 -2.44
C GLN A 82 6.42 -8.29 -1.34
N LEU A 83 6.14 -7.61 -0.25
CA LEU A 83 5.46 -8.24 0.88
C LEU A 83 3.99 -8.48 0.56
N ILE A 84 3.35 -7.50 -0.06
CA ILE A 84 1.95 -7.65 -0.47
C ILE A 84 1.82 -8.79 -1.46
N ALA A 85 2.68 -8.80 -2.47
CA ALA A 85 2.69 -9.86 -3.46
C ALA A 85 3.01 -11.20 -2.81
N GLY A 86 3.79 -11.17 -1.73
CA GLY A 86 4.11 -12.37 -1.00
C GLY A 86 2.91 -12.96 -0.30
N TYR A 87 2.15 -12.12 0.39
CA TYR A 87 0.93 -12.56 1.06
C TYR A 87 -0.12 -12.96 0.03
N ILE A 88 -0.20 -12.18 -1.04
CA ILE A 88 -1.12 -12.46 -2.13
C ILE A 88 -0.78 -13.79 -2.79
N ASP A 89 0.51 -14.10 -2.86
CA ASP A 89 0.98 -15.38 -3.42
C ASP A 89 0.43 -16.56 -2.61
N ILE A 90 0.21 -16.34 -1.32
CA ILE A 90 -0.31 -17.38 -0.45
C ILE A 90 -1.80 -17.63 -0.72
N ILE A 91 -2.51 -16.57 -1.09
CA ILE A 91 -3.94 -16.67 -1.36
C ILE A 91 -4.19 -17.02 -2.82
N LEU A 92 -3.25 -16.63 -3.66
CA LEU A 92 -3.37 -16.80 -5.10
C LEU A 92 -2.76 -18.13 -5.54
N GLY B 1 -0.02 1.81 -27.82
CA GLY B 1 0.59 0.79 -26.94
C GLY B 1 1.36 1.41 -25.80
N ARG B 2 0.77 1.37 -24.61
CA ARG B 2 1.42 1.90 -23.42
C ARG B 2 1.69 0.78 -22.41
N SER B 3 2.93 0.37 -22.27
CA SER B 3 3.28 -0.71 -21.36
C SER B 3 3.49 -0.17 -19.94
N LYS B 4 3.35 -1.04 -18.95
CA LYS B 4 3.58 -0.68 -17.56
C LYS B 4 4.29 -1.83 -16.86
N GLU B 5 5.26 -2.39 -17.57
CA GLU B 5 6.01 -3.55 -17.11
C GLU B 5 6.70 -3.29 -15.77
N SER B 6 7.53 -2.27 -15.73
CA SER B 6 8.25 -1.93 -14.51
C SER B 6 7.45 -0.91 -13.69
N GLY B 7 7.48 -1.07 -12.37
CA GLY B 7 6.80 -0.13 -11.50
C GLY B 7 5.38 -0.56 -11.19
N TRP B 8 4.63 -0.89 -12.23
CA TRP B 8 3.23 -1.27 -12.10
C TRP B 8 3.10 -2.79 -12.04
N VAL B 9 2.56 -3.26 -10.93
CA VAL B 9 2.37 -4.69 -10.73
C VAL B 9 0.88 -5.03 -10.79
N GLU B 10 0.54 -5.93 -11.70
CA GLU B 10 -0.86 -6.27 -11.95
C GLU B 10 -1.28 -7.48 -11.13
N ASN B 11 -2.08 -7.24 -10.10
CA ASN B 11 -2.55 -8.32 -9.23
C ASN B 11 -3.86 -8.88 -9.77
N GLU B 12 -4.17 -10.11 -9.39
CA GLU B 12 -5.31 -10.81 -9.97
C GLU B 12 -6.35 -11.23 -8.96
N ILE B 13 -6.34 -10.67 -7.77
CA ILE B 13 -7.40 -11.01 -6.80
C ILE B 13 -8.38 -9.86 -6.59
N TYR B 14 -8.33 -8.87 -7.48
CA TYR B 14 -9.29 -7.78 -7.42
C TYR B 14 -10.63 -8.24 -7.97
N TYR B 15 -11.52 -8.64 -7.06
CA TYR B 15 -12.81 -9.16 -7.43
C TYR B 15 -13.82 -8.05 -7.75
N GLY A 1 5.88 -11.70 9.67
CA GLY A 1 4.81 -11.19 10.56
C GLY A 1 4.11 -10.00 9.96
N VAL A 2 3.30 -9.31 10.78
CA VAL A 2 2.62 -8.11 10.32
C VAL A 2 3.63 -7.03 10.02
N SER A 3 3.83 -6.76 8.74
CA SER A 3 4.87 -5.85 8.30
C SER A 3 4.41 -4.40 8.42
N PHE A 4 5.03 -3.66 9.31
CA PHE A 4 4.75 -2.25 9.46
C PHE A 4 5.77 -1.40 8.71
N PHE A 5 5.28 -0.58 7.82
CA PHE A 5 6.14 0.33 7.08
C PHE A 5 5.89 1.76 7.54
N LEU A 6 6.97 2.49 7.80
CA LEU A 6 6.87 3.87 8.21
C LEU A 6 6.80 4.76 6.97
N VAL A 7 5.59 4.99 6.49
CA VAL A 7 5.37 5.79 5.30
C VAL A 7 4.88 7.17 5.67
N LYS A 8 4.86 8.08 4.71
CA LYS A 8 4.37 9.42 4.95
C LYS A 8 3.30 9.79 3.92
N GLU A 9 2.10 10.04 4.41
CA GLU A 9 0.96 10.35 3.56
C GLU A 9 1.04 11.78 3.05
N LYS A 10 1.00 11.94 1.74
CA LYS A 10 0.97 13.27 1.15
C LYS A 10 -0.48 13.72 0.98
N MET A 11 -0.91 14.61 1.84
CA MET A 11 -2.28 15.09 1.83
C MET A 11 -2.32 16.56 1.42
N LYS A 12 -3.41 17.24 1.75
CA LYS A 12 -3.58 18.64 1.41
C LYS A 12 -3.56 19.50 2.67
N GLY A 13 -3.44 20.81 2.49
CA GLY A 13 -3.49 21.72 3.62
C GLY A 13 -2.11 22.05 4.15
N LYS A 14 -1.14 21.21 3.85
CA LYS A 14 0.22 21.41 4.30
C LYS A 14 1.18 20.58 3.47
N ASN A 15 2.47 20.86 3.58
CA ASN A 15 3.48 20.12 2.83
C ASN A 15 4.09 19.04 3.71
N LYS A 16 3.77 19.08 5.00
CA LYS A 16 4.22 18.04 5.92
C LYS A 16 3.46 16.75 5.67
N LEU A 17 4.19 15.69 5.36
CA LEU A 17 3.60 14.40 5.10
C LEU A 17 3.35 13.66 6.41
N VAL A 18 2.14 13.14 6.57
CA VAL A 18 1.74 12.50 7.82
C VAL A 18 2.39 11.13 7.96
N PRO A 19 3.16 10.92 9.04
CA PRO A 19 3.75 9.62 9.34
C PRO A 19 2.67 8.56 9.59
N ARG A 20 2.68 7.53 8.78
CA ARG A 20 1.67 6.49 8.87
C ARG A 20 2.33 5.12 9.05
N LEU A 21 1.76 4.32 9.93
CA LEU A 21 2.22 2.95 10.10
C LEU A 21 1.41 2.03 9.20
N LEU A 22 1.98 1.70 8.05
CA LEU A 22 1.31 0.83 7.10
C LEU A 22 1.45 -0.62 7.55
N GLY A 23 0.38 -1.16 8.12
CA GLY A 23 0.40 -2.50 8.65
C GLY A 23 -0.10 -3.52 7.65
N ILE A 24 0.82 -4.31 7.11
CA ILE A 24 0.47 -5.35 6.17
C ILE A 24 0.31 -6.68 6.87
N THR A 25 -0.88 -7.23 6.85
CA THR A 25 -1.13 -8.52 7.45
C THR A 25 -1.30 -9.58 6.37
N LYS A 26 -1.62 -10.80 6.76
CA LYS A 26 -1.83 -11.89 5.83
C LYS A 26 -3.22 -11.82 5.18
N GLU A 27 -3.96 -10.77 5.49
CA GLU A 27 -5.35 -10.69 5.08
C GLU A 27 -5.76 -9.28 4.64
N CYS A 28 -5.15 -8.26 5.24
CA CYS A 28 -5.56 -6.90 4.97
C CYS A 28 -4.41 -5.90 5.09
N VAL A 29 -4.61 -4.74 4.50
CA VAL A 29 -3.69 -3.62 4.62
C VAL A 29 -4.33 -2.54 5.48
N MET A 30 -3.78 -2.32 6.66
CA MET A 30 -4.37 -1.37 7.59
C MET A 30 -3.50 -0.13 7.75
N ARG A 31 -4.15 1.03 7.79
CA ARG A 31 -3.45 2.28 8.05
C ARG A 31 -3.51 2.62 9.53
N VAL A 32 -2.45 2.32 10.25
CA VAL A 32 -2.37 2.60 11.67
C VAL A 32 -1.77 3.99 11.89
N ASP A 33 -2.44 4.79 12.71
CA ASP A 33 -1.95 6.13 13.01
C ASP A 33 -0.69 6.04 13.87
N GLU A 34 0.31 6.83 13.51
CA GLU A 34 1.59 6.80 14.20
C GLU A 34 1.46 7.29 15.64
N LYS A 35 0.67 8.33 15.83
CA LYS A 35 0.56 8.98 17.12
C LYS A 35 -0.48 8.31 18.00
N THR A 36 -1.65 8.06 17.44
CA THR A 36 -2.77 7.50 18.17
C THR A 36 -2.69 5.97 18.23
N LYS A 37 -1.96 5.39 17.29
CA LYS A 37 -1.79 3.94 17.19
C LYS A 37 -3.12 3.22 16.91
N GLU A 38 -4.08 3.97 16.38
CA GLU A 38 -5.38 3.41 16.03
C GLU A 38 -5.44 3.10 14.54
N VAL A 39 -6.24 2.11 14.17
CA VAL A 39 -6.42 1.74 12.78
C VAL A 39 -7.45 2.65 12.12
N ILE A 40 -6.97 3.52 11.24
CA ILE A 40 -7.84 4.48 10.57
C ILE A 40 -8.70 3.81 9.51
N GLN A 41 -8.04 3.10 8.60
CA GLN A 41 -8.74 2.45 7.49
C GLN A 41 -8.05 1.14 7.15
N GLU A 42 -8.84 0.15 6.76
CA GLU A 42 -8.33 -1.19 6.49
C GLU A 42 -8.86 -1.70 5.16
N TRP A 43 -7.96 -2.18 4.31
CA TRP A 43 -8.33 -2.70 3.00
C TRP A 43 -8.04 -4.18 2.90
N SER A 44 -8.97 -4.93 2.32
CA SER A 44 -8.75 -6.34 2.06
C SER A 44 -7.83 -6.51 0.87
N LEU A 45 -6.98 -7.54 0.90
CA LEU A 45 -6.07 -7.82 -0.21
C LEU A 45 -6.86 -8.12 -1.48
N THR A 46 -8.08 -8.62 -1.30
CA THR A 46 -8.94 -8.97 -2.40
C THR A 46 -9.53 -7.72 -3.07
N ASN A 47 -9.29 -6.55 -2.47
CA ASN A 47 -9.81 -5.30 -3.01
C ASN A 47 -8.68 -4.48 -3.61
N ILE A 48 -7.51 -5.08 -3.71
CA ILE A 48 -6.35 -4.43 -4.30
C ILE A 48 -6.29 -4.74 -5.80
N LYS A 49 -6.09 -3.72 -6.61
CA LYS A 49 -6.01 -3.91 -8.05
C LYS A 49 -4.55 -3.94 -8.50
N ARG A 50 -3.89 -2.80 -8.43
CA ARG A 50 -2.50 -2.67 -8.83
C ARG A 50 -1.74 -1.83 -7.82
N TRP A 51 -0.44 -2.04 -7.72
CA TRP A 51 0.40 -1.21 -6.88
C TRP A 51 1.66 -0.80 -7.63
N ALA A 52 2.12 0.42 -7.35
CA ALA A 52 3.28 0.96 -8.00
C ALA A 52 4.43 1.09 -7.00
N ALA A 53 5.51 0.37 -7.29
CA ALA A 53 6.68 0.39 -6.44
C ALA A 53 7.70 1.40 -6.96
N SER A 54 8.02 2.38 -6.14
CA SER A 54 9.01 3.38 -6.48
C SER A 54 9.83 3.74 -5.25
N PRO A 55 11.13 4.03 -5.43
CA PRO A 55 12.06 4.29 -4.33
C PRO A 55 11.75 5.57 -3.55
N LYS A 56 10.92 6.43 -4.12
CA LYS A 56 10.57 7.68 -3.46
C LYS A 56 9.18 7.61 -2.84
N SER A 57 8.27 6.91 -3.50
CA SER A 57 6.90 6.81 -3.03
C SER A 57 6.24 5.53 -3.52
N PHE A 58 5.40 4.94 -2.70
CA PHE A 58 4.65 3.75 -3.06
C PHE A 58 3.19 4.12 -3.28
N THR A 59 2.57 3.52 -4.29
CA THR A 59 1.19 3.86 -4.63
C THR A 59 0.32 2.61 -4.73
N LEU A 60 -0.75 2.59 -3.93
CA LEU A 60 -1.73 1.52 -4.01
C LEU A 60 -2.94 1.98 -4.80
N ASP A 61 -3.45 1.11 -5.65
CA ASP A 61 -4.66 1.38 -6.40
C ASP A 61 -5.71 0.31 -6.12
N PHE A 62 -6.93 0.76 -5.89
CA PHE A 62 -8.03 -0.14 -5.57
C PHE A 62 -9.13 -0.01 -6.63
N GLY A 63 -8.85 0.79 -7.65
CA GLY A 63 -9.80 0.98 -8.73
C GLY A 63 -11.14 1.48 -8.25
N ASP A 64 -12.19 0.76 -8.62
CA ASP A 64 -13.55 1.11 -8.23
C ASP A 64 -13.83 0.71 -6.79
N TYR A 65 -13.13 1.36 -5.87
CA TYR A 65 -13.29 1.08 -4.45
C TYR A 65 -13.28 2.37 -3.64
N GLN A 66 -12.32 3.22 -3.92
CA GLN A 66 -12.24 4.52 -3.24
C GLN A 66 -11.94 5.62 -4.25
N ASP A 67 -11.87 6.85 -3.77
CA ASP A 67 -11.63 8.00 -4.63
C ASP A 67 -10.15 8.33 -4.69
N GLY A 68 -9.56 8.16 -5.85
CA GLY A 68 -8.16 8.43 -6.01
C GLY A 68 -7.31 7.20 -5.73
N TYR A 69 -6.03 7.41 -5.49
CA TYR A 69 -5.12 6.33 -5.19
C TYR A 69 -4.56 6.49 -3.79
N TYR A 70 -3.60 5.66 -3.44
CA TYR A 70 -2.94 5.74 -2.15
C TYR A 70 -1.45 5.96 -2.34
N SER A 71 -1.04 7.21 -2.38
CA SER A 71 0.36 7.55 -2.58
C SER A 71 1.02 7.95 -1.26
N VAL A 72 2.02 7.20 -0.86
CA VAL A 72 2.77 7.51 0.35
C VAL A 72 4.26 7.57 0.07
N GLN A 73 4.93 8.57 0.62
CA GLN A 73 6.36 8.72 0.43
C GLN A 73 7.11 7.79 1.37
N THR A 74 7.96 6.96 0.77
CA THR A 74 8.72 5.98 1.52
C THR A 74 9.90 5.52 0.67
N THR A 75 11.00 5.17 1.32
CA THR A 75 12.18 4.72 0.62
C THR A 75 12.18 3.19 0.50
N GLU A 76 11.14 2.56 0.99
CA GLU A 76 11.08 1.10 1.04
C GLU A 76 9.87 0.58 0.27
N GLY A 77 9.53 1.27 -0.82
CA GLY A 77 8.39 0.87 -1.63
C GLY A 77 8.60 -0.47 -2.31
N GLU A 78 9.85 -0.80 -2.61
CA GLU A 78 10.19 -2.05 -3.26
C GLU A 78 9.82 -3.24 -2.38
N GLN A 79 10.11 -3.12 -1.08
CA GLN A 79 9.79 -4.17 -0.12
C GLN A 79 8.29 -4.38 -0.02
N ILE A 80 7.54 -3.29 0.04
CA ILE A 80 6.08 -3.34 0.18
C ILE A 80 5.47 -4.14 -0.97
N ALA A 81 5.89 -3.83 -2.18
CA ALA A 81 5.36 -4.47 -3.37
C ALA A 81 5.60 -5.98 -3.36
N GLN A 82 6.82 -6.36 -3.00
CA GLN A 82 7.21 -7.77 -2.98
C GLN A 82 6.39 -8.54 -1.95
N LEU A 83 6.30 -7.99 -0.75
CA LEU A 83 5.60 -8.65 0.34
C LEU A 83 4.10 -8.84 0.04
N ILE A 84 3.45 -7.81 -0.49
CA ILE A 84 2.01 -7.93 -0.78
C ILE A 84 1.76 -9.09 -1.73
N ALA A 85 2.58 -9.17 -2.77
CA ALA A 85 2.48 -10.27 -3.73
C ALA A 85 2.83 -11.60 -3.07
N GLY A 86 3.64 -11.54 -2.01
CA GLY A 86 4.02 -12.73 -1.28
C GLY A 86 2.86 -13.35 -0.52
N TYR A 87 2.13 -12.52 0.24
CA TYR A 87 0.95 -13.00 0.95
C TYR A 87 -0.12 -13.43 -0.05
N ILE A 88 -0.25 -12.65 -1.12
CA ILE A 88 -1.19 -12.96 -2.20
C ILE A 88 -0.84 -14.29 -2.86
N ASP A 89 0.46 -14.57 -2.96
CA ASP A 89 0.94 -15.84 -3.52
C ASP A 89 0.44 -17.02 -2.70
N ILE A 90 0.24 -16.81 -1.41
CA ILE A 90 -0.26 -17.85 -0.52
C ILE A 90 -1.75 -18.08 -0.75
N ILE A 91 -2.47 -16.99 -0.96
CA ILE A 91 -3.92 -17.04 -1.16
C ILE A 91 -4.25 -17.67 -2.52
N LEU A 92 -3.31 -17.55 -3.45
CA LEU A 92 -3.50 -18.09 -4.79
C LEU A 92 -3.10 -19.57 -4.83
N GLY B 1 -1.05 -14.17 -13.63
CA GLY B 1 -0.47 -12.90 -14.12
C GLY B 1 -1.01 -12.53 -15.49
N ARG B 2 -1.34 -11.26 -15.67
CA ARG B 2 -1.87 -10.80 -16.95
C ARG B 2 -0.75 -10.44 -17.91
N SER B 3 -0.13 -9.29 -17.70
CA SER B 3 0.91 -8.80 -18.60
C SER B 3 1.56 -7.54 -18.05
N LYS B 4 1.66 -7.47 -16.74
CA LYS B 4 2.20 -6.29 -16.07
C LYS B 4 2.87 -6.70 -14.77
N GLU B 5 4.20 -6.64 -14.75
CA GLU B 5 4.97 -7.15 -13.65
C GLU B 5 5.66 -6.04 -12.86
N SER B 6 6.87 -5.68 -13.26
CA SER B 6 7.65 -4.70 -12.52
C SER B 6 7.15 -3.27 -12.74
N GLY B 7 7.22 -2.47 -11.69
CA GLY B 7 6.75 -1.09 -11.74
C GLY B 7 5.28 -0.98 -11.40
N TRP B 8 4.44 -1.44 -12.31
CA TRP B 8 3.00 -1.48 -12.07
C TRP B 8 2.56 -2.91 -11.94
N VAL B 9 2.29 -3.30 -10.71
CA VAL B 9 2.02 -4.70 -10.40
C VAL B 9 0.53 -4.91 -10.20
N GLU B 10 -0.11 -5.53 -11.18
CA GLU B 10 -1.52 -5.86 -11.08
C GLU B 10 -1.67 -7.32 -10.73
N ASN B 11 -2.59 -7.60 -9.81
CA ASN B 11 -2.67 -8.92 -9.20
C ASN B 11 -3.95 -9.64 -9.66
N GLU B 12 -4.15 -10.86 -9.18
CA GLU B 12 -5.19 -11.72 -9.72
C GLU B 12 -6.33 -11.99 -8.74
N ILE B 13 -6.38 -11.26 -7.65
CA ILE B 13 -7.47 -11.43 -6.69
C ILE B 13 -8.29 -10.16 -6.52
N TYR B 14 -8.26 -9.29 -7.51
CA TYR B 14 -9.13 -8.12 -7.48
C TYR B 14 -10.53 -8.52 -7.92
N TYR B 15 -11.44 -8.63 -6.96
CA TYR B 15 -12.79 -9.04 -7.23
C TYR B 15 -13.62 -7.88 -7.76
N GLY A 1 -0.08 -8.43 12.42
CA GLY A 1 0.78 -7.22 12.51
C GLY A 1 2.23 -7.55 12.17
N VAL A 2 3.13 -7.19 13.09
CA VAL A 2 4.57 -7.45 12.93
C VAL A 2 5.18 -6.53 11.88
N SER A 3 4.83 -6.75 10.61
CA SER A 3 5.39 -5.97 9.52
C SER A 3 4.69 -4.62 9.38
N PHE A 4 5.35 -3.57 9.85
CA PHE A 4 4.84 -2.22 9.75
C PHE A 4 5.87 -1.32 9.08
N PHE A 5 5.42 -0.59 8.06
CA PHE A 5 6.29 0.33 7.35
C PHE A 5 5.93 1.77 7.71
N LEU A 6 6.93 2.56 8.08
CA LEU A 6 6.71 3.96 8.39
C LEU A 6 6.64 4.77 7.10
N VAL A 7 5.43 5.11 6.69
CA VAL A 7 5.22 5.86 5.47
C VAL A 7 4.81 7.29 5.79
N LYS A 8 4.80 8.13 4.78
CA LYS A 8 4.40 9.53 4.94
C LYS A 8 3.33 9.90 3.93
N GLU A 9 2.14 10.19 4.43
CA GLU A 9 0.99 10.50 3.57
C GLU A 9 0.91 11.99 3.28
N LYS A 10 0.83 12.34 2.01
CA LYS A 10 0.67 13.73 1.63
C LYS A 10 -0.82 14.06 1.55
N MET A 11 -1.37 14.50 2.68
CA MET A 11 -2.79 14.85 2.73
C MET A 11 -2.95 16.37 2.73
N LYS A 12 -4.19 16.82 2.66
CA LYS A 12 -4.49 18.25 2.68
C LYS A 12 -4.15 18.86 4.04
N GLY A 13 -4.13 20.18 4.10
CA GLY A 13 -3.90 20.86 5.34
C GLY A 13 -2.52 21.49 5.42
N LYS A 14 -1.52 20.76 4.96
CA LYS A 14 -0.14 21.22 5.02
C LYS A 14 0.70 20.50 3.98
N ASN A 15 1.90 21.02 3.72
CA ASN A 15 2.80 20.41 2.74
C ASN A 15 3.60 19.28 3.36
N LYS A 16 3.50 19.14 4.67
CA LYS A 16 4.16 18.05 5.39
C LYS A 16 3.44 16.74 5.13
N LEU A 17 4.21 15.67 5.02
CA LEU A 17 3.65 14.34 4.84
C LEU A 17 3.51 13.64 6.18
N VAL A 18 2.28 13.33 6.53
CA VAL A 18 1.97 12.76 7.84
C VAL A 18 2.51 11.34 7.96
N PRO A 19 3.32 11.08 9.01
CA PRO A 19 3.86 9.75 9.28
C PRO A 19 2.76 8.77 9.65
N ARG A 20 2.75 7.62 9.00
CA ARG A 20 1.76 6.60 9.26
C ARG A 20 2.42 5.22 9.27
N LEU A 21 1.82 4.28 9.97
CA LEU A 21 2.32 2.92 10.00
C LEU A 21 1.52 2.05 9.06
N LEU A 22 2.11 1.67 7.94
CA LEU A 22 1.45 0.84 6.97
C LEU A 22 1.64 -0.63 7.37
N GLY A 23 0.61 -1.21 7.95
CA GLY A 23 0.68 -2.57 8.41
C GLY A 23 0.24 -3.56 7.36
N ILE A 24 1.19 -4.34 6.86
CA ILE A 24 0.90 -5.34 5.86
C ILE A 24 0.72 -6.69 6.54
N THR A 25 -0.49 -7.22 6.50
CA THR A 25 -0.76 -8.53 7.09
C THR A 25 -1.00 -9.55 6.00
N LYS A 26 -1.39 -10.77 6.39
CA LYS A 26 -1.53 -11.86 5.42
C LYS A 26 -2.75 -11.67 4.53
N GLU A 27 -3.73 -10.92 5.01
CA GLU A 27 -4.99 -10.81 4.31
C GLU A 27 -5.37 -9.36 3.99
N CYS A 28 -4.69 -8.39 4.58
CA CYS A 28 -5.07 -7.01 4.37
C CYS A 28 -3.91 -6.03 4.61
N VAL A 29 -4.14 -4.78 4.22
CA VAL A 29 -3.21 -3.69 4.45
C VAL A 29 -3.91 -2.61 5.27
N MET A 30 -3.48 -2.42 6.50
CA MET A 30 -4.16 -1.49 7.40
C MET A 30 -3.31 -0.24 7.65
N ARG A 31 -3.97 0.90 7.66
CA ARG A 31 -3.30 2.15 7.99
C ARG A 31 -3.40 2.44 9.48
N VAL A 32 -2.33 2.16 10.20
CA VAL A 32 -2.27 2.43 11.62
C VAL A 32 -1.56 3.76 11.85
N ASP A 33 -2.12 4.61 12.69
CA ASP A 33 -1.51 5.91 12.95
C ASP A 33 -0.16 5.74 13.64
N GLU A 34 0.77 6.60 13.28
CA GLU A 34 2.14 6.55 13.78
C GLU A 34 2.18 6.61 15.31
N LYS A 35 1.50 7.60 15.88
CA LYS A 35 1.60 7.86 17.30
C LYS A 35 0.41 7.29 18.06
N THR A 36 -0.79 7.50 17.54
CA THR A 36 -2.00 7.08 18.23
C THR A 36 -2.18 5.56 18.14
N LYS A 37 -1.50 4.95 17.14
CA LYS A 37 -1.53 3.50 16.94
C LYS A 37 -2.95 3.01 16.63
N GLU A 38 -3.79 3.91 16.12
CA GLU A 38 -5.16 3.56 15.76
C GLU A 38 -5.26 3.14 14.31
N VAL A 39 -6.10 2.16 14.04
CA VAL A 39 -6.33 1.69 12.68
C VAL A 39 -7.38 2.56 11.99
N ILE A 40 -6.93 3.40 11.09
CA ILE A 40 -7.82 4.34 10.41
C ILE A 40 -8.63 3.65 9.32
N GLN A 41 -7.94 2.92 8.45
CA GLN A 41 -8.58 2.25 7.34
C GLN A 41 -7.83 0.98 6.98
N GLU A 42 -8.57 -0.07 6.68
CA GLU A 42 -7.98 -1.35 6.30
C GLU A 42 -8.42 -1.73 4.89
N TRP A 43 -7.46 -2.09 4.05
CA TRP A 43 -7.77 -2.60 2.72
C TRP A 43 -7.48 -4.09 2.66
N SER A 44 -8.48 -4.87 2.34
CA SER A 44 -8.27 -6.30 2.15
C SER A 44 -7.55 -6.53 0.83
N LEU A 45 -6.67 -7.53 0.79
CA LEU A 45 -5.88 -7.81 -0.41
C LEU A 45 -6.77 -8.17 -1.59
N THR A 46 -7.99 -8.58 -1.29
CA THR A 46 -8.97 -8.94 -2.30
C THR A 46 -9.60 -7.69 -2.93
N ASN A 47 -9.34 -6.54 -2.33
CA ASN A 47 -9.95 -5.29 -2.78
C ASN A 47 -8.92 -4.43 -3.50
N ILE A 48 -7.74 -5.01 -3.73
CA ILE A 48 -6.67 -4.30 -4.41
C ILE A 48 -6.76 -4.55 -5.91
N LYS A 49 -6.44 -3.54 -6.70
CA LYS A 49 -6.49 -3.66 -8.15
C LYS A 49 -5.07 -3.74 -8.73
N ARG A 50 -4.24 -2.78 -8.34
CA ARG A 50 -2.87 -2.71 -8.84
C ARG A 50 -2.05 -1.79 -7.94
N TRP A 51 -0.75 -2.04 -7.85
CA TRP A 51 0.11 -1.18 -7.05
C TRP A 51 1.35 -0.79 -7.82
N ALA A 52 1.96 0.32 -7.42
CA ALA A 52 3.17 0.82 -8.03
C ALA A 52 4.28 0.92 -7.00
N ALA A 53 5.27 0.05 -7.14
CA ALA A 53 6.39 0.00 -6.21
C ALA A 53 7.51 0.91 -6.65
N SER A 54 7.75 1.97 -5.89
CA SER A 54 8.85 2.87 -6.15
C SER A 54 9.63 3.11 -4.87
N PRO A 55 10.96 3.29 -4.97
CA PRO A 55 11.83 3.46 -3.80
C PRO A 55 11.70 4.84 -3.15
N LYS A 56 10.74 5.62 -3.61
CA LYS A 56 10.52 6.96 -3.07
C LYS A 56 9.06 7.16 -2.69
N SER A 57 8.19 6.32 -3.21
CA SER A 57 6.78 6.40 -2.93
C SER A 57 6.08 5.12 -3.37
N PHE A 58 5.12 4.66 -2.58
CA PHE A 58 4.35 3.49 -2.92
C PHE A 58 2.93 3.92 -3.29
N THR A 59 2.51 3.53 -4.48
CA THR A 59 1.20 3.93 -4.98
C THR A 59 0.25 2.73 -5.05
N LEU A 60 -0.89 2.85 -4.40
CA LEU A 60 -1.91 1.81 -4.44
C LEU A 60 -3.12 2.27 -5.26
N ASP A 61 -3.70 1.33 -6.00
CA ASP A 61 -4.94 1.59 -6.73
C ASP A 61 -5.96 0.51 -6.39
N PHE A 62 -7.14 0.93 -5.99
CA PHE A 62 -8.18 0.00 -5.56
C PHE A 62 -9.37 0.04 -6.52
N GLY A 63 -9.24 0.82 -7.58
CA GLY A 63 -10.26 0.86 -8.62
C GLY A 63 -11.64 1.26 -8.13
N ASP A 64 -12.49 0.26 -7.92
CA ASP A 64 -13.89 0.50 -7.56
C ASP A 64 -14.08 0.52 -6.04
N TYR A 65 -12.98 0.45 -5.31
CA TYR A 65 -13.07 0.44 -3.85
C TYR A 65 -13.10 1.88 -3.31
N GLN A 66 -12.32 2.76 -3.92
CA GLN A 66 -12.33 4.16 -3.55
C GLN A 66 -11.74 5.01 -4.67
N ASP A 67 -12.12 6.27 -4.71
CA ASP A 67 -11.67 7.18 -5.76
C ASP A 67 -10.28 7.74 -5.45
N GLY A 68 -9.43 7.75 -6.47
CA GLY A 68 -8.10 8.29 -6.31
C GLY A 68 -7.10 7.21 -5.92
N TYR A 69 -5.84 7.45 -6.25
CA TYR A 69 -4.80 6.50 -5.89
C TYR A 69 -4.31 6.76 -4.47
N TYR A 70 -3.42 5.93 -3.99
CA TYR A 70 -2.85 6.11 -2.67
C TYR A 70 -1.33 6.06 -2.75
N SER A 71 -0.70 7.21 -2.82
CA SER A 71 0.74 7.29 -2.93
C SER A 71 1.34 7.91 -1.67
N VAL A 72 2.16 7.15 -0.97
CA VAL A 72 2.81 7.63 0.24
C VAL A 72 4.32 7.61 0.07
N GLN A 73 4.99 8.52 0.73
CA GLN A 73 6.45 8.58 0.69
C GLN A 73 7.04 7.44 1.52
N THR A 74 7.86 6.63 0.89
CA THR A 74 8.48 5.50 1.56
C THR A 74 9.66 5.00 0.76
N THR A 75 10.76 4.75 1.43
CA THR A 75 11.94 4.18 0.81
C THR A 75 11.86 2.66 0.83
N GLU A 76 10.77 2.15 1.38
CA GLU A 76 10.56 0.71 1.51
C GLU A 76 9.41 0.27 0.60
N GLY A 77 9.10 1.10 -0.39
CA GLY A 77 8.00 0.83 -1.30
C GLY A 77 8.12 -0.52 -1.99
N GLU A 78 9.34 -0.88 -2.38
CA GLU A 78 9.59 -2.16 -3.01
C GLU A 78 9.26 -3.30 -2.07
N GLN A 79 9.65 -3.13 -0.80
CA GLN A 79 9.43 -4.15 0.22
C GLN A 79 7.95 -4.34 0.48
N ILE A 80 7.22 -3.22 0.51
CA ILE A 80 5.79 -3.25 0.73
C ILE A 80 5.09 -4.05 -0.35
N ALA A 81 5.36 -3.70 -1.61
CA ALA A 81 4.77 -4.39 -2.75
C ALA A 81 5.12 -5.86 -2.75
N GLN A 82 6.38 -6.16 -2.44
CA GLN A 82 6.87 -7.53 -2.46
C GLN A 82 6.27 -8.32 -1.31
N LEU A 83 5.87 -7.62 -0.25
CA LEU A 83 5.25 -8.27 0.90
C LEU A 83 3.78 -8.56 0.61
N ILE A 84 3.11 -7.61 -0.02
CA ILE A 84 1.71 -7.79 -0.43
C ILE A 84 1.61 -8.97 -1.40
N ALA A 85 2.44 -8.94 -2.44
CA ALA A 85 2.47 -10.02 -3.42
C ALA A 85 2.91 -11.33 -2.76
N GLY A 86 3.72 -11.23 -1.73
CA GLY A 86 4.18 -12.40 -1.01
C GLY A 86 3.06 -13.15 -0.34
N TYR A 87 2.23 -12.43 0.41
CA TYR A 87 1.09 -13.04 1.09
C TYR A 87 0.03 -13.46 0.09
N ILE A 88 -0.20 -12.63 -0.90
CA ILE A 88 -1.14 -12.93 -1.98
C ILE A 88 -0.77 -14.25 -2.67
N ASP A 89 0.53 -14.45 -2.85
CA ASP A 89 1.05 -15.68 -3.46
C ASP A 89 0.68 -16.92 -2.64
N ILE A 90 0.39 -16.70 -1.37
CA ILE A 90 0.01 -17.77 -0.46
C ILE A 90 -1.50 -17.99 -0.47
N ILE A 91 -2.24 -16.92 -0.71
CA ILE A 91 -3.69 -16.97 -0.61
C ILE A 91 -4.32 -17.77 -1.74
N LEU A 92 -4.07 -17.38 -2.99
CA LEU A 92 -4.77 -18.00 -4.11
C LEU A 92 -3.81 -18.78 -5.01
N GLY B 1 0.54 -3.96 -26.24
CA GLY B 1 1.99 -4.20 -26.26
C GLY B 1 2.52 -4.61 -24.90
N ARG B 2 3.41 -5.59 -24.88
CA ARG B 2 4.04 -6.05 -23.64
C ARG B 2 5.56 -5.96 -23.80
N SER B 3 6.27 -6.76 -23.00
CA SER B 3 7.76 -6.83 -23.07
C SER B 3 8.39 -5.48 -22.73
N LYS B 4 7.71 -4.75 -21.87
CA LYS B 4 8.19 -3.48 -21.35
C LYS B 4 7.29 -3.01 -20.21
N GLU B 5 7.48 -3.61 -19.06
CA GLU B 5 6.64 -3.36 -17.91
C GLU B 5 7.47 -3.08 -16.67
N SER B 6 6.92 -2.29 -15.77
CA SER B 6 7.63 -1.89 -14.55
C SER B 6 6.71 -1.03 -13.69
N GLY B 7 6.91 -1.10 -12.38
CA GLY B 7 6.15 -0.27 -11.46
C GLY B 7 4.80 -0.85 -11.11
N TRP B 8 3.95 -1.02 -12.12
CA TRP B 8 2.58 -1.46 -11.92
C TRP B 8 2.47 -2.96 -11.87
N VAL B 9 2.04 -3.47 -10.72
CA VAL B 9 1.85 -4.89 -10.52
C VAL B 9 0.41 -5.15 -10.13
N GLU B 10 -0.31 -5.92 -10.95
CA GLU B 10 -1.69 -6.24 -10.67
C GLU B 10 -1.82 -7.58 -9.96
N ASN B 11 -2.78 -7.65 -9.06
CA ASN B 11 -3.04 -8.87 -8.31
C ASN B 11 -4.18 -9.65 -8.93
N GLU B 12 -4.20 -10.95 -8.69
CA GLU B 12 -5.17 -11.83 -9.33
C GLU B 12 -6.36 -12.12 -8.43
N ILE B 13 -6.49 -11.36 -7.37
CA ILE B 13 -7.65 -11.45 -6.50
C ILE B 13 -8.36 -10.11 -6.37
N TYR B 14 -8.81 -9.57 -7.48
CA TYR B 14 -9.61 -8.37 -7.45
C TYR B 14 -11.07 -8.73 -7.67
N TYR B 15 -11.85 -8.65 -6.60
CA TYR B 15 -13.23 -9.04 -6.62
C TYR B 15 -14.11 -7.96 -7.26
N GLY A 1 -1.34 -6.93 13.90
CA GLY A 1 -0.52 -6.96 12.67
C GLY A 1 0.93 -7.32 12.96
N VAL A 2 1.63 -7.83 11.95
CA VAL A 2 3.02 -8.21 12.11
C VAL A 2 3.96 -7.19 11.48
N SER A 3 3.80 -6.99 10.17
CA SER A 3 4.69 -6.11 9.42
C SER A 3 4.15 -4.69 9.37
N PHE A 4 4.91 -3.74 9.91
CA PHE A 4 4.53 -2.34 9.89
C PHE A 4 5.60 -1.49 9.21
N PHE A 5 5.19 -0.73 8.22
CA PHE A 5 6.09 0.19 7.54
C PHE A 5 5.73 1.63 7.87
N LEU A 6 6.74 2.42 8.21
CA LEU A 6 6.53 3.82 8.53
C LEU A 6 6.60 4.65 7.25
N VAL A 7 5.45 4.85 6.63
CA VAL A 7 5.38 5.57 5.37
C VAL A 7 4.92 7.00 5.59
N LYS A 8 5.07 7.84 4.57
CA LYS A 8 4.62 9.22 4.65
C LYS A 8 3.49 9.46 3.67
N GLU A 9 2.29 9.69 4.18
CA GLU A 9 1.13 9.90 3.34
C GLU A 9 1.10 11.33 2.79
N LYS A 10 1.06 11.45 1.47
CA LYS A 10 0.95 12.73 0.83
C LYS A 10 -0.47 12.94 0.33
N MET A 11 -1.15 13.93 0.88
CA MET A 11 -2.53 14.23 0.48
C MET A 11 -2.71 15.73 0.29
N LYS A 12 -3.95 16.14 0.07
CA LYS A 12 -4.29 17.54 -0.10
C LYS A 12 -4.29 18.27 1.23
N GLY A 13 -4.32 19.58 1.18
CA GLY A 13 -4.38 20.37 2.40
C GLY A 13 -3.05 20.99 2.75
N LYS A 14 -2.02 20.16 2.81
CA LYS A 14 -0.69 20.63 3.16
C LYS A 14 0.36 19.85 2.38
N ASN A 15 1.61 20.32 2.43
CA ASN A 15 2.70 19.64 1.74
C ASN A 15 3.45 18.73 2.71
N LYS A 16 3.06 18.77 3.97
CA LYS A 16 3.68 17.93 4.98
C LYS A 16 3.08 16.53 4.93
N LEU A 17 3.94 15.53 4.81
CA LEU A 17 3.47 14.15 4.73
C LEU A 17 3.34 13.56 6.11
N VAL A 18 2.23 12.88 6.34
CA VAL A 18 1.93 12.32 7.66
C VAL A 18 2.50 10.91 7.80
N PRO A 19 3.25 10.66 8.89
CA PRO A 19 3.79 9.34 9.19
C PRO A 19 2.68 8.33 9.48
N ARG A 20 2.59 7.30 8.68
CA ARG A 20 1.55 6.29 8.84
C ARG A 20 2.17 4.92 9.02
N LEU A 21 1.62 4.14 9.94
CA LEU A 21 2.06 2.77 10.14
C LEU A 21 1.28 1.85 9.21
N LEU A 22 1.89 1.49 8.09
CA LEU A 22 1.25 0.62 7.12
C LEU A 22 1.40 -0.83 7.55
N GLY A 23 0.30 -1.40 8.04
CA GLY A 23 0.33 -2.77 8.50
C GLY A 23 -0.10 -3.73 7.41
N ILE A 24 0.85 -4.50 6.91
CA ILE A 24 0.59 -5.47 5.86
C ILE A 24 0.46 -6.87 6.45
N THR A 25 -0.72 -7.46 6.31
CA THR A 25 -0.94 -8.81 6.81
C THR A 25 -1.24 -9.76 5.66
N LYS A 26 -1.48 -11.01 5.99
CA LYS A 26 -1.73 -12.05 5.00
C LYS A 26 -3.11 -11.91 4.36
N GLU A 27 -3.80 -10.82 4.64
CA GLU A 27 -5.16 -10.65 4.18
C GLU A 27 -5.58 -9.18 4.07
N CYS A 28 -5.02 -8.33 4.91
CA CYS A 28 -5.46 -6.94 4.96
C CYS A 28 -4.31 -5.94 4.89
N VAL A 29 -4.68 -4.69 4.61
CA VAL A 29 -3.74 -3.57 4.59
C VAL A 29 -4.30 -2.44 5.45
N MET A 30 -3.76 -2.28 6.64
CA MET A 30 -4.33 -1.33 7.60
C MET A 30 -3.46 -0.10 7.76
N ARG A 31 -4.11 1.06 7.88
CA ARG A 31 -3.41 2.30 8.15
C ARG A 31 -3.48 2.65 9.62
N VAL A 32 -2.41 2.38 10.34
CA VAL A 32 -2.35 2.65 11.76
C VAL A 32 -1.76 4.04 12.01
N ASP A 33 -2.41 4.82 12.87
CA ASP A 33 -1.91 6.14 13.22
C ASP A 33 -0.63 5.99 14.03
N GLU A 34 0.42 6.69 13.61
CA GLU A 34 1.74 6.54 14.23
C GLU A 34 1.72 7.02 15.68
N LYS A 35 0.94 8.06 15.94
CA LYS A 35 0.86 8.64 17.28
C LYS A 35 -0.13 7.89 18.16
N THR A 36 -1.36 7.74 17.67
CA THR A 36 -2.45 7.20 18.48
C THR A 36 -2.48 5.67 18.47
N LYS A 37 -1.83 5.07 17.46
CA LYS A 37 -1.76 3.61 17.32
C LYS A 37 -3.12 3.00 16.97
N GLU A 38 -4.05 3.84 16.53
CA GLU A 38 -5.37 3.38 16.13
C GLU A 38 -5.40 3.14 14.62
N VAL A 39 -6.08 2.07 14.20
CA VAL A 39 -6.22 1.78 12.79
C VAL A 39 -7.34 2.63 12.19
N ILE A 40 -6.95 3.63 11.42
CA ILE A 40 -7.88 4.61 10.87
C ILE A 40 -8.71 3.99 9.75
N GLN A 41 -8.04 3.25 8.86
CA GLN A 41 -8.70 2.68 7.70
C GLN A 41 -8.02 1.37 7.33
N GLU A 42 -8.82 0.39 6.94
CA GLU A 42 -8.30 -0.94 6.64
C GLU A 42 -8.81 -1.44 5.29
N TRP A 43 -7.87 -1.84 4.43
CA TRP A 43 -8.22 -2.44 3.16
C TRP A 43 -7.93 -3.93 3.20
N SER A 44 -8.26 -4.62 2.12
CA SER A 44 -8.00 -6.05 2.02
C SER A 44 -7.19 -6.32 0.76
N LEU A 45 -6.38 -7.38 0.78
CA LEU A 45 -5.56 -7.74 -0.38
C LEU A 45 -6.44 -8.07 -1.58
N THR A 46 -7.64 -8.56 -1.29
CA THR A 46 -8.60 -8.92 -2.32
C THR A 46 -9.19 -7.68 -2.99
N ASN A 47 -9.02 -6.53 -2.36
CA ASN A 47 -9.61 -5.28 -2.84
C ASN A 47 -8.58 -4.43 -3.56
N ILE A 48 -7.38 -4.97 -3.73
CA ILE A 48 -6.31 -4.26 -4.40
C ILE A 48 -6.37 -4.51 -5.90
N LYS A 49 -6.34 -3.45 -6.69
CA LYS A 49 -6.35 -3.58 -8.13
C LYS A 49 -4.93 -3.79 -8.64
N ARG A 50 -4.05 -2.87 -8.24
CA ARG A 50 -2.65 -2.92 -8.62
C ARG A 50 -1.87 -1.99 -7.70
N TRP A 51 -0.55 -2.09 -7.74
CA TRP A 51 0.28 -1.20 -6.94
C TRP A 51 1.54 -0.81 -7.71
N ALA A 52 2.04 0.39 -7.41
CA ALA A 52 3.24 0.91 -8.03
C ALA A 52 4.36 1.04 -7.02
N ALA A 53 5.43 0.31 -7.26
CA ALA A 53 6.57 0.31 -6.37
C ALA A 53 7.70 1.15 -6.94
N SER A 54 8.12 2.15 -6.18
CA SER A 54 9.24 2.99 -6.58
C SER A 54 10.08 3.35 -5.36
N PRO A 55 11.35 3.75 -5.57
CA PRO A 55 12.27 4.09 -4.47
C PRO A 55 11.88 5.37 -3.73
N LYS A 56 10.96 6.15 -4.30
CA LYS A 56 10.54 7.39 -3.68
C LYS A 56 9.09 7.32 -3.20
N SER A 57 8.25 6.63 -3.95
CA SER A 57 6.82 6.59 -3.62
C SER A 57 6.21 5.23 -3.92
N PHE A 58 5.20 4.88 -3.14
CA PHE A 58 4.46 3.64 -3.32
C PHE A 58 2.98 3.97 -3.49
N THR A 59 2.38 3.49 -4.56
CA THR A 59 1.00 3.81 -4.86
C THR A 59 0.12 2.56 -4.87
N LEU A 60 -1.00 2.63 -4.18
CA LEU A 60 -1.97 1.55 -4.16
C LEU A 60 -3.23 1.94 -4.94
N ASP A 61 -3.56 1.15 -5.94
CA ASP A 61 -4.75 1.36 -6.75
C ASP A 61 -5.85 0.40 -6.31
N PHE A 62 -7.00 0.95 -5.96
CA PHE A 62 -8.13 0.12 -5.55
C PHE A 62 -9.27 0.21 -6.56
N GLY A 63 -9.21 1.22 -7.42
CA GLY A 63 -10.20 1.36 -8.48
C GLY A 63 -11.52 1.89 -7.97
N ASP A 64 -12.55 1.05 -8.05
CA ASP A 64 -13.91 1.46 -7.69
C ASP A 64 -14.14 1.35 -6.18
N TYR A 65 -13.09 1.03 -5.44
CA TYR A 65 -13.22 0.86 -4.00
C TYR A 65 -13.09 2.21 -3.30
N GLN A 66 -12.51 3.17 -3.98
CA GLN A 66 -12.36 4.52 -3.45
C GLN A 66 -12.02 5.50 -4.56
N ASP A 67 -12.39 6.75 -4.38
CA ASP A 67 -11.99 7.79 -5.31
C ASP A 67 -10.57 8.22 -5.00
N GLY A 68 -9.82 8.58 -6.02
CA GLY A 68 -8.41 8.88 -5.85
C GLY A 68 -7.61 7.62 -5.60
N TYR A 69 -6.33 7.78 -5.34
CA TYR A 69 -5.48 6.64 -5.04
C TYR A 69 -4.81 6.81 -3.69
N TYR A 70 -3.94 5.87 -3.35
CA TYR A 70 -3.21 5.94 -2.10
C TYR A 70 -1.71 5.95 -2.38
N SER A 71 -1.12 7.14 -2.35
CA SER A 71 0.29 7.29 -2.66
C SER A 71 1.06 7.76 -1.43
N VAL A 72 2.02 6.95 -1.00
CA VAL A 72 2.85 7.27 0.14
C VAL A 72 4.30 7.40 -0.29
N GLN A 73 5.01 8.33 0.33
CA GLN A 73 6.42 8.52 0.04
C GLN A 73 7.24 7.65 0.99
N THR A 74 8.12 6.86 0.42
CA THR A 74 8.92 5.91 1.18
C THR A 74 9.94 5.23 0.29
N THR A 75 11.09 4.92 0.86
CA THR A 75 12.12 4.18 0.15
C THR A 75 11.83 2.69 0.19
N GLU A 76 10.93 2.31 1.09
CA GLU A 76 10.61 0.91 1.34
C GLU A 76 9.45 0.45 0.47
N GLY A 77 9.07 1.29 -0.49
CA GLY A 77 7.94 0.97 -1.36
C GLY A 77 8.09 -0.36 -2.07
N GLU A 78 9.28 -0.62 -2.60
CA GLU A 78 9.56 -1.87 -3.29
C GLU A 78 9.46 -3.05 -2.33
N GLN A 79 9.89 -2.85 -1.10
CA GLN A 79 9.84 -3.89 -0.07
C GLN A 79 8.39 -4.19 0.30
N ILE A 80 7.58 -3.15 0.40
CA ILE A 80 6.16 -3.30 0.70
C ILE A 80 5.47 -4.08 -0.41
N ALA A 81 5.77 -3.70 -1.65
CA ALA A 81 5.18 -4.34 -2.82
C ALA A 81 5.42 -5.84 -2.82
N GLN A 82 6.66 -6.23 -2.56
CA GLN A 82 7.03 -7.64 -2.55
C GLN A 82 6.33 -8.36 -1.40
N LEU A 83 6.13 -7.66 -0.30
CA LEU A 83 5.50 -8.25 0.87
C LEU A 83 4.03 -8.56 0.59
N ILE A 84 3.34 -7.60 -0.03
CA ILE A 84 1.94 -7.81 -0.42
C ILE A 84 1.84 -8.99 -1.38
N ALA A 85 2.69 -8.98 -2.40
CA ALA A 85 2.72 -10.06 -3.38
C ALA A 85 3.05 -11.40 -2.71
N GLY A 86 3.86 -11.34 -1.65
CA GLY A 86 4.21 -12.54 -0.91
C GLY A 86 3.00 -13.20 -0.29
N TYR A 87 2.20 -12.43 0.44
CA TYR A 87 0.99 -12.95 1.05
C TYR A 87 -0.01 -13.38 -0.03
N ILE A 88 -0.10 -12.57 -1.07
CA ILE A 88 -0.96 -12.87 -2.21
C ILE A 88 -0.59 -14.20 -2.84
N ASP A 89 0.71 -14.43 -3.03
CA ASP A 89 1.22 -15.68 -3.58
C ASP A 89 0.82 -16.87 -2.71
N ILE A 90 0.67 -16.63 -1.41
CA ILE A 90 0.26 -17.68 -0.49
C ILE A 90 -1.22 -17.99 -0.65
N ILE A 91 -2.02 -16.96 -0.90
CA ILE A 91 -3.47 -17.12 -1.06
C ILE A 91 -3.79 -17.80 -2.39
N LEU A 92 -2.98 -17.53 -3.40
CA LEU A 92 -3.18 -18.10 -4.73
C LEU A 92 -2.86 -19.59 -4.74
N GLY B 1 10.29 11.97 -10.18
CA GLY B 1 9.34 11.04 -10.83
C GLY B 1 9.98 10.30 -11.99
N ARG B 2 9.15 9.66 -12.82
CA ARG B 2 9.62 8.88 -13.95
C ARG B 2 10.59 7.79 -13.47
N SER B 3 10.08 6.87 -12.68
CA SER B 3 10.90 5.79 -12.14
C SER B 3 10.18 4.45 -12.33
N LYS B 4 10.83 3.54 -13.06
CA LYS B 4 10.26 2.22 -13.35
C LYS B 4 8.97 2.35 -14.15
N GLU B 5 9.10 2.42 -15.48
CA GLU B 5 7.93 2.47 -16.35
C GLU B 5 7.01 1.30 -16.10
N SER B 6 7.58 0.10 -16.02
CA SER B 6 6.83 -1.07 -15.64
C SER B 6 6.98 -1.30 -14.15
N GLY B 7 6.40 -0.40 -13.39
CA GLY B 7 6.44 -0.50 -11.94
C GLY B 7 5.08 -0.82 -11.38
N TRP B 8 4.25 -1.43 -12.21
CA TRP B 8 2.87 -1.72 -11.86
C TRP B 8 2.65 -3.21 -11.79
N VAL B 9 2.44 -3.69 -10.58
CA VAL B 9 2.29 -5.13 -10.37
C VAL B 9 0.81 -5.49 -10.31
N GLU B 10 0.41 -6.43 -11.15
CA GLU B 10 -0.97 -6.83 -11.25
C GLU B 10 -1.36 -7.73 -10.09
N ASN B 11 -2.60 -7.60 -9.63
CA ASN B 11 -3.12 -8.43 -8.56
C ASN B 11 -4.18 -9.38 -9.12
N GLU B 12 -4.04 -10.67 -8.82
CA GLU B 12 -4.92 -11.67 -9.39
C GLU B 12 -5.89 -12.23 -8.37
N ILE B 13 -6.15 -11.45 -7.33
CA ILE B 13 -7.23 -11.77 -6.40
C ILE B 13 -8.17 -10.58 -6.24
N TYR B 14 -8.21 -9.73 -7.26
CA TYR B 14 -9.07 -8.56 -7.22
C TYR B 14 -10.49 -8.95 -7.62
N TYR B 15 -11.43 -8.67 -6.73
CA TYR B 15 -12.82 -8.99 -6.95
C TYR B 15 -13.48 -7.92 -7.83
N GLY A 1 0.26 -11.61 11.73
CA GLY A 1 1.45 -10.74 11.99
C GLY A 1 1.39 -9.46 11.19
N VAL A 2 1.48 -8.33 11.88
CA VAL A 2 1.37 -7.04 11.23
C VAL A 2 2.75 -6.41 11.04
N SER A 3 3.18 -6.32 9.80
CA SER A 3 4.45 -5.68 9.48
C SER A 3 4.24 -4.18 9.28
N PHE A 4 4.75 -3.37 10.21
CA PHE A 4 4.53 -1.93 10.16
C PHE A 4 5.63 -1.23 9.36
N PHE A 5 5.21 -0.51 8.34
CA PHE A 5 6.12 0.31 7.56
C PHE A 5 5.80 1.78 7.77
N LEU A 6 6.83 2.58 7.98
CA LEU A 6 6.65 4.01 8.18
C LEU A 6 6.60 4.74 6.84
N VAL A 7 5.39 5.04 6.41
CA VAL A 7 5.19 5.71 5.13
C VAL A 7 4.72 7.15 5.35
N LYS A 8 4.85 7.97 4.33
CA LYS A 8 4.42 9.36 4.42
C LYS A 8 3.32 9.64 3.41
N GLU A 9 2.09 9.74 3.90
CA GLU A 9 0.93 9.96 3.05
C GLU A 9 0.86 11.42 2.61
N LYS A 10 0.76 11.64 1.31
CA LYS A 10 0.53 12.98 0.82
C LYS A 10 -0.89 13.08 0.26
N MET A 11 -1.76 13.68 1.04
CA MET A 11 -3.14 13.91 0.63
C MET A 11 -3.47 15.38 0.78
N LYS A 12 -4.66 15.75 0.33
CA LYS A 12 -5.14 17.13 0.47
C LYS A 12 -5.31 17.50 1.94
N GLY A 13 -5.34 18.79 2.21
CA GLY A 13 -5.54 19.26 3.56
C GLY A 13 -4.33 20.02 4.09
N LYS A 14 -3.16 19.50 3.79
CA LYS A 14 -1.90 20.11 4.20
C LYS A 14 -0.75 19.60 3.37
N ASN A 15 0.35 20.32 3.44
CA ASN A 15 1.54 20.02 2.68
C ASN A 15 2.38 18.97 3.39
N LYS A 16 2.12 18.77 4.67
CA LYS A 16 2.87 17.81 5.47
C LYS A 16 2.51 16.38 5.06
N LEU A 17 3.52 15.62 4.68
CA LEU A 17 3.34 14.21 4.35
C LEU A 17 3.22 13.41 5.64
N VAL A 18 2.02 12.91 5.90
CA VAL A 18 1.70 12.28 7.16
C VAL A 18 2.40 10.93 7.35
N PRO A 19 3.25 10.82 8.38
CA PRO A 19 3.87 9.55 8.74
C PRO A 19 2.83 8.56 9.27
N ARG A 20 2.62 7.49 8.53
CA ARG A 20 1.61 6.51 8.87
C ARG A 20 2.25 5.16 9.16
N LEU A 21 1.65 4.42 10.08
CA LEU A 21 2.07 3.05 10.33
C LEU A 21 1.34 2.12 9.38
N LEU A 22 1.97 1.85 8.25
CA LEU A 22 1.36 0.99 7.24
C LEU A 22 1.56 -0.47 7.64
N GLY A 23 0.52 -1.06 8.20
CA GLY A 23 0.61 -2.42 8.65
C GLY A 23 0.19 -3.41 7.60
N ILE A 24 1.15 -4.13 7.05
CA ILE A 24 0.88 -5.14 6.05
C ILE A 24 0.65 -6.48 6.72
N THR A 25 -0.39 -7.18 6.31
CA THR A 25 -0.71 -8.49 6.87
C THR A 25 -0.96 -9.49 5.76
N LYS A 26 -1.24 -10.73 6.13
CA LYS A 26 -1.36 -11.82 5.17
C LYS A 26 -2.57 -11.65 4.27
N GLU A 27 -3.56 -10.90 4.70
CA GLU A 27 -4.79 -10.76 3.94
C GLU A 27 -5.26 -9.31 3.84
N CYS A 28 -4.59 -8.38 4.52
CA CYS A 28 -5.05 -7.00 4.52
C CYS A 28 -3.89 -6.00 4.65
N VAL A 29 -4.22 -4.74 4.37
CA VAL A 29 -3.32 -3.61 4.57
C VAL A 29 -4.02 -2.57 5.44
N MET A 30 -3.47 -2.31 6.62
CA MET A 30 -4.12 -1.40 7.56
C MET A 30 -3.30 -0.14 7.78
N ARG A 31 -3.97 1.00 7.75
CA ARG A 31 -3.32 2.27 8.05
C ARG A 31 -3.50 2.61 9.51
N VAL A 32 -2.46 2.40 10.30
CA VAL A 32 -2.51 2.68 11.72
C VAL A 32 -1.94 4.07 12.00
N ASP A 33 -2.64 4.85 12.82
CA ASP A 33 -2.16 6.17 13.20
C ASP A 33 -0.87 6.04 14.00
N GLU A 34 0.14 6.78 13.59
CA GLU A 34 1.48 6.67 14.15
C GLU A 34 1.48 7.02 15.65
N LYS A 35 0.70 8.03 16.02
CA LYS A 35 0.74 8.55 17.38
C LYS A 35 -0.42 8.02 18.22
N THR A 36 -1.58 7.87 17.58
CA THR A 36 -2.78 7.45 18.27
C THR A 36 -2.90 5.93 18.33
N LYS A 37 -2.15 5.25 17.45
CA LYS A 37 -2.07 3.78 17.45
C LYS A 37 -3.42 3.14 17.12
N GLU A 38 -4.29 3.87 16.43
CA GLU A 38 -5.58 3.33 16.01
C GLU A 38 -5.56 3.02 14.53
N VAL A 39 -6.17 1.89 14.17
CA VAL A 39 -6.29 1.52 12.76
C VAL A 39 -7.36 2.37 12.10
N ILE A 40 -6.93 3.27 11.23
CA ILE A 40 -7.82 4.21 10.59
C ILE A 40 -8.58 3.56 9.45
N GLN A 41 -7.87 2.91 8.55
CA GLN A 41 -8.50 2.30 7.39
C GLN A 41 -7.81 0.98 7.06
N GLU A 42 -8.60 -0.09 6.97
CA GLU A 42 -8.07 -1.42 6.71
C GLU A 42 -8.60 -1.95 5.38
N TRP A 43 -7.69 -2.25 4.46
CA TRP A 43 -8.08 -2.75 3.14
C TRP A 43 -7.67 -4.21 2.98
N SER A 44 -8.63 -5.05 2.67
CA SER A 44 -8.33 -6.43 2.31
C SER A 44 -7.56 -6.45 0.99
N LEU A 45 -6.58 -7.35 0.88
CA LEU A 45 -5.75 -7.46 -0.33
C LEU A 45 -6.61 -7.76 -1.55
N THR A 46 -7.76 -8.33 -1.30
CA THR A 46 -8.71 -8.68 -2.33
C THR A 46 -9.31 -7.44 -3.00
N ASN A 47 -9.24 -6.30 -2.32
CA ASN A 47 -9.84 -5.06 -2.84
C ASN A 47 -8.81 -4.25 -3.62
N ILE A 48 -7.60 -4.76 -3.68
CA ILE A 48 -6.53 -4.10 -4.42
C ILE A 48 -6.65 -4.45 -5.90
N LYS A 49 -6.22 -3.54 -6.77
CA LYS A 49 -6.21 -3.81 -8.20
C LYS A 49 -4.79 -3.78 -8.74
N ARG A 50 -4.04 -2.75 -8.36
CA ARG A 50 -2.66 -2.60 -8.80
C ARG A 50 -1.91 -1.70 -7.83
N TRP A 51 -0.60 -1.89 -7.74
CA TRP A 51 0.21 -1.06 -6.88
C TRP A 51 1.55 -0.73 -7.53
N ALA A 52 2.00 0.48 -7.31
CA ALA A 52 3.25 0.96 -7.88
C ALA A 52 4.35 0.94 -6.85
N ALA A 53 5.30 0.05 -7.05
CA ALA A 53 6.42 -0.11 -6.15
C ALA A 53 7.62 0.70 -6.62
N SER A 54 7.95 1.73 -5.88
CA SER A 54 9.13 2.54 -6.17
C SER A 54 9.80 2.95 -4.87
N PRO A 55 11.14 3.09 -4.88
CA PRO A 55 11.90 3.44 -3.67
C PRO A 55 11.69 4.89 -3.24
N LYS A 56 10.92 5.63 -4.02
CA LYS A 56 10.61 7.02 -3.70
C LYS A 56 9.13 7.17 -3.33
N SER A 57 8.28 6.39 -3.97
CA SER A 57 6.85 6.48 -3.71
C SER A 57 6.18 5.13 -3.93
N PHE A 58 5.22 4.82 -3.09
CA PHE A 58 4.43 3.60 -3.23
C PHE A 58 2.96 3.99 -3.39
N THR A 59 2.36 3.59 -4.49
CA THR A 59 0.98 3.96 -4.78
C THR A 59 0.08 2.74 -4.89
N LEU A 60 -0.92 2.68 -4.02
CA LEU A 60 -1.92 1.62 -4.07
C LEU A 60 -3.13 2.07 -4.86
N ASP A 61 -3.63 1.18 -5.72
CA ASP A 61 -4.87 1.43 -6.45
C ASP A 61 -5.86 0.32 -6.15
N PHE A 62 -7.11 0.70 -5.93
CA PHE A 62 -8.14 -0.24 -5.57
C PHE A 62 -9.24 -0.29 -6.63
N GLY A 63 -8.95 0.34 -7.77
CA GLY A 63 -9.86 0.29 -8.89
C GLY A 63 -11.18 1.00 -8.63
N ASP A 64 -12.22 0.23 -8.34
CA ASP A 64 -13.56 0.77 -8.15
C ASP A 64 -13.95 0.77 -6.68
N TYR A 65 -12.96 0.52 -5.83
CA TYR A 65 -13.22 0.41 -4.40
C TYR A 65 -13.20 1.78 -3.74
N GLN A 66 -12.41 2.70 -4.30
CA GLN A 66 -12.35 4.06 -3.76
C GLN A 66 -11.88 5.03 -4.83
N ASP A 67 -12.31 6.28 -4.70
CA ASP A 67 -11.86 7.34 -5.60
C ASP A 67 -10.55 7.92 -5.09
N GLY A 68 -9.54 7.85 -5.92
CA GLY A 68 -8.24 8.38 -5.56
C GLY A 68 -7.29 7.28 -5.14
N TYR A 69 -6.04 7.42 -5.54
CA TYR A 69 -5.03 6.44 -5.22
C TYR A 69 -4.52 6.60 -3.80
N TYR A 70 -3.62 5.73 -3.40
CA TYR A 70 -2.97 5.85 -2.11
C TYR A 70 -1.46 5.93 -2.32
N SER A 71 -0.97 7.15 -2.53
CA SER A 71 0.45 7.37 -2.78
C SER A 71 1.15 7.80 -1.50
N VAL A 72 2.12 7.00 -1.07
CA VAL A 72 2.91 7.31 0.10
C VAL A 72 4.38 7.42 -0.23
N GLN A 73 5.06 8.36 0.41
CA GLN A 73 6.49 8.49 0.27
C GLN A 73 7.16 7.48 1.20
N THR A 74 7.90 6.56 0.62
CA THR A 74 8.54 5.50 1.38
C THR A 74 9.76 4.98 0.66
N THR A 75 10.80 4.67 1.43
CA THR A 75 12.01 4.10 0.90
C THR A 75 11.93 2.58 0.83
N GLU A 76 10.86 2.05 1.42
CA GLU A 76 10.68 0.60 1.50
C GLU A 76 9.51 0.15 0.63
N GLY A 77 9.17 0.95 -0.36
CA GLY A 77 8.05 0.65 -1.24
C GLY A 77 8.19 -0.69 -1.92
N GLU A 78 9.42 -1.05 -2.28
CA GLU A 78 9.70 -2.32 -2.92
C GLU A 78 9.36 -3.47 -1.98
N GLN A 79 9.84 -3.38 -0.74
CA GLN A 79 9.57 -4.39 0.28
C GLN A 79 8.08 -4.50 0.56
N ILE A 80 7.42 -3.35 0.68
CA ILE A 80 5.98 -3.32 0.93
C ILE A 80 5.23 -4.07 -0.17
N ALA A 81 5.53 -3.71 -1.41
CA ALA A 81 4.89 -4.34 -2.56
C ALA A 81 5.21 -5.83 -2.64
N GLN A 82 6.46 -6.16 -2.38
CA GLN A 82 6.91 -7.54 -2.45
C GLN A 82 6.25 -8.38 -1.36
N LEU A 83 5.96 -7.76 -0.23
CA LEU A 83 5.30 -8.43 0.86
C LEU A 83 3.83 -8.68 0.50
N ILE A 84 3.17 -7.66 -0.04
CA ILE A 84 1.78 -7.78 -0.48
C ILE A 84 1.65 -8.85 -1.55
N ALA A 85 2.47 -8.74 -2.60
CA ALA A 85 2.44 -9.70 -3.70
C ALA A 85 2.84 -11.10 -3.22
N GLY A 86 3.62 -11.15 -2.13
CA GLY A 86 4.02 -12.41 -1.55
C GLY A 86 2.86 -13.13 -0.88
N TYR A 87 2.10 -12.41 -0.07
CA TYR A 87 0.93 -12.98 0.59
C TYR A 87 -0.17 -13.24 -0.43
N ILE A 88 -0.27 -12.35 -1.41
CA ILE A 88 -1.22 -12.48 -2.49
C ILE A 88 -1.03 -13.78 -3.27
N ASP A 89 0.24 -14.13 -3.51
CA ASP A 89 0.57 -15.37 -4.20
C ASP A 89 -0.06 -16.57 -3.51
N ILE A 90 -0.04 -16.53 -2.18
CA ILE A 90 -0.59 -17.62 -1.37
C ILE A 90 -2.09 -17.75 -1.57
N ILE A 91 -2.76 -16.62 -1.76
CA ILE A 91 -4.21 -16.60 -1.86
C ILE A 91 -4.69 -17.19 -3.19
N LEU A 92 -3.80 -17.20 -4.19
CA LEU A 92 -4.13 -17.85 -5.46
C LEU A 92 -4.25 -19.36 -5.27
N GLY B 1 9.95 -3.24 -27.60
CA GLY B 1 9.43 -4.59 -27.89
C GLY B 1 9.30 -5.43 -26.63
N ARG B 2 8.21 -6.20 -26.55
CA ARG B 2 7.93 -7.03 -25.37
C ARG B 2 7.92 -6.19 -24.10
N SER B 3 6.75 -5.63 -23.79
CA SER B 3 6.57 -4.82 -22.60
C SER B 3 7.03 -5.56 -21.34
N LYS B 4 8.00 -4.98 -20.66
CA LYS B 4 8.48 -5.51 -19.39
C LYS B 4 7.81 -4.74 -18.27
N GLU B 5 6.93 -5.42 -17.56
CA GLU B 5 6.01 -4.77 -16.64
C GLU B 5 6.65 -4.54 -15.28
N SER B 6 7.30 -3.39 -15.14
CA SER B 6 7.87 -2.99 -13.87
C SER B 6 7.37 -1.58 -13.52
N GLY B 7 7.11 -1.34 -12.25
CA GLY B 7 6.56 -0.07 -11.84
C GLY B 7 5.10 -0.20 -11.48
N TRP B 8 4.38 -0.96 -12.28
CA TRP B 8 2.99 -1.29 -12.02
C TRP B 8 2.80 -2.79 -12.10
N VAL B 9 2.14 -3.36 -11.11
CA VAL B 9 1.89 -4.80 -11.09
C VAL B 9 0.43 -5.09 -10.78
N GLU B 10 -0.20 -5.82 -11.69
CA GLU B 10 -1.62 -6.13 -11.60
C GLU B 10 -1.82 -7.41 -10.79
N ASN B 11 -2.79 -7.40 -9.89
CA ASN B 11 -3.08 -8.57 -9.06
C ASN B 11 -4.12 -9.45 -9.73
N GLU B 12 -4.33 -10.63 -9.17
CA GLU B 12 -5.33 -11.53 -9.69
C GLU B 12 -6.28 -12.02 -8.60
N ILE B 13 -6.46 -11.21 -7.56
CA ILE B 13 -7.50 -11.49 -6.56
C ILE B 13 -8.48 -10.33 -6.42
N TYR B 14 -8.61 -9.54 -7.48
CA TYR B 14 -9.59 -8.46 -7.47
C TYR B 14 -10.94 -9.02 -7.91
N TYR B 15 -11.79 -9.30 -6.93
CA TYR B 15 -13.07 -9.91 -7.17
C TYR B 15 -14.08 -8.88 -7.68
N GLY A 1 1.76 -8.76 14.78
CA GLY A 1 2.29 -8.33 13.48
C GLY A 1 3.52 -7.44 13.64
N VAL A 2 4.53 -7.70 12.82
CA VAL A 2 5.76 -6.93 12.86
C VAL A 2 5.96 -6.19 11.54
N SER A 3 5.21 -6.59 10.52
CA SER A 3 5.28 -5.96 9.23
C SER A 3 4.54 -4.62 9.22
N PHE A 4 5.25 -3.57 9.60
CA PHE A 4 4.71 -2.22 9.61
C PHE A 4 5.69 -1.29 8.93
N PHE A 5 5.23 -0.61 7.90
CA PHE A 5 6.09 0.30 7.16
C PHE A 5 5.70 1.74 7.44
N LEU A 6 6.64 2.49 8.02
CA LEU A 6 6.44 3.89 8.27
C LEU A 6 6.45 4.66 6.95
N VAL A 7 5.26 4.99 6.48
CA VAL A 7 5.12 5.71 5.22
C VAL A 7 4.69 7.15 5.48
N LYS A 8 4.80 7.99 4.47
CA LYS A 8 4.40 9.38 4.62
C LYS A 8 3.28 9.70 3.64
N GLU A 9 2.09 9.91 4.19
CA GLU A 9 0.91 10.16 3.38
C GLU A 9 0.74 11.65 3.10
N LYS A 10 0.42 11.99 1.87
CA LYS A 10 0.12 13.38 1.53
C LYS A 10 -1.36 13.64 1.72
N MET A 11 -1.75 13.98 2.94
CA MET A 11 -3.14 14.25 3.25
C MET A 11 -3.36 15.74 3.43
N LYS A 12 -4.60 16.17 3.24
CA LYS A 12 -4.96 17.57 3.42
C LYS A 12 -4.97 17.93 4.90
N GLY A 13 -4.91 19.21 5.20
CA GLY A 13 -4.84 19.67 6.58
C GLY A 13 -3.53 20.35 6.86
N LYS A 14 -2.53 19.99 6.06
CA LYS A 14 -1.22 20.61 6.13
C LYS A 14 -0.43 20.19 4.90
N ASN A 15 0.71 20.81 4.66
CA ASN A 15 1.52 20.49 3.49
C ASN A 15 2.56 19.41 3.82
N LYS A 16 2.62 19.05 5.08
CA LYS A 16 3.57 18.04 5.53
C LYS A 16 2.98 16.65 5.38
N LEU A 17 3.79 15.71 4.91
CA LEU A 17 3.37 14.33 4.76
C LEU A 17 3.29 13.67 6.13
N VAL A 18 2.18 13.01 6.40
CA VAL A 18 1.93 12.40 7.70
C VAL A 18 2.56 11.01 7.78
N PRO A 19 3.43 10.79 8.77
CA PRO A 19 4.00 9.47 9.02
C PRO A 19 2.94 8.49 9.53
N ARG A 20 2.70 7.44 8.76
CA ARG A 20 1.69 6.45 9.11
C ARG A 20 2.32 5.06 9.15
N LEU A 21 1.75 4.17 9.95
CA LEU A 21 2.22 2.80 10.01
C LEU A 21 1.39 1.92 9.10
N LEU A 22 1.95 1.59 7.94
CA LEU A 22 1.28 0.74 6.99
C LEU A 22 1.47 -0.72 7.38
N GLY A 23 0.42 -1.33 7.91
CA GLY A 23 0.50 -2.69 8.37
C GLY A 23 0.04 -3.68 7.31
N ILE A 24 0.97 -4.51 6.85
CA ILE A 24 0.66 -5.49 5.83
C ILE A 24 0.48 -6.86 6.46
N THR A 25 -0.73 -7.40 6.41
CA THR A 25 -1.00 -8.72 6.98
C THR A 25 -1.28 -9.73 5.87
N LYS A 26 -1.60 -10.96 6.25
CA LYS A 26 -1.80 -12.03 5.28
C LYS A 26 -3.17 -11.93 4.62
N GLU A 27 -3.92 -10.89 4.94
CA GLU A 27 -5.27 -10.75 4.41
C GLU A 27 -5.65 -9.29 4.15
N CYS A 28 -5.04 -8.35 4.87
CA CYS A 28 -5.44 -6.96 4.75
C CYS A 28 -4.27 -5.99 4.93
N VAL A 29 -4.41 -4.82 4.32
CA VAL A 29 -3.47 -3.72 4.49
C VAL A 29 -4.15 -2.62 5.30
N MET A 30 -3.64 -2.36 6.49
CA MET A 30 -4.27 -1.42 7.39
C MET A 30 -3.40 -0.20 7.63
N ARG A 31 -4.03 0.96 7.72
CA ARG A 31 -3.32 2.20 8.02
C ARG A 31 -3.41 2.51 9.50
N VAL A 32 -2.36 2.22 10.23
CA VAL A 32 -2.31 2.45 11.67
C VAL A 32 -1.70 3.81 11.97
N ASP A 33 -2.38 4.58 12.81
CA ASP A 33 -1.87 5.88 13.22
C ASP A 33 -0.59 5.71 14.03
N GLU A 34 0.45 6.42 13.64
CA GLU A 34 1.78 6.26 14.24
C GLU A 34 1.74 6.65 15.71
N LYS A 35 1.00 7.69 16.02
CA LYS A 35 0.97 8.25 17.35
C LYS A 35 -0.07 7.56 18.24
N THR A 36 -1.29 7.45 17.73
CA THR A 36 -2.40 6.97 18.52
C THR A 36 -2.54 5.45 18.43
N LYS A 37 -1.89 4.86 17.42
CA LYS A 37 -1.90 3.41 17.19
C LYS A 37 -3.30 2.92 16.82
N GLU A 38 -4.15 3.82 16.34
CA GLU A 38 -5.49 3.45 15.92
C GLU A 38 -5.49 3.05 14.45
N VAL A 39 -6.26 2.02 14.11
CA VAL A 39 -6.40 1.61 12.73
C VAL A 39 -7.46 2.46 12.04
N ILE A 40 -7.01 3.43 11.26
CA ILE A 40 -7.90 4.40 10.66
C ILE A 40 -8.67 3.82 9.49
N GLN A 41 -8.03 2.92 8.75
CA GLN A 41 -8.61 2.36 7.54
C GLN A 41 -7.97 1.01 7.23
N GLU A 42 -8.76 0.09 6.71
CA GLU A 42 -8.29 -1.27 6.45
C GLU A 42 -8.74 -1.75 5.07
N TRP A 43 -7.79 -2.21 4.28
CA TRP A 43 -8.09 -2.71 2.94
C TRP A 43 -7.78 -4.19 2.82
N SER A 44 -8.78 -4.98 2.46
CA SER A 44 -8.55 -6.39 2.20
C SER A 44 -7.71 -6.56 0.94
N LEU A 45 -6.86 -7.58 0.91
CA LEU A 45 -6.02 -7.85 -0.27
C LEU A 45 -6.90 -8.15 -1.47
N THR A 46 -8.09 -8.65 -1.21
CA THR A 46 -9.05 -8.99 -2.25
C THR A 46 -9.67 -7.73 -2.87
N ASN A 47 -9.39 -6.58 -2.26
CA ASN A 47 -9.92 -5.32 -2.73
C ASN A 47 -8.84 -4.51 -3.44
N ILE A 48 -7.64 -5.09 -3.51
CA ILE A 48 -6.52 -4.43 -4.17
C ILE A 48 -6.58 -4.67 -5.66
N LYS A 49 -6.38 -3.61 -6.43
CA LYS A 49 -6.39 -3.71 -7.88
C LYS A 49 -4.96 -3.80 -8.41
N ARG A 50 -4.17 -2.76 -8.14
CA ARG A 50 -2.80 -2.68 -8.59
C ARG A 50 -1.98 -1.81 -7.64
N TRP A 51 -0.66 -1.97 -7.67
CA TRP A 51 0.21 -1.13 -6.87
C TRP A 51 1.50 -0.84 -7.62
N ALA A 52 2.09 0.30 -7.31
CA ALA A 52 3.33 0.72 -7.94
C ALA A 52 4.45 0.83 -6.91
N ALA A 53 5.57 0.21 -7.21
CA ALA A 53 6.68 0.16 -6.28
C ALA A 53 7.89 0.93 -6.80
N SER A 54 8.34 1.90 -6.02
CA SER A 54 9.56 2.61 -6.31
C SER A 54 10.30 2.89 -5.00
N PRO A 55 11.62 3.16 -5.05
CA PRO A 55 12.40 3.47 -3.86
C PRO A 55 12.15 4.88 -3.34
N LYS A 56 11.09 5.51 -3.81
CA LYS A 56 10.76 6.86 -3.40
C LYS A 56 9.30 7.00 -3.00
N SER A 57 8.42 6.28 -3.69
CA SER A 57 7.00 6.35 -3.40
C SER A 57 6.29 5.03 -3.69
N PHE A 58 5.28 4.73 -2.89
CA PHE A 58 4.48 3.54 -3.09
C PHE A 58 3.03 3.94 -3.35
N THR A 59 2.49 3.48 -4.47
CA THR A 59 1.13 3.85 -4.85
C THR A 59 0.21 2.64 -4.88
N LEU A 60 -0.82 2.66 -4.05
CA LEU A 60 -1.86 1.65 -4.08
C LEU A 60 -3.05 2.15 -4.88
N ASP A 61 -3.58 1.29 -5.75
CA ASP A 61 -4.78 1.61 -6.50
C ASP A 61 -5.82 0.52 -6.29
N PHE A 62 -6.99 0.93 -5.83
CA PHE A 62 -8.07 0.00 -5.55
C PHE A 62 -9.17 0.14 -6.59
N GLY A 63 -8.92 0.98 -7.59
CA GLY A 63 -9.84 1.14 -8.70
C GLY A 63 -11.21 1.65 -8.28
N ASP A 64 -12.19 0.75 -8.31
CA ASP A 64 -13.58 1.12 -8.04
C ASP A 64 -13.91 0.97 -6.57
N TYR A 65 -12.90 0.70 -5.75
CA TYR A 65 -13.12 0.53 -4.32
C TYR A 65 -13.10 1.86 -3.60
N GLN A 66 -12.31 2.80 -4.10
CA GLN A 66 -12.22 4.12 -3.49
C GLN A 66 -11.83 5.15 -4.53
N ASP A 67 -11.89 6.42 -4.14
CA ASP A 67 -11.55 7.52 -5.04
C ASP A 67 -10.07 7.85 -4.97
N GLY A 68 -9.48 8.11 -6.13
CA GLY A 68 -8.08 8.48 -6.20
C GLY A 68 -7.16 7.30 -5.96
N TYR A 69 -5.89 7.58 -5.72
CA TYR A 69 -4.91 6.55 -5.42
C TYR A 69 -4.37 6.76 -4.01
N TYR A 70 -3.51 5.84 -3.58
CA TYR A 70 -2.86 5.96 -2.30
C TYR A 70 -1.35 5.97 -2.48
N SER A 71 -0.80 7.16 -2.62
CA SER A 71 0.63 7.32 -2.85
C SER A 71 1.33 7.87 -1.61
N VAL A 72 2.26 7.09 -1.09
CA VAL A 72 3.02 7.49 0.09
C VAL A 72 4.51 7.58 -0.23
N GLN A 73 5.18 8.53 0.42
CA GLN A 73 6.61 8.71 0.23
C GLN A 73 7.38 7.75 1.15
N THR A 74 8.14 6.85 0.55
CA THR A 74 8.91 5.88 1.31
C THR A 74 9.93 5.18 0.42
N THR A 75 11.10 4.92 0.97
CA THR A 75 12.13 4.18 0.27
C THR A 75 11.85 2.69 0.34
N GLU A 76 10.95 2.31 1.26
CA GLU A 76 10.62 0.92 1.50
C GLU A 76 9.48 0.46 0.60
N GLY A 77 9.13 1.29 -0.38
CA GLY A 77 8.06 0.93 -1.30
C GLY A 77 8.32 -0.38 -2.03
N GLU A 78 9.59 -0.63 -2.33
CA GLU A 78 10.00 -1.87 -2.98
C GLU A 78 9.77 -3.06 -2.06
N GLN A 79 9.86 -2.83 -0.76
CA GLN A 79 9.64 -3.89 0.22
C GLN A 79 8.15 -4.12 0.45
N ILE A 80 7.39 -3.04 0.51
CA ILE A 80 5.94 -3.13 0.72
C ILE A 80 5.28 -3.94 -0.40
N ALA A 81 5.60 -3.59 -1.64
CA ALA A 81 5.05 -4.27 -2.80
C ALA A 81 5.38 -5.76 -2.77
N GLN A 82 6.61 -6.07 -2.42
CA GLN A 82 7.07 -7.45 -2.37
C GLN A 82 6.32 -8.23 -1.29
N LEU A 83 5.97 -7.54 -0.21
CA LEU A 83 5.29 -8.17 0.90
C LEU A 83 3.83 -8.47 0.54
N ILE A 84 3.17 -7.52 -0.09
CA ILE A 84 1.78 -7.72 -0.55
C ILE A 84 1.73 -8.86 -1.56
N ALA A 85 2.62 -8.81 -2.55
CA ALA A 85 2.69 -9.86 -3.55
C ALA A 85 3.10 -11.19 -2.93
N GLY A 86 3.82 -11.10 -1.80
CA GLY A 86 4.25 -12.29 -1.10
C GLY A 86 3.10 -12.97 -0.35
N TYR A 87 2.23 -12.17 0.24
CA TYR A 87 1.05 -12.71 0.91
C TYR A 87 0.04 -13.19 -0.14
N ILE A 88 -0.05 -12.47 -1.23
CA ILE A 88 -0.88 -12.88 -2.36
C ILE A 88 -0.34 -14.17 -2.96
N ASP A 89 0.97 -14.35 -2.88
CA ASP A 89 1.61 -15.60 -3.32
C ASP A 89 1.07 -16.79 -2.54
N ILE A 90 0.59 -16.53 -1.33
CA ILE A 90 0.00 -17.57 -0.50
C ILE A 90 -1.45 -17.82 -0.92
N ILE A 91 -2.26 -16.77 -0.87
CA ILE A 91 -3.69 -16.86 -1.16
C ILE A 91 -3.93 -17.29 -2.61
N LEU A 92 -3.17 -16.72 -3.52
CA LEU A 92 -3.35 -16.95 -4.94
C LEU A 92 -2.53 -18.15 -5.40
N GLY B 1 6.62 -15.51 -14.78
CA GLY B 1 5.49 -16.20 -14.12
C GLY B 1 5.03 -15.46 -12.88
N ARG B 2 3.81 -14.92 -12.94
CA ARG B 2 3.22 -14.12 -11.86
C ARG B 2 3.93 -12.77 -11.73
N SER B 3 5.22 -12.80 -11.42
CA SER B 3 6.01 -11.59 -11.30
C SER B 3 6.41 -11.08 -12.68
N LYS B 4 6.51 -9.77 -12.83
CA LYS B 4 6.90 -9.17 -14.09
C LYS B 4 7.65 -7.85 -13.84
N GLU B 5 8.54 -7.51 -14.76
CA GLU B 5 9.45 -6.38 -14.59
C GLU B 5 8.75 -5.01 -14.62
N SER B 6 7.44 -5.00 -14.82
CA SER B 6 6.70 -3.76 -14.95
C SER B 6 6.61 -3.02 -13.61
N GLY B 7 6.69 -1.69 -13.67
CA GLY B 7 6.60 -0.87 -12.47
C GLY B 7 5.23 -0.96 -11.83
N TRP B 8 4.22 -1.19 -12.66
CA TRP B 8 2.87 -1.41 -12.16
C TRP B 8 2.61 -2.90 -12.08
N VAL B 9 2.23 -3.36 -10.89
CA VAL B 9 1.99 -4.78 -10.67
C VAL B 9 0.65 -5.00 -9.99
N GLU B 10 -0.21 -5.76 -10.66
CA GLU B 10 -1.56 -6.01 -10.20
C GLU B 10 -1.68 -7.43 -9.63
N ASN B 11 -2.70 -7.66 -8.82
CA ASN B 11 -3.02 -9.00 -8.38
C ASN B 11 -4.28 -9.49 -9.06
N GLU B 12 -4.52 -10.79 -9.00
CA GLU B 12 -5.69 -11.36 -9.66
C GLU B 12 -6.71 -11.83 -8.65
N ILE B 13 -6.67 -11.24 -7.46
CA ILE B 13 -7.72 -11.48 -6.47
C ILE B 13 -8.59 -10.25 -6.31
N TYR B 14 -8.52 -9.37 -7.28
CA TYR B 14 -9.37 -8.19 -7.30
C TYR B 14 -10.75 -8.57 -7.83
N TYR B 15 -11.69 -8.74 -6.92
CA TYR B 15 -13.04 -9.11 -7.27
C TYR B 15 -13.82 -7.89 -7.74
N GLY A 1 4.15 -8.69 16.30
CA GLY A 1 4.66 -9.66 15.30
C GLY A 1 3.98 -9.52 13.96
N VAL A 2 3.79 -8.27 13.53
CA VAL A 2 3.17 -8.00 12.24
C VAL A 2 3.97 -6.94 11.50
N SER A 3 3.89 -6.94 10.17
CA SER A 3 4.71 -6.08 9.35
C SER A 3 4.19 -4.64 9.33
N PHE A 4 4.95 -3.74 9.93
CA PHE A 4 4.63 -2.32 9.91
C PHE A 4 5.65 -1.54 9.10
N PHE A 5 5.19 -0.80 8.11
CA PHE A 5 6.05 0.05 7.32
C PHE A 5 5.79 1.52 7.65
N LEU A 6 6.85 2.24 7.99
CA LEU A 6 6.73 3.66 8.27
C LEU A 6 6.69 4.45 6.97
N VAL A 7 5.49 4.82 6.55
CA VAL A 7 5.32 5.58 5.32
C VAL A 7 4.85 6.98 5.64
N LYS A 8 4.80 7.84 4.63
CA LYS A 8 4.32 9.19 4.81
C LYS A 8 3.20 9.50 3.81
N GLU A 9 2.00 9.73 4.33
CA GLU A 9 0.84 10.00 3.49
C GLU A 9 0.88 11.41 2.95
N LYS A 10 0.84 11.53 1.63
CA LYS A 10 0.75 12.82 0.98
C LYS A 10 -0.69 13.08 0.55
N MET A 11 -1.35 13.98 1.25
CA MET A 11 -2.74 14.29 0.96
C MET A 11 -2.89 15.76 0.58
N LYS A 12 -3.99 16.07 -0.10
CA LYS A 12 -4.30 17.45 -0.48
C LYS A 12 -4.42 18.34 0.75
N GLY A 13 -4.25 19.64 0.55
CA GLY A 13 -4.42 20.57 1.64
C GLY A 13 -3.10 21.09 2.16
N LYS A 14 -2.06 20.28 2.04
CA LYS A 14 -0.73 20.65 2.50
C LYS A 14 0.32 19.87 1.74
N ASN A 15 1.58 20.29 1.90
CA ASN A 15 2.69 19.60 1.25
C ASN A 15 3.40 18.70 2.23
N LYS A 16 3.07 18.87 3.51
CA LYS A 16 3.60 18.05 4.58
C LYS A 16 3.01 16.64 4.51
N LEU A 17 3.85 15.63 4.71
CA LEU A 17 3.39 14.26 4.66
C LEU A 17 3.23 13.72 6.09
N VAL A 18 2.21 12.90 6.30
CA VAL A 18 1.91 12.39 7.63
C VAL A 18 2.51 11.01 7.83
N PRO A 19 3.27 10.82 8.93
CA PRO A 19 3.82 9.51 9.30
C PRO A 19 2.72 8.50 9.57
N ARG A 20 2.74 7.41 8.83
CA ARG A 20 1.71 6.40 8.94
C ARG A 20 2.33 5.02 9.08
N LEU A 21 1.76 4.21 9.97
CA LEU A 21 2.19 2.84 10.12
C LEU A 21 1.40 1.95 9.18
N LEU A 22 2.00 1.60 8.06
CA LEU A 22 1.35 0.78 7.06
C LEU A 22 1.49 -0.69 7.44
N GLY A 23 0.41 -1.26 7.94
CA GLY A 23 0.42 -2.64 8.38
C GLY A 23 0.06 -3.59 7.27
N ILE A 24 1.06 -4.31 6.78
CA ILE A 24 0.84 -5.28 5.72
C ILE A 24 0.68 -6.67 6.31
N THR A 25 -0.53 -7.20 6.27
CA THR A 25 -0.80 -8.52 6.83
C THR A 25 -1.11 -9.51 5.71
N LYS A 26 -1.30 -10.76 6.10
CA LYS A 26 -1.57 -11.84 5.16
C LYS A 26 -2.93 -11.69 4.49
N GLU A 27 -3.74 -10.74 4.95
CA GLU A 27 -5.10 -10.62 4.45
C GLU A 27 -5.49 -9.17 4.17
N CYS A 28 -4.87 -8.22 4.85
CA CYS A 28 -5.28 -6.82 4.73
C CYS A 28 -4.12 -5.85 4.90
N VAL A 29 -4.30 -4.67 4.33
CA VAL A 29 -3.39 -3.55 4.50
C VAL A 29 -4.06 -2.47 5.35
N MET A 30 -3.53 -2.24 6.54
CA MET A 30 -4.16 -1.32 7.47
C MET A 30 -3.34 -0.04 7.63
N ARG A 31 -4.04 1.08 7.72
CA ARG A 31 -3.39 2.36 8.00
C ARG A 31 -3.47 2.68 9.49
N VAL A 32 -2.38 2.42 10.19
CA VAL A 32 -2.32 2.65 11.63
C VAL A 32 -1.67 3.98 11.93
N ASP A 33 -2.26 4.73 12.85
CA ASP A 33 -1.72 6.03 13.25
C ASP A 33 -0.43 5.85 14.02
N GLU A 34 0.54 6.69 13.74
CA GLU A 34 1.87 6.56 14.34
C GLU A 34 1.81 6.93 15.82
N LYS A 35 1.03 7.94 16.15
CA LYS A 35 0.98 8.44 17.51
C LYS A 35 -0.02 7.68 18.37
N THR A 36 -1.27 7.61 17.91
CA THR A 36 -2.34 7.02 18.70
C THR A 36 -2.42 5.51 18.51
N LYS A 37 -1.74 5.02 17.47
CA LYS A 37 -1.66 3.58 17.16
C LYS A 37 -3.03 3.00 16.78
N GLU A 38 -3.95 3.86 16.37
CA GLU A 38 -5.28 3.41 15.97
C GLU A 38 -5.32 3.03 14.49
N VAL A 39 -6.22 2.13 14.14
CA VAL A 39 -6.39 1.73 12.76
C VAL A 39 -7.42 2.64 12.09
N ILE A 40 -6.97 3.46 11.16
CA ILE A 40 -7.84 4.42 10.49
C ILE A 40 -8.70 3.72 9.43
N GLN A 41 -8.06 2.85 8.67
CA GLN A 41 -8.73 2.17 7.57
C GLN A 41 -7.98 0.89 7.22
N GLU A 42 -8.71 -0.14 6.85
CA GLU A 42 -8.10 -1.45 6.60
C GLU A 42 -8.64 -2.03 5.29
N TRP A 43 -7.75 -2.22 4.32
CA TRP A 43 -8.13 -2.75 3.03
C TRP A 43 -7.73 -4.22 2.91
N SER A 44 -8.68 -5.09 2.65
CA SER A 44 -8.36 -6.48 2.39
C SER A 44 -7.60 -6.58 1.07
N LEU A 45 -6.67 -7.53 0.98
CA LEU A 45 -5.82 -7.69 -0.20
C LEU A 45 -6.65 -7.92 -1.46
N THR A 46 -7.86 -8.44 -1.27
CA THR A 46 -8.77 -8.71 -2.37
C THR A 46 -9.24 -7.41 -3.06
N ASN A 47 -9.09 -6.28 -2.35
CA ASN A 47 -9.61 -5.01 -2.85
C ASN A 47 -8.56 -4.22 -3.61
N ILE A 48 -7.35 -4.78 -3.68
CA ILE A 48 -6.27 -4.12 -4.38
C ILE A 48 -6.31 -4.49 -5.86
N LYS A 49 -6.21 -3.50 -6.73
CA LYS A 49 -6.20 -3.77 -8.17
C LYS A 49 -4.78 -3.82 -8.70
N ARG A 50 -4.02 -2.76 -8.42
CA ARG A 50 -2.65 -2.65 -8.87
C ARG A 50 -1.86 -1.76 -7.94
N TRP A 51 -0.57 -2.01 -7.82
CA TRP A 51 0.28 -1.18 -7.00
C TRP A 51 1.54 -0.79 -7.75
N ALA A 52 2.10 0.35 -7.39
CA ALA A 52 3.32 0.84 -8.01
C ALA A 52 4.43 0.93 -6.98
N ALA A 53 5.44 0.10 -7.15
CA ALA A 53 6.55 0.05 -6.24
C ALA A 53 7.71 0.92 -6.72
N SER A 54 7.81 2.11 -6.16
CA SER A 54 8.90 3.01 -6.50
C SER A 54 9.79 3.23 -5.27
N PRO A 55 11.08 3.55 -5.47
CA PRO A 55 12.03 3.76 -4.38
C PRO A 55 11.78 5.04 -3.59
N LYS A 56 10.84 5.86 -4.05
CA LYS A 56 10.52 7.11 -3.38
C LYS A 56 9.07 7.15 -2.92
N SER A 57 8.17 6.58 -3.72
CA SER A 57 6.76 6.63 -3.39
C SER A 57 6.09 5.31 -3.75
N PHE A 58 5.19 4.86 -2.89
CA PHE A 58 4.42 3.66 -3.13
C PHE A 58 2.99 4.03 -3.46
N THR A 59 2.46 3.46 -4.53
CA THR A 59 1.12 3.83 -5.00
C THR A 59 0.18 2.62 -4.97
N LEU A 60 -0.98 2.80 -4.36
CA LEU A 60 -2.00 1.77 -4.34
C LEU A 60 -3.22 2.20 -5.15
N ASP A 61 -3.73 1.28 -5.95
CA ASP A 61 -4.98 1.51 -6.69
C ASP A 61 -5.99 0.43 -6.34
N PHE A 62 -7.21 0.84 -6.05
CA PHE A 62 -8.25 -0.07 -5.62
C PHE A 62 -9.39 -0.12 -6.63
N GLY A 63 -9.20 0.54 -7.77
CA GLY A 63 -10.19 0.51 -8.83
C GLY A 63 -11.50 1.15 -8.42
N ASP A 64 -12.57 0.36 -8.46
CA ASP A 64 -13.90 0.87 -8.16
C ASP A 64 -14.25 0.67 -6.69
N TYR A 65 -13.23 0.52 -5.86
CA TYR A 65 -13.43 0.36 -4.43
C TYR A 65 -13.51 1.73 -3.76
N GLN A 66 -12.61 2.62 -4.15
CA GLN A 66 -12.61 3.99 -3.62
C GLN A 66 -12.07 4.95 -4.66
N ASP A 67 -12.43 6.22 -4.53
CA ASP A 67 -12.00 7.24 -5.48
C ASP A 67 -10.59 7.71 -5.16
N GLY A 68 -9.82 8.00 -6.21
CA GLY A 68 -8.46 8.45 -6.04
C GLY A 68 -7.50 7.31 -5.78
N TYR A 69 -6.22 7.59 -5.83
CA TYR A 69 -5.21 6.59 -5.53
C TYR A 69 -4.68 6.82 -4.12
N TYR A 70 -3.77 5.94 -3.68
CA TYR A 70 -3.15 6.11 -2.38
C TYR A 70 -1.64 6.19 -2.56
N SER A 71 -1.11 7.40 -2.41
CA SER A 71 0.31 7.64 -2.60
C SER A 71 0.99 7.96 -1.27
N VAL A 72 1.98 7.15 -0.92
CA VAL A 72 2.78 7.38 0.27
C VAL A 72 4.25 7.47 -0.10
N GLN A 73 4.97 8.35 0.57
CA GLN A 73 6.41 8.48 0.32
C GLN A 73 7.17 7.53 1.23
N THR A 74 8.06 6.75 0.64
CA THR A 74 8.83 5.76 1.38
C THR A 74 9.94 5.16 0.51
N THR A 75 11.06 4.86 1.14
CA THR A 75 12.17 4.22 0.45
C THR A 75 12.04 2.70 0.52
N GLU A 76 10.95 2.24 1.12
CA GLU A 76 10.70 0.82 1.30
C GLU A 76 9.58 0.35 0.37
N GLY A 77 9.28 1.17 -0.64
CA GLY A 77 8.20 0.88 -1.56
C GLY A 77 8.29 -0.51 -2.18
N GLU A 78 9.49 -0.92 -2.54
CA GLU A 78 9.70 -2.24 -3.14
C GLU A 78 9.34 -3.34 -2.15
N GLN A 79 9.78 -3.17 -0.92
CA GLN A 79 9.58 -4.18 0.11
C GLN A 79 8.10 -4.32 0.45
N ILE A 80 7.38 -3.21 0.44
CA ILE A 80 5.94 -3.23 0.69
C ILE A 80 5.24 -4.05 -0.39
N ALA A 81 5.54 -3.73 -1.64
CA ALA A 81 4.95 -4.42 -2.78
C ALA A 81 5.32 -5.90 -2.76
N GLN A 82 6.59 -6.18 -2.50
CA GLN A 82 7.09 -7.55 -2.43
C GLN A 82 6.34 -8.34 -1.37
N LEU A 83 6.07 -7.71 -0.24
CA LEU A 83 5.42 -8.36 0.87
C LEU A 83 3.95 -8.63 0.55
N ILE A 84 3.28 -7.65 -0.07
CA ILE A 84 1.89 -7.83 -0.47
C ILE A 84 1.75 -9.01 -1.43
N ALA A 85 2.60 -9.01 -2.46
CA ALA A 85 2.62 -10.11 -3.43
C ALA A 85 2.95 -11.43 -2.75
N GLY A 86 3.74 -11.36 -1.69
CA GLY A 86 4.11 -12.55 -0.95
C GLY A 86 2.94 -13.12 -0.17
N TYR A 87 2.15 -12.26 0.47
CA TYR A 87 0.97 -12.71 1.19
C TYR A 87 -0.13 -13.13 0.22
N ILE A 88 -0.24 -12.39 -0.87
CA ILE A 88 -1.18 -12.73 -1.93
C ILE A 88 -0.86 -14.11 -2.50
N ASP A 89 0.43 -14.41 -2.63
CA ASP A 89 0.88 -15.71 -3.12
C ASP A 89 0.39 -16.84 -2.24
N ILE A 90 0.27 -16.58 -0.94
CA ILE A 90 -0.21 -17.58 0.00
C ILE A 90 -1.69 -17.87 -0.22
N ILE A 91 -2.45 -16.82 -0.53
CA ILE A 91 -3.88 -16.96 -0.78
C ILE A 91 -4.10 -17.65 -2.13
N LEU A 92 -3.18 -17.43 -3.05
CA LEU A 92 -3.25 -18.04 -4.38
C LEU A 92 -2.72 -19.46 -4.35
N GLY B 1 17.78 1.09 -22.30
CA GLY B 1 16.45 0.65 -22.75
C GLY B 1 16.27 -0.85 -22.67
N ARG B 2 15.12 -1.33 -23.09
CA ARG B 2 14.80 -2.76 -23.09
C ARG B 2 14.83 -3.38 -21.69
N SER B 3 14.76 -2.54 -20.68
CA SER B 3 14.74 -3.02 -19.30
C SER B 3 13.30 -3.14 -18.81
N LYS B 4 12.79 -4.37 -18.82
CA LYS B 4 11.42 -4.64 -18.34
C LYS B 4 11.26 -4.13 -16.92
N GLU B 5 10.17 -3.40 -16.69
CA GLU B 5 9.94 -2.78 -15.40
C GLU B 5 8.97 -3.60 -14.56
N SER B 6 9.20 -3.61 -13.25
CA SER B 6 8.27 -4.22 -12.32
C SER B 6 7.68 -3.15 -11.43
N GLY B 7 7.39 -2.06 -12.06
CA GLY B 7 6.83 -0.90 -11.39
C GLY B 7 5.36 -1.08 -11.11
N TRP B 8 4.60 -1.38 -12.15
CA TRP B 8 3.17 -1.65 -12.00
C TRP B 8 2.93 -3.14 -11.90
N VAL B 9 2.51 -3.57 -10.73
CA VAL B 9 2.23 -4.97 -10.48
C VAL B 9 0.74 -5.13 -10.21
N GLU B 10 0.10 -6.03 -10.94
CA GLU B 10 -1.34 -6.17 -10.87
C GLU B 10 -1.75 -7.37 -10.02
N ASN B 11 -2.81 -7.18 -9.27
CA ASN B 11 -3.30 -8.17 -8.31
C ASN B 11 -4.29 -9.13 -8.98
N GLU B 12 -4.16 -10.42 -8.70
CA GLU B 12 -4.98 -11.42 -9.34
C GLU B 12 -6.13 -11.85 -8.46
N ILE B 13 -6.36 -11.14 -7.39
CA ILE B 13 -7.49 -11.44 -6.51
C ILE B 13 -8.38 -10.23 -6.30
N TYR B 14 -8.36 -9.30 -7.24
CA TYR B 14 -9.27 -8.17 -7.19
C TYR B 14 -10.66 -8.61 -7.61
N TYR B 15 -11.50 -8.88 -6.63
CA TYR B 15 -12.83 -9.40 -6.87
C TYR B 15 -13.78 -8.30 -7.38
N GLY A 1 1.39 -11.89 12.20
CA GLY A 1 2.63 -11.49 11.51
C GLY A 1 2.44 -10.24 10.68
N VAL A 2 2.33 -9.10 11.35
CA VAL A 2 2.14 -7.83 10.66
C VAL A 2 3.46 -7.04 10.61
N SER A 3 3.85 -6.64 9.42
CA SER A 3 5.04 -5.83 9.25
C SER A 3 4.66 -4.37 9.01
N PHE A 4 5.21 -3.47 9.80
CA PHE A 4 4.89 -2.05 9.70
C PHE A 4 5.91 -1.32 8.88
N PHE A 5 5.44 -0.58 7.89
CA PHE A 5 6.29 0.28 7.09
C PHE A 5 6.00 1.74 7.40
N LEU A 6 7.05 2.49 7.70
CA LEU A 6 6.89 3.90 8.01
C LEU A 6 6.71 4.70 6.72
N VAL A 7 5.46 4.99 6.39
CA VAL A 7 5.15 5.72 5.18
C VAL A 7 4.71 7.14 5.51
N LYS A 8 4.92 8.05 4.58
CA LYS A 8 4.53 9.44 4.76
C LYS A 8 3.43 9.82 3.78
N GLU A 9 2.22 9.99 4.31
CA GLU A 9 1.07 10.35 3.49
C GLU A 9 1.13 11.82 3.11
N LYS A 10 1.24 12.09 1.82
CA LYS A 10 1.17 13.46 1.33
C LYS A 10 -0.17 13.69 0.64
N MET A 11 -1.02 14.45 1.29
CA MET A 11 -2.35 14.71 0.76
C MET A 11 -2.53 16.19 0.51
N LYS A 12 -3.76 16.59 0.23
CA LYS A 12 -4.11 17.98 0.04
C LYS A 12 -4.34 18.65 1.40
N GLY A 13 -4.61 19.95 1.37
CA GLY A 13 -4.91 20.66 2.60
C GLY A 13 -3.69 21.23 3.27
N LYS A 14 -2.65 20.42 3.41
CA LYS A 14 -1.45 20.83 4.11
C LYS A 14 -0.20 20.25 3.45
N ASN A 15 0.92 20.91 3.69
CA ASN A 15 2.20 20.48 3.11
C ASN A 15 2.94 19.53 4.03
N LYS A 16 2.29 19.18 5.14
CA LYS A 16 2.88 18.23 6.08
C LYS A 16 2.55 16.80 5.67
N LEU A 17 3.58 16.00 5.50
CA LEU A 17 3.40 14.58 5.19
C LEU A 17 3.18 13.81 6.48
N VAL A 18 2.08 13.08 6.55
CA VAL A 18 1.68 12.40 7.77
C VAL A 18 2.36 11.04 7.87
N PRO A 19 3.16 10.82 8.93
CA PRO A 19 3.79 9.53 9.19
C PRO A 19 2.75 8.48 9.57
N ARG A 20 2.71 7.40 8.82
CA ARG A 20 1.74 6.35 9.05
C ARG A 20 2.45 5.00 9.17
N LEU A 21 1.98 4.16 10.08
CA LEU A 21 2.49 2.81 10.20
C LEU A 21 1.68 1.89 9.32
N LEU A 22 2.17 1.65 8.11
CA LEU A 22 1.47 0.80 7.16
C LEU A 22 1.68 -0.65 7.53
N GLY A 23 0.67 -1.25 8.14
CA GLY A 23 0.77 -2.62 8.58
C GLY A 23 0.26 -3.59 7.54
N ILE A 24 1.15 -4.43 7.04
CA ILE A 24 0.79 -5.43 6.05
C ILE A 24 0.64 -6.79 6.72
N THR A 25 -0.56 -7.35 6.65
CA THR A 25 -0.81 -8.68 7.17
C THR A 25 -1.04 -9.64 6.01
N LYS A 26 -1.45 -10.86 6.33
CA LYS A 26 -1.57 -11.91 5.32
C LYS A 26 -2.77 -11.68 4.40
N GLU A 27 -3.75 -10.91 4.86
CA GLU A 27 -4.99 -10.79 4.15
C GLU A 27 -5.42 -9.33 3.92
N CYS A 28 -4.78 -8.39 4.60
CA CYS A 28 -5.22 -7.00 4.51
C CYS A 28 -4.09 -6.01 4.76
N VAL A 29 -4.36 -4.76 4.41
CA VAL A 29 -3.42 -3.66 4.63
C VAL A 29 -4.08 -2.63 5.54
N MET A 30 -3.48 -2.38 6.70
CA MET A 30 -4.08 -1.47 7.68
C MET A 30 -3.22 -0.23 7.87
N ARG A 31 -3.87 0.93 7.93
CA ARG A 31 -3.19 2.18 8.22
C ARG A 31 -3.24 2.46 9.71
N VAL A 32 -2.15 2.13 10.40
CA VAL A 32 -2.04 2.39 11.82
C VAL A 32 -1.39 3.75 12.04
N ASP A 33 -1.98 4.56 12.90
CA ASP A 33 -1.43 5.88 13.15
C ASP A 33 -0.10 5.78 13.89
N GLU A 34 0.88 6.54 13.44
CA GLU A 34 2.24 6.48 13.96
C GLU A 34 2.27 6.88 15.44
N LYS A 35 1.37 7.76 15.84
CA LYS A 35 1.35 8.27 17.19
C LYS A 35 0.27 7.59 18.03
N THR A 36 -0.95 7.59 17.52
CA THR A 36 -2.11 7.12 18.27
C THR A 36 -2.17 5.59 18.29
N LYS A 37 -1.51 4.96 17.31
CA LYS A 37 -1.43 3.49 17.23
C LYS A 37 -2.80 2.87 16.91
N GLU A 38 -3.72 3.67 16.42
CA GLU A 38 -5.05 3.19 16.08
C GLU A 38 -5.15 2.89 14.60
N VAL A 39 -6.01 1.94 14.26
CA VAL A 39 -6.25 1.60 12.85
C VAL A 39 -7.23 2.57 12.24
N ILE A 40 -6.73 3.42 11.36
CA ILE A 40 -7.53 4.45 10.73
C ILE A 40 -8.36 3.87 9.59
N GLN A 41 -7.79 2.90 8.89
CA GLN A 41 -8.45 2.30 7.75
C GLN A 41 -7.73 1.02 7.33
N GLU A 42 -8.49 0.03 6.89
CA GLU A 42 -7.92 -1.23 6.43
C GLU A 42 -8.53 -1.66 5.11
N TRP A 43 -7.71 -2.18 4.21
CA TRP A 43 -8.17 -2.68 2.93
C TRP A 43 -7.89 -4.16 2.80
N SER A 44 -8.86 -4.93 2.36
CA SER A 44 -8.63 -6.32 2.02
C SER A 44 -7.81 -6.40 0.74
N LEU A 45 -6.90 -7.37 0.66
CA LEU A 45 -6.00 -7.50 -0.49
C LEU A 45 -6.79 -7.76 -1.77
N THR A 46 -8.00 -8.26 -1.64
CA THR A 46 -8.87 -8.54 -2.78
C THR A 46 -9.34 -7.25 -3.44
N ASN A 47 -9.23 -6.14 -2.72
CA ASN A 47 -9.74 -4.86 -3.21
C ASN A 47 -8.73 -4.17 -4.09
N ILE A 48 -7.50 -4.67 -4.06
CA ILE A 48 -6.42 -4.09 -4.85
C ILE A 48 -6.63 -4.44 -6.32
N LYS A 49 -6.38 -3.46 -7.19
CA LYS A 49 -6.44 -3.69 -8.63
C LYS A 49 -5.03 -3.81 -9.18
N ARG A 50 -4.14 -3.01 -8.61
CA ARG A 50 -2.74 -2.97 -9.00
C ARG A 50 -1.97 -2.03 -8.10
N TRP A 51 -0.65 -2.13 -8.11
CA TRP A 51 0.17 -1.22 -7.32
C TRP A 51 1.43 -0.84 -8.07
N ALA A 52 1.98 0.32 -7.71
CA ALA A 52 3.23 0.80 -8.28
C ALA A 52 4.25 0.96 -7.17
N ALA A 53 5.30 0.17 -7.23
CA ALA A 53 6.34 0.20 -6.22
C ALA A 53 7.57 0.92 -6.74
N SER A 54 8.08 1.84 -5.94
CA SER A 54 9.32 2.54 -6.26
C SER A 54 10.11 2.74 -4.98
N PRO A 55 11.44 2.94 -5.09
CA PRO A 55 12.28 3.16 -3.91
C PRO A 55 12.04 4.54 -3.29
N LYS A 56 11.23 5.36 -3.97
CA LYS A 56 10.94 6.70 -3.50
C LYS A 56 9.55 6.78 -2.89
N SER A 57 8.62 5.98 -3.42
CA SER A 57 7.23 6.05 -3.00
C SER A 57 6.48 4.75 -3.29
N PHE A 58 5.28 4.64 -2.77
CA PHE A 58 4.43 3.49 -3.02
C PHE A 58 3.03 3.95 -3.36
N THR A 59 2.40 3.33 -4.35
CA THR A 59 1.07 3.72 -4.77
C THR A 59 0.17 2.50 -4.99
N LEU A 60 -0.96 2.48 -4.30
CA LEU A 60 -1.95 1.43 -4.46
C LEU A 60 -3.14 1.93 -5.26
N ASP A 61 -3.71 1.05 -6.09
CA ASP A 61 -4.98 1.34 -6.76
C ASP A 61 -5.98 0.26 -6.40
N PHE A 62 -7.22 0.67 -6.14
CA PHE A 62 -8.25 -0.25 -5.73
C PHE A 62 -9.35 -0.34 -6.79
N GLY A 63 -9.12 0.33 -7.91
CA GLY A 63 -10.02 0.24 -9.04
C GLY A 63 -11.42 0.73 -8.74
N ASP A 64 -12.35 -0.20 -8.67
CA ASP A 64 -13.77 0.12 -8.50
C ASP A 64 -14.13 0.25 -7.03
N TYR A 65 -13.12 0.15 -6.16
CA TYR A 65 -13.35 0.27 -4.73
C TYR A 65 -13.33 1.74 -4.34
N GLN A 66 -12.47 2.51 -5.00
CA GLN A 66 -12.39 3.94 -4.78
C GLN A 66 -11.67 4.61 -5.94
N ASP A 67 -12.12 5.79 -6.33
CA ASP A 67 -11.44 6.54 -7.38
C ASP A 67 -10.29 7.32 -6.79
N GLY A 68 -9.20 7.40 -7.52
CA GLY A 68 -7.98 7.98 -7.00
C GLY A 68 -7.03 6.90 -6.57
N TYR A 69 -5.85 7.27 -6.12
CA TYR A 69 -4.85 6.30 -5.74
C TYR A 69 -4.42 6.49 -4.29
N TYR A 70 -3.54 5.61 -3.85
CA TYR A 70 -2.98 5.70 -2.52
C TYR A 70 -1.46 5.84 -2.62
N SER A 71 -1.00 7.08 -2.73
CA SER A 71 0.41 7.36 -2.89
C SER A 71 1.01 7.87 -1.58
N VAL A 72 2.01 7.15 -1.10
CA VAL A 72 2.72 7.54 0.10
C VAL A 72 4.22 7.58 -0.15
N GLN A 73 4.90 8.52 0.48
CA GLN A 73 6.34 8.62 0.37
C GLN A 73 6.99 7.64 1.32
N THR A 74 7.81 6.75 0.78
CA THR A 74 8.41 5.70 1.58
C THR A 74 9.68 5.16 0.92
N THR A 75 10.66 4.85 1.75
CA THR A 75 11.91 4.30 1.29
C THR A 75 11.80 2.78 1.15
N GLU A 76 10.72 2.23 1.70
CA GLU A 76 10.51 0.79 1.69
C GLU A 76 9.38 0.41 0.75
N GLY A 77 9.09 1.32 -0.19
CA GLY A 77 7.98 1.12 -1.13
C GLY A 77 8.07 -0.20 -1.88
N GLU A 78 9.26 -0.56 -2.31
CA GLU A 78 9.47 -1.80 -3.05
C GLU A 78 9.19 -3.01 -2.16
N GLN A 79 9.60 -2.89 -0.89
CA GLN A 79 9.43 -3.97 0.06
C GLN A 79 7.96 -4.17 0.41
N ILE A 80 7.22 -3.08 0.50
CA ILE A 80 5.79 -3.13 0.78
C ILE A 80 5.09 -3.98 -0.27
N ALA A 81 5.34 -3.66 -1.52
CA ALA A 81 4.73 -4.37 -2.65
C ALA A 81 5.11 -5.85 -2.64
N GLN A 82 6.39 -6.13 -2.37
CA GLN A 82 6.88 -7.50 -2.35
C GLN A 82 6.23 -8.28 -1.21
N LEU A 83 5.97 -7.61 -0.11
CA LEU A 83 5.33 -8.25 1.04
C LEU A 83 3.87 -8.54 0.73
N ILE A 84 3.20 -7.58 0.11
CA ILE A 84 1.80 -7.74 -0.30
C ILE A 84 1.68 -8.91 -1.28
N ALA A 85 2.49 -8.89 -2.32
CA ALA A 85 2.49 -9.96 -3.31
C ALA A 85 2.89 -11.29 -2.68
N GLY A 86 3.73 -11.21 -1.65
CA GLY A 86 4.16 -12.40 -0.95
C GLY A 86 3.01 -13.08 -0.22
N TYR A 87 2.29 -12.31 0.58
CA TYR A 87 1.13 -12.84 1.31
C TYR A 87 0.02 -13.22 0.34
N ILE A 88 -0.17 -12.39 -0.68
CA ILE A 88 -1.18 -12.63 -1.70
C ILE A 88 -1.00 -14.00 -2.36
N ASP A 89 0.25 -14.33 -2.68
CA ASP A 89 0.57 -15.62 -3.33
C ASP A 89 0.06 -16.80 -2.50
N ILE A 90 0.08 -16.63 -1.18
CA ILE A 90 -0.37 -17.68 -0.28
C ILE A 90 -1.89 -17.86 -0.36
N ILE A 91 -2.59 -16.77 -0.68
CA ILE A 91 -4.04 -16.79 -0.71
C ILE A 91 -4.57 -17.60 -1.89
N LEU A 92 -3.76 -17.69 -2.96
CA LEU A 92 -4.15 -18.48 -4.11
C LEU A 92 -4.06 -19.97 -3.78
N GLY B 1 9.60 -12.89 -24.31
CA GLY B 1 8.19 -13.35 -24.34
C GLY B 1 7.21 -12.21 -24.48
N ARG B 2 5.98 -12.42 -24.06
CA ARG B 2 4.94 -11.40 -24.16
C ARG B 2 4.64 -10.77 -22.81
N SER B 3 5.45 -11.05 -21.80
CA SER B 3 5.19 -10.54 -20.46
C SER B 3 6.38 -9.75 -19.92
N LYS B 4 6.37 -8.45 -20.16
CA LYS B 4 7.39 -7.55 -19.61
C LYS B 4 6.71 -6.30 -19.08
N GLU B 5 5.51 -6.51 -18.55
CA GLU B 5 4.69 -5.44 -18.01
C GLU B 5 5.38 -4.80 -16.81
N SER B 6 5.92 -3.60 -17.01
CA SER B 6 6.71 -2.94 -15.98
C SER B 6 6.06 -1.63 -15.54
N GLY B 7 6.20 -1.31 -14.26
CA GLY B 7 5.64 -0.09 -13.74
C GLY B 7 4.49 -0.35 -12.78
N TRP B 8 3.56 -1.17 -13.21
CA TRP B 8 2.44 -1.57 -12.37
C TRP B 8 2.44 -3.07 -12.18
N VAL B 9 2.08 -3.49 -10.98
CA VAL B 9 2.01 -4.92 -10.68
C VAL B 9 0.55 -5.33 -10.58
N GLU B 10 0.17 -6.32 -11.38
CA GLU B 10 -1.21 -6.76 -11.45
C GLU B 10 -1.43 -7.91 -10.47
N ASN B 11 -2.54 -7.89 -9.76
CA ASN B 11 -2.82 -8.93 -8.78
C ASN B 11 -3.80 -9.95 -9.32
N GLU B 12 -3.79 -11.14 -8.73
CA GLU B 12 -4.61 -12.25 -9.20
C GLU B 12 -5.90 -12.39 -8.41
N ILE B 13 -6.11 -11.46 -7.52
CA ILE B 13 -7.33 -11.46 -6.71
C ILE B 13 -8.04 -10.09 -6.75
N TYR B 14 -8.85 -9.87 -7.77
CA TYR B 14 -9.64 -8.65 -7.83
C TYR B 14 -11.12 -9.02 -7.79
N TYR B 15 -11.88 -8.37 -6.91
CA TYR B 15 -13.29 -8.65 -6.77
C TYR B 15 -14.03 -8.39 -8.08
N GLY A 1 4.89 -11.91 8.28
CA GLY A 1 3.57 -11.53 8.83
C GLY A 1 3.63 -10.21 9.59
N VAL A 2 2.48 -9.53 9.66
CA VAL A 2 2.29 -8.25 10.37
C VAL A 2 3.53 -7.34 10.33
N SER A 3 3.82 -6.80 9.16
CA SER A 3 4.95 -5.89 9.01
C SER A 3 4.46 -4.45 8.90
N PHE A 4 5.01 -3.58 9.73
CA PHE A 4 4.64 -2.17 9.73
C PHE A 4 5.74 -1.33 9.09
N PHE A 5 5.38 -0.60 8.05
CA PHE A 5 6.32 0.28 7.38
C PHE A 5 6.01 1.74 7.70
N LEU A 6 7.04 2.52 7.98
CA LEU A 6 6.87 3.94 8.25
C LEU A 6 6.80 4.70 6.93
N VAL A 7 5.59 5.03 6.52
CA VAL A 7 5.36 5.75 5.28
C VAL A 7 4.87 7.16 5.55
N LYS A 8 4.93 8.01 4.54
CA LYS A 8 4.45 9.38 4.67
C LYS A 8 3.30 9.64 3.71
N GLU A 9 2.10 9.75 4.25
CA GLU A 9 0.91 9.95 3.44
C GLU A 9 0.76 11.41 3.05
N LYS A 10 0.85 11.68 1.75
CA LYS A 10 0.62 13.03 1.27
C LYS A 10 -0.85 13.20 0.93
N MET A 11 -1.58 13.77 1.85
CA MET A 11 -3.00 14.00 1.66
C MET A 11 -3.26 15.50 1.53
N LYS A 12 -4.47 15.86 1.15
CA LYS A 12 -4.84 17.28 1.03
C LYS A 12 -4.93 17.92 2.41
N GLY A 13 -5.05 19.24 2.44
CA GLY A 13 -5.16 19.95 3.71
C GLY A 13 -3.86 20.63 4.09
N LYS A 14 -2.74 20.00 3.75
CA LYS A 14 -1.42 20.55 4.06
C LYS A 14 -0.36 19.91 3.17
N ASN A 15 0.80 20.54 3.09
CA ASN A 15 1.90 20.03 2.28
C ASN A 15 2.69 18.98 3.06
N LYS A 16 2.49 18.93 4.37
CA LYS A 16 3.20 18.00 5.22
C LYS A 16 2.63 16.59 5.09
N LEU A 17 3.49 15.66 4.72
CA LEU A 17 3.09 14.26 4.62
C LEU A 17 3.00 13.66 6.02
N VAL A 18 1.93 12.94 6.29
CA VAL A 18 1.67 12.41 7.61
C VAL A 18 2.36 11.06 7.80
N PRO A 19 3.15 10.92 8.89
CA PRO A 19 3.77 9.64 9.25
C PRO A 19 2.72 8.57 9.54
N ARG A 20 2.78 7.48 8.80
CA ARG A 20 1.78 6.44 8.91
C ARG A 20 2.43 5.08 9.07
N LEU A 21 1.84 4.24 9.92
CA LEU A 21 2.29 2.86 10.05
C LEU A 21 1.51 1.98 9.09
N LEU A 22 2.13 1.65 7.97
CA LEU A 22 1.49 0.82 6.99
C LEU A 22 1.65 -0.65 7.37
N GLY A 23 0.59 -1.22 7.92
CA GLY A 23 0.63 -2.59 8.36
C GLY A 23 0.18 -3.56 7.29
N ILE A 24 1.13 -4.28 6.73
CA ILE A 24 0.84 -5.26 5.70
C ILE A 24 0.68 -6.64 6.32
N THR A 25 -0.54 -7.15 6.31
CA THR A 25 -0.81 -8.45 6.90
C THR A 25 -1.21 -9.45 5.82
N LYS A 26 -1.39 -10.70 6.22
CA LYS A 26 -1.67 -11.79 5.29
C LYS A 26 -3.04 -11.66 4.62
N GLU A 27 -3.90 -10.80 5.16
CA GLU A 27 -5.25 -10.68 4.64
C GLU A 27 -5.65 -9.24 4.35
N CYS A 28 -4.91 -8.27 4.88
CA CYS A 28 -5.33 -6.88 4.75
C CYS A 28 -4.16 -5.90 4.87
N VAL A 29 -4.34 -4.74 4.26
CA VAL A 29 -3.42 -3.62 4.41
C VAL A 29 -4.09 -2.56 5.27
N MET A 30 -3.58 -2.38 6.48
CA MET A 30 -4.20 -1.47 7.43
C MET A 30 -3.35 -0.23 7.64
N ARG A 31 -3.99 0.93 7.61
CA ARG A 31 -3.32 2.18 7.88
C ARG A 31 -3.38 2.49 9.36
N VAL A 32 -2.30 2.19 10.07
CA VAL A 32 -2.24 2.41 11.51
C VAL A 32 -1.72 3.81 11.80
N ASP A 33 -2.44 4.51 12.66
CA ASP A 33 -2.09 5.87 13.02
C ASP A 33 -0.84 5.90 13.90
N GLU A 34 0.14 6.70 13.52
CA GLU A 34 1.38 6.79 14.27
C GLU A 34 1.19 7.71 15.48
N LYS A 35 0.10 8.46 15.45
CA LYS A 35 -0.24 9.38 16.51
C LYS A 35 -0.96 8.67 17.65
N THR A 36 -2.10 8.08 17.34
CA THR A 36 -2.93 7.42 18.36
C THR A 36 -2.67 5.91 18.43
N LYS A 37 -2.00 5.37 17.42
CA LYS A 37 -1.73 3.93 17.32
C LYS A 37 -3.02 3.14 17.07
N GLU A 38 -4.01 3.79 16.46
CA GLU A 38 -5.26 3.13 16.10
C GLU A 38 -5.28 2.80 14.62
N VAL A 39 -6.15 1.90 14.21
CA VAL A 39 -6.30 1.56 12.81
C VAL A 39 -7.32 2.48 12.17
N ILE A 40 -6.87 3.29 11.21
CA ILE A 40 -7.74 4.27 10.57
C ILE A 40 -8.58 3.61 9.49
N GLN A 41 -7.92 2.95 8.55
CA GLN A 41 -8.58 2.37 7.39
C GLN A 41 -7.89 1.08 7.00
N GLU A 42 -8.68 0.05 6.75
CA GLU A 42 -8.16 -1.27 6.45
C GLU A 42 -8.66 -1.77 5.09
N TRP A 43 -7.74 -2.21 4.23
CA TRP A 43 -8.10 -2.72 2.93
C TRP A 43 -7.80 -4.20 2.82
N SER A 44 -8.81 -4.99 2.49
CA SER A 44 -8.59 -6.40 2.19
C SER A 44 -7.75 -6.53 0.94
N LEU A 45 -6.87 -7.53 0.89
CA LEU A 45 -6.01 -7.76 -0.27
C LEU A 45 -6.86 -8.06 -1.51
N THR A 46 -8.08 -8.52 -1.26
CA THR A 46 -9.01 -8.86 -2.33
C THR A 46 -9.62 -7.60 -2.96
N ASN A 47 -9.35 -6.45 -2.34
CA ASN A 47 -9.91 -5.19 -2.80
C ASN A 47 -8.88 -4.37 -3.55
N ILE A 48 -7.71 -4.96 -3.75
CA ILE A 48 -6.62 -4.31 -4.46
C ILE A 48 -6.70 -4.62 -5.95
N LYS A 49 -6.36 -3.63 -6.78
CA LYS A 49 -6.36 -3.84 -8.23
C LYS A 49 -4.93 -3.93 -8.75
N ARG A 50 -4.11 -2.97 -8.33
CA ARG A 50 -2.73 -2.88 -8.77
C ARG A 50 -1.96 -1.95 -7.84
N TRP A 51 -0.64 -2.06 -7.84
CA TRP A 51 0.18 -1.16 -7.05
C TRP A 51 1.50 -0.85 -7.77
N ALA A 52 2.05 0.31 -7.48
CA ALA A 52 3.30 0.75 -8.07
C ALA A 52 4.36 0.93 -6.99
N ALA A 53 5.47 0.25 -7.16
CA ALA A 53 6.56 0.30 -6.20
C ALA A 53 7.71 1.14 -6.73
N SER A 54 8.08 2.16 -5.97
CA SER A 54 9.19 3.02 -6.34
C SER A 54 10.01 3.39 -5.10
N PRO A 55 11.32 3.65 -5.27
CA PRO A 55 12.20 4.00 -4.15
C PRO A 55 11.89 5.37 -3.53
N LYS A 56 11.03 6.14 -4.18
CA LYS A 56 10.63 7.44 -3.65
C LYS A 56 9.26 7.35 -2.97
N SER A 57 8.37 6.55 -3.54
CA SER A 57 7.01 6.46 -3.05
C SER A 57 6.35 5.15 -3.46
N PHE A 58 5.36 4.75 -2.70
CA PHE A 58 4.57 3.58 -3.00
C PHE A 58 3.12 3.99 -3.23
N THR A 59 2.49 3.46 -4.26
CA THR A 59 1.14 3.84 -4.58
C THR A 59 0.23 2.63 -4.80
N LEU A 60 -0.84 2.56 -4.03
CA LEU A 60 -1.85 1.51 -4.18
C LEU A 60 -3.01 2.01 -5.02
N ASP A 61 -3.57 1.12 -5.82
CA ASP A 61 -4.78 1.40 -6.58
C ASP A 61 -5.79 0.29 -6.35
N PHE A 62 -7.00 0.69 -5.99
CA PHE A 62 -8.06 -0.26 -5.67
C PHE A 62 -9.15 -0.22 -6.74
N GLY A 63 -8.88 0.53 -7.80
CA GLY A 63 -9.77 0.55 -8.94
C GLY A 63 -11.13 1.13 -8.62
N ASP A 64 -12.12 0.25 -8.50
CA ASP A 64 -13.50 0.67 -8.33
C ASP A 64 -13.92 0.59 -6.87
N TYR A 65 -12.94 0.36 -6.00
CA TYR A 65 -13.22 0.26 -4.58
C TYR A 65 -13.21 1.64 -3.94
N GLN A 66 -12.42 2.55 -4.50
CA GLN A 66 -12.37 3.92 -4.01
C GLN A 66 -11.89 4.86 -5.10
N ASP A 67 -12.18 6.14 -4.94
CA ASP A 67 -11.71 7.16 -5.86
C ASP A 67 -10.34 7.64 -5.44
N GLY A 68 -9.50 7.95 -6.41
CA GLY A 68 -8.15 8.38 -6.13
C GLY A 68 -7.23 7.19 -5.93
N TYR A 69 -5.99 7.47 -5.55
CA TYR A 69 -5.03 6.41 -5.27
C TYR A 69 -4.51 6.54 -3.85
N TYR A 70 -3.58 5.69 -3.49
CA TYR A 70 -2.93 5.77 -2.20
C TYR A 70 -1.42 5.91 -2.37
N SER A 71 -0.96 7.15 -2.40
CA SER A 71 0.46 7.44 -2.60
C SER A 71 1.13 7.84 -1.30
N VAL A 72 2.11 7.06 -0.90
CA VAL A 72 2.88 7.35 0.31
C VAL A 72 4.36 7.46 0.00
N GLN A 73 4.99 8.49 0.53
CA GLN A 73 6.41 8.66 0.38
C GLN A 73 7.14 7.68 1.29
N THR A 74 7.92 6.80 0.69
CA THR A 74 8.64 5.81 1.45
C THR A 74 9.80 5.25 0.64
N THR A 75 10.90 5.02 1.32
CA THR A 75 12.09 4.50 0.68
C THR A 75 12.09 2.97 0.71
N GLU A 76 11.06 2.40 1.32
CA GLU A 76 10.94 0.95 1.43
C GLU A 76 9.73 0.45 0.65
N GLY A 77 9.23 1.29 -0.25
CA GLY A 77 8.05 0.94 -1.04
C GLY A 77 8.23 -0.33 -1.84
N GLU A 78 9.45 -0.60 -2.25
CA GLU A 78 9.78 -1.80 -3.00
C GLU A 78 9.50 -3.04 -2.16
N GLN A 79 9.86 -2.97 -0.88
CA GLN A 79 9.67 -4.09 0.03
C GLN A 79 8.19 -4.29 0.34
N ILE A 80 7.46 -3.18 0.43
CA ILE A 80 6.03 -3.22 0.67
C ILE A 80 5.32 -3.98 -0.45
N ALA A 81 5.67 -3.63 -1.68
CA ALA A 81 5.07 -4.25 -2.86
C ALA A 81 5.35 -5.75 -2.90
N GLN A 82 6.59 -6.11 -2.60
CA GLN A 82 7.01 -7.51 -2.61
C GLN A 82 6.29 -8.28 -1.51
N LEU A 83 6.02 -7.61 -0.40
CA LEU A 83 5.37 -8.23 0.74
C LEU A 83 3.90 -8.52 0.44
N ILE A 84 3.21 -7.55 -0.15
CA ILE A 84 1.80 -7.72 -0.52
C ILE A 84 1.66 -8.90 -1.48
N ALA A 85 2.48 -8.92 -2.52
CA ALA A 85 2.46 -10.00 -3.50
C ALA A 85 2.80 -11.34 -2.84
N GLY A 86 3.59 -11.28 -1.76
CA GLY A 86 3.96 -12.47 -1.03
C GLY A 86 2.78 -13.09 -0.31
N TYR A 87 2.03 -12.27 0.42
CA TYR A 87 0.83 -12.75 1.12
C TYR A 87 -0.20 -13.25 0.11
N ILE A 88 -0.35 -12.50 -0.97
CA ILE A 88 -1.28 -12.84 -2.03
C ILE A 88 -0.95 -14.22 -2.62
N ASP A 89 0.33 -14.52 -2.74
CA ASP A 89 0.78 -15.82 -3.23
C ASP A 89 0.26 -16.96 -2.34
N ILE A 90 0.12 -16.67 -1.05
CA ILE A 90 -0.38 -17.64 -0.10
C ILE A 90 -1.87 -17.89 -0.30
N ILE A 91 -2.59 -16.83 -0.66
CA ILE A 91 -4.03 -16.91 -0.88
C ILE A 91 -4.34 -17.61 -2.21
N LEU A 92 -3.49 -17.38 -3.20
CA LEU A 92 -3.67 -18.00 -4.51
C LEU A 92 -3.27 -19.47 -4.47
N GLY B 1 20.03 -6.62 -22.64
CA GLY B 1 18.78 -6.65 -23.42
C GLY B 1 17.62 -7.18 -22.61
N ARG B 2 16.51 -7.49 -23.28
CA ARG B 2 15.31 -8.01 -22.63
C ARG B 2 14.82 -7.06 -21.53
N SER B 3 14.26 -5.94 -21.96
CA SER B 3 13.75 -4.96 -21.02
C SER B 3 12.22 -4.89 -21.09
N LYS B 4 11.58 -5.54 -20.13
CA LYS B 4 10.14 -5.48 -19.99
C LYS B 4 9.83 -5.02 -18.58
N GLU B 5 9.93 -3.72 -18.37
CA GLU B 5 9.86 -3.15 -17.03
C GLU B 5 8.41 -2.89 -16.65
N SER B 6 7.88 -3.67 -15.71
CA SER B 6 6.52 -3.51 -15.27
C SER B 6 6.41 -2.37 -14.26
N GLY B 7 5.72 -1.30 -14.67
CA GLY B 7 5.51 -0.18 -13.77
C GLY B 7 4.47 -0.51 -12.72
N TRP B 8 3.35 -1.05 -13.17
CA TRP B 8 2.31 -1.50 -12.28
C TRP B 8 2.31 -3.01 -12.18
N VAL B 9 2.29 -3.52 -10.96
CA VAL B 9 2.20 -4.95 -10.73
C VAL B 9 0.82 -5.27 -10.16
N GLU B 10 0.09 -6.13 -10.85
CA GLU B 10 -1.32 -6.35 -10.56
C GLU B 10 -1.56 -7.70 -9.92
N ASN B 11 -2.55 -7.73 -9.04
CA ASN B 11 -2.95 -8.95 -8.36
C ASN B 11 -4.12 -9.61 -9.06
N GLU B 12 -4.27 -10.91 -8.86
CA GLU B 12 -5.34 -11.65 -9.50
C GLU B 12 -6.40 -12.06 -8.49
N ILE B 13 -6.52 -11.30 -7.41
CA ILE B 13 -7.61 -11.48 -6.46
C ILE B 13 -8.46 -10.22 -6.35
N TYR B 14 -8.61 -9.53 -7.46
CA TYR B 14 -9.46 -8.35 -7.50
C TYR B 14 -10.89 -8.77 -7.82
N TYR B 15 -11.75 -8.76 -6.81
CA TYR B 15 -13.10 -9.24 -6.92
C TYR B 15 -14.02 -8.20 -7.54
N GLY A 1 3.16 -11.32 12.48
CA GLY A 1 2.22 -11.37 11.32
C GLY A 1 2.02 -10.02 10.68
N VAL A 2 1.56 -9.05 11.46
CA VAL A 2 1.35 -7.70 10.95
C VAL A 2 2.68 -6.96 10.84
N SER A 3 3.11 -6.72 9.61
CA SER A 3 4.35 -6.01 9.37
C SER A 3 4.07 -4.53 9.10
N PHE A 4 4.66 -3.66 9.90
CA PHE A 4 4.43 -2.23 9.77
C PHE A 4 5.55 -1.55 9.00
N PHE A 5 5.17 -0.74 8.03
CA PHE A 5 6.10 0.09 7.31
C PHE A 5 5.79 1.56 7.58
N LEU A 6 6.81 2.37 7.76
CA LEU A 6 6.60 3.78 8.06
C LEU A 6 6.65 4.60 6.78
N VAL A 7 5.49 4.92 6.25
CA VAL A 7 5.38 5.71 5.04
C VAL A 7 5.07 7.16 5.36
N LYS A 8 5.29 8.05 4.41
CA LYS A 8 5.04 9.46 4.61
C LYS A 8 3.91 9.93 3.70
N GLU A 9 2.83 10.43 4.30
CA GLU A 9 1.69 10.93 3.54
C GLU A 9 1.95 12.33 3.01
N LYS A 10 1.93 12.48 1.70
CA LYS A 10 2.02 13.80 1.12
C LYS A 10 0.63 14.30 0.75
N MET A 11 0.01 15.02 1.67
CA MET A 11 -1.33 15.53 1.46
C MET A 11 -1.29 17.02 1.16
N LYS A 12 -2.46 17.59 0.89
CA LYS A 12 -2.58 19.02 0.65
C LYS A 12 -2.40 19.81 1.94
N GLY A 13 -2.07 21.09 1.80
CA GLY A 13 -1.96 21.95 2.96
C GLY A 13 -0.53 22.29 3.31
N LYS A 14 0.35 21.30 3.26
CA LYS A 14 1.75 21.50 3.63
C LYS A 14 2.65 20.52 2.89
N ASN A 15 3.92 20.85 2.91
CA ASN A 15 4.94 20.06 2.25
C ASN A 15 5.60 19.10 3.24
N LYS A 16 5.07 19.08 4.46
CA LYS A 16 5.53 18.16 5.48
C LYS A 16 4.69 16.90 5.44
N LEU A 17 5.34 15.76 5.27
CA LEU A 17 4.64 14.50 5.08
C LEU A 17 4.34 13.84 6.41
N VAL A 18 3.15 13.28 6.54
CA VAL A 18 2.71 12.68 7.78
C VAL A 18 3.14 11.22 7.87
N PRO A 19 3.86 10.85 8.95
CA PRO A 19 4.27 9.46 9.19
C PRO A 19 3.06 8.55 9.42
N ARG A 20 2.95 7.53 8.59
CA ARG A 20 1.83 6.61 8.66
C ARG A 20 2.33 5.17 8.76
N LEU A 21 1.80 4.43 9.73
CA LEU A 21 2.17 3.03 9.89
C LEU A 21 1.32 2.17 8.96
N LEU A 22 1.94 1.66 7.91
CA LEU A 22 1.25 0.83 6.95
C LEU A 22 1.42 -0.63 7.34
N GLY A 23 0.35 -1.24 7.80
CA GLY A 23 0.39 -2.62 8.23
C GLY A 23 0.01 -3.57 7.12
N ILE A 24 0.93 -4.45 6.77
CA ILE A 24 0.69 -5.45 5.74
C ILE A 24 0.53 -6.83 6.37
N THR A 25 -0.57 -7.49 6.04
CA THR A 25 -0.82 -8.82 6.54
C THR A 25 -1.10 -9.78 5.39
N LYS A 26 -1.42 -11.02 5.72
CA LYS A 26 -1.70 -12.05 4.73
C LYS A 26 -3.17 -12.02 4.29
N GLU A 27 -3.84 -10.90 4.51
CA GLU A 27 -5.25 -10.79 4.14
C GLU A 27 -5.71 -9.35 3.95
N CYS A 28 -5.11 -8.42 4.70
CA CYS A 28 -5.55 -7.04 4.65
C CYS A 28 -4.41 -6.05 4.81
N VAL A 29 -4.71 -4.79 4.50
CA VAL A 29 -3.76 -3.69 4.66
C VAL A 29 -4.39 -2.62 5.55
N MET A 30 -3.86 -2.46 6.74
CA MET A 30 -4.40 -1.49 7.69
C MET A 30 -3.47 -0.28 7.82
N ARG A 31 -4.06 0.89 7.96
CA ARG A 31 -3.29 2.11 8.14
C ARG A 31 -3.39 2.58 9.59
N VAL A 32 -2.27 2.55 10.29
CA VAL A 32 -2.23 2.93 11.68
C VAL A 32 -1.66 4.34 11.83
N ASP A 33 -2.27 5.14 12.71
CA ASP A 33 -1.80 6.48 12.96
C ASP A 33 -0.55 6.45 13.83
N GLU A 34 0.44 7.26 13.48
CA GLU A 34 1.72 7.23 14.17
C GLU A 34 1.64 7.96 15.52
N LYS A 35 0.64 8.79 15.69
CA LYS A 35 0.49 9.55 16.93
C LYS A 35 -0.42 8.84 17.90
N THR A 36 -1.59 8.45 17.44
CA THR A 36 -2.59 7.82 18.28
C THR A 36 -2.36 6.31 18.37
N LYS A 37 -1.62 5.77 17.40
CA LYS A 37 -1.33 4.33 17.33
C LYS A 37 -2.61 3.53 17.11
N GLU A 38 -3.58 4.15 16.45
CA GLU A 38 -4.86 3.53 16.17
C GLU A 38 -5.03 3.27 14.68
N VAL A 39 -5.86 2.30 14.34
CA VAL A 39 -6.10 1.95 12.95
C VAL A 39 -7.19 2.84 12.34
N ILE A 40 -6.85 3.50 11.24
CA ILE A 40 -7.78 4.40 10.58
C ILE A 40 -8.61 3.65 9.53
N GLN A 41 -7.92 3.09 8.55
CA GLN A 41 -8.59 2.42 7.44
C GLN A 41 -7.91 1.08 7.14
N GLU A 42 -8.71 0.11 6.72
CA GLU A 42 -8.20 -1.21 6.40
C GLU A 42 -8.82 -1.71 5.09
N TRP A 43 -8.00 -2.23 4.20
CA TRP A 43 -8.49 -2.81 2.95
C TRP A 43 -8.15 -4.29 2.89
N SER A 44 -8.95 -5.05 2.16
CA SER A 44 -8.66 -6.45 1.92
C SER A 44 -7.75 -6.58 0.71
N LEU A 45 -6.84 -7.56 0.73
CA LEU A 45 -5.95 -7.80 -0.40
C LEU A 45 -6.74 -8.21 -1.63
N THR A 46 -7.92 -8.76 -1.38
CA THR A 46 -8.82 -9.20 -2.44
C THR A 46 -9.52 -8.02 -3.11
N ASN A 47 -9.30 -6.82 -2.57
CA ASN A 47 -9.93 -5.61 -3.09
C ASN A 47 -8.89 -4.70 -3.72
N ILE A 48 -7.67 -5.21 -3.87
CA ILE A 48 -6.61 -4.45 -4.50
C ILE A 48 -6.63 -4.67 -6.01
N LYS A 49 -6.55 -3.59 -6.76
CA LYS A 49 -6.59 -3.67 -8.21
C LYS A 49 -5.16 -3.75 -8.76
N ARG A 50 -4.30 -2.88 -8.25
CA ARG A 50 -2.89 -2.87 -8.62
C ARG A 50 -2.13 -1.89 -7.73
N TRP A 51 -0.83 -2.07 -7.60
CA TRP A 51 -0.03 -1.18 -6.78
C TRP A 51 1.23 -0.74 -7.49
N ALA A 52 1.83 0.33 -7.00
CA ALA A 52 3.05 0.89 -7.55
C ALA A 52 4.11 1.01 -6.47
N ALA A 53 5.29 0.48 -6.74
CA ALA A 53 6.36 0.48 -5.78
C ALA A 53 7.65 0.99 -6.40
N SER A 54 8.27 1.95 -5.74
CA SER A 54 9.53 2.51 -6.20
C SER A 54 10.44 2.78 -5.00
N PRO A 55 11.74 2.94 -5.23
CA PRO A 55 12.71 3.26 -4.16
C PRO A 55 12.61 4.73 -3.72
N LYS A 56 11.39 5.26 -3.75
CA LYS A 56 11.16 6.66 -3.42
C LYS A 56 9.74 6.86 -2.92
N SER A 57 8.80 6.12 -3.49
CA SER A 57 7.39 6.28 -3.12
C SER A 57 6.65 4.96 -3.28
N PHE A 58 5.42 4.94 -2.77
CA PHE A 58 4.55 3.78 -2.88
C PHE A 58 3.13 4.23 -3.18
N THR A 59 2.41 3.48 -3.99
CA THR A 59 1.06 3.84 -4.37
C THR A 59 0.16 2.61 -4.47
N LEU A 60 -1.04 2.72 -3.91
CA LEU A 60 -2.03 1.66 -4.01
C LEU A 60 -3.22 2.12 -4.85
N ASP A 61 -3.64 1.28 -5.78
CA ASP A 61 -4.83 1.55 -6.57
C ASP A 61 -5.88 0.47 -6.34
N PHE A 62 -7.03 0.88 -5.83
CA PHE A 62 -8.12 -0.05 -5.60
C PHE A 62 -9.17 0.12 -6.68
N GLY A 63 -8.86 1.01 -7.61
CA GLY A 63 -9.65 1.19 -8.82
C GLY A 63 -11.12 1.47 -8.59
N ASP A 64 -11.91 0.43 -8.67
CA ASP A 64 -13.35 0.56 -8.67
C ASP A 64 -13.91 0.32 -7.27
N TYR A 65 -13.01 0.13 -6.31
CA TYR A 65 -13.42 -0.14 -4.94
C TYR A 65 -13.65 1.17 -4.18
N GLN A 66 -12.85 2.19 -4.47
CA GLN A 66 -13.02 3.48 -3.80
C GLN A 66 -12.51 4.61 -4.70
N ASP A 67 -12.71 5.84 -4.25
CA ASP A 67 -12.34 7.02 -5.03
C ASP A 67 -10.91 7.46 -4.72
N GLY A 68 -10.07 7.45 -5.76
CA GLY A 68 -8.72 7.96 -5.62
C GLY A 68 -7.69 6.85 -5.48
N TYR A 69 -6.44 7.24 -5.36
CA TYR A 69 -5.36 6.30 -5.12
C TYR A 69 -4.79 6.51 -3.74
N TYR A 70 -3.79 5.73 -3.38
CA TYR A 70 -3.09 5.91 -2.12
C TYR A 70 -1.61 6.15 -2.39
N SER A 71 -1.20 7.40 -2.41
CA SER A 71 0.16 7.78 -2.73
C SER A 71 0.91 8.24 -1.48
N VAL A 72 1.98 7.53 -1.15
CA VAL A 72 2.82 7.89 -0.01
C VAL A 72 4.28 7.87 -0.39
N GLN A 73 5.11 8.46 0.44
CA GLN A 73 6.54 8.51 0.20
C GLN A 73 7.24 7.47 1.06
N THR A 74 8.18 6.74 0.47
CA THR A 74 8.94 5.74 1.19
C THR A 74 9.93 5.03 0.27
N THR A 75 11.16 4.90 0.72
CA THR A 75 12.18 4.19 -0.02
C THR A 75 11.99 2.67 0.11
N GLU A 76 11.12 2.28 1.03
CA GLU A 76 10.84 0.87 1.27
C GLU A 76 9.58 0.43 0.52
N GLY A 77 9.18 1.25 -0.45
CA GLY A 77 7.99 0.96 -1.23
C GLY A 77 8.02 -0.41 -1.88
N GLU A 78 9.18 -0.79 -2.43
CA GLU A 78 9.32 -2.08 -3.08
C GLU A 78 9.22 -3.21 -2.06
N GLN A 79 9.80 -3.00 -0.88
CA GLN A 79 9.73 -3.99 0.20
C GLN A 79 8.29 -4.21 0.62
N ILE A 80 7.51 -3.14 0.62
CA ILE A 80 6.08 -3.24 0.95
C ILE A 80 5.36 -4.07 -0.09
N ALA A 81 5.53 -3.70 -1.35
CA ALA A 81 4.87 -4.37 -2.47
C ALA A 81 5.26 -5.83 -2.55
N GLN A 82 6.55 -6.10 -2.34
CA GLN A 82 7.07 -7.45 -2.39
C GLN A 82 6.43 -8.30 -1.28
N LEU A 83 6.17 -7.67 -0.14
CA LEU A 83 5.55 -8.38 0.98
C LEU A 83 4.09 -8.67 0.65
N ILE A 84 3.39 -7.69 0.08
CA ILE A 84 2.01 -7.87 -0.35
C ILE A 84 1.91 -9.01 -1.35
N ALA A 85 2.75 -8.95 -2.38
CA ALA A 85 2.78 -9.98 -3.40
C ALA A 85 3.17 -11.33 -2.80
N GLY A 86 4.06 -11.30 -1.81
CA GLY A 86 4.48 -12.51 -1.14
C GLY A 86 3.33 -13.21 -0.45
N TYR A 87 2.58 -12.48 0.36
CA TYR A 87 1.41 -13.04 1.04
C TYR A 87 0.35 -13.45 0.04
N ILE A 88 0.11 -12.59 -0.94
CA ILE A 88 -0.88 -12.85 -1.97
C ILE A 88 -0.57 -14.12 -2.74
N ASP A 89 0.70 -14.34 -3.06
CA ASP A 89 1.13 -15.55 -3.76
C ASP A 89 0.79 -16.80 -2.94
N ILE A 90 0.76 -16.63 -1.62
CA ILE A 90 0.38 -17.71 -0.72
C ILE A 90 -1.13 -17.96 -0.76
N ILE A 91 -1.89 -16.90 -1.01
CA ILE A 91 -3.34 -16.97 -1.01
C ILE A 91 -3.85 -17.76 -2.21
N LEU A 92 -3.20 -17.61 -3.37
CA LEU A 92 -3.59 -18.35 -4.56
C LEU A 92 -3.42 -19.85 -4.33
N GLY B 1 3.13 -13.86 -18.40
CA GLY B 1 2.94 -13.92 -19.87
C GLY B 1 3.02 -12.55 -20.52
N ARG B 2 2.66 -11.52 -19.77
CA ARG B 2 2.65 -10.16 -20.29
C ARG B 2 3.72 -9.31 -19.59
N SER B 3 4.65 -8.73 -20.35
CA SER B 3 5.67 -7.85 -19.77
C SER B 3 5.02 -6.62 -19.17
N LYS B 4 5.20 -6.44 -17.87
CA LYS B 4 4.57 -5.34 -17.14
C LYS B 4 5.36 -5.07 -15.87
N GLU B 5 6.67 -5.11 -16.01
CA GLU B 5 7.58 -4.90 -14.91
C GLU B 5 7.77 -3.40 -14.68
N SER B 6 7.82 -2.99 -13.42
CA SER B 6 8.01 -1.59 -13.03
C SER B 6 6.75 -0.76 -13.35
N GLY B 7 6.55 0.30 -12.60
CA GLY B 7 5.39 1.15 -12.81
C GLY B 7 4.19 0.65 -12.03
N TRP B 8 3.69 -0.53 -12.40
CA TRP B 8 2.51 -1.11 -11.77
C TRP B 8 2.65 -2.62 -11.65
N VAL B 9 2.16 -3.15 -10.55
CA VAL B 9 2.15 -4.59 -10.32
C VAL B 9 0.69 -5.08 -10.25
N GLU B 10 0.38 -6.05 -11.10
CA GLU B 10 -0.99 -6.54 -11.22
C GLU B 10 -1.18 -7.82 -10.41
N ASN B 11 -2.19 -7.81 -9.55
CA ASN B 11 -2.51 -8.98 -8.73
C ASN B 11 -3.71 -9.74 -9.31
N GLU B 12 -3.88 -10.98 -8.86
CA GLU B 12 -4.89 -11.85 -9.46
C GLU B 12 -6.13 -11.99 -8.61
N ILE B 13 -6.20 -11.20 -7.58
CA ILE B 13 -7.37 -11.23 -6.69
C ILE B 13 -8.03 -9.85 -6.60
N TYR B 14 -9.01 -9.59 -7.45
CA TYR B 14 -9.78 -8.36 -7.36
C TYR B 14 -11.26 -8.68 -7.48
N TYR B 15 -11.93 -8.72 -6.34
CA TYR B 15 -13.31 -9.13 -6.28
C TYR B 15 -14.24 -7.95 -6.53
N GLY A 1 5.29 -12.00 10.18
CA GLY A 1 4.75 -11.18 11.28
C GLY A 1 4.00 -9.98 10.75
N VAL A 2 3.71 -9.03 11.63
CA VAL A 2 3.04 -7.80 11.23
C VAL A 2 4.07 -6.74 10.83
N SER A 3 4.31 -6.63 9.54
CA SER A 3 5.31 -5.71 9.03
C SER A 3 4.73 -4.31 8.89
N PHE A 4 5.17 -3.40 9.75
CA PHE A 4 4.74 -2.02 9.70
C PHE A 4 5.80 -1.15 9.05
N PHE A 5 5.40 -0.44 8.01
CA PHE A 5 6.32 0.47 7.32
C PHE A 5 5.95 1.90 7.65
N LEU A 6 6.95 2.73 7.89
CA LEU A 6 6.72 4.12 8.24
C LEU A 6 6.66 4.97 6.97
N VAL A 7 5.44 5.27 6.55
CA VAL A 7 5.24 6.04 5.32
C VAL A 7 4.73 7.43 5.65
N LYS A 8 4.64 8.28 4.64
CA LYS A 8 4.12 9.63 4.83
C LYS A 8 2.99 9.89 3.85
N GLU A 9 1.83 10.27 4.38
CA GLU A 9 0.66 10.51 3.56
C GLU A 9 0.45 11.98 3.26
N LYS A 10 0.41 12.33 1.99
CA LYS A 10 0.02 13.68 1.58
C LYS A 10 -1.49 13.79 1.61
N MET A 11 -2.02 14.27 2.72
CA MET A 11 -3.46 14.34 2.92
C MET A 11 -3.98 15.74 2.63
N LYS A 12 -5.27 15.82 2.33
CA LYS A 12 -5.92 17.10 2.06
C LYS A 12 -5.89 18.00 3.29
N GLY A 13 -6.04 19.30 3.07
CA GLY A 13 -6.10 20.23 4.18
C GLY A 13 -4.78 20.96 4.38
N LYS A 14 -3.69 20.24 4.26
CA LYS A 14 -2.37 20.83 4.46
C LYS A 14 -1.35 20.23 3.51
N ASN A 15 -0.22 20.89 3.44
CA ASN A 15 0.86 20.50 2.55
C ASN A 15 1.90 19.69 3.31
N LYS A 16 1.47 19.07 4.39
CA LYS A 16 2.34 18.29 5.24
C LYS A 16 2.01 16.81 5.12
N LEU A 17 3.04 15.99 4.96
CA LEU A 17 2.86 14.54 4.87
C LEU A 17 2.93 13.92 6.25
N VAL A 18 1.86 13.27 6.66
CA VAL A 18 1.76 12.71 7.99
C VAL A 18 2.34 11.30 8.03
N PRO A 19 3.21 11.02 9.03
CA PRO A 19 3.78 9.68 9.24
C PRO A 19 2.69 8.66 9.57
N ARG A 20 2.69 7.56 8.85
CA ARG A 20 1.68 6.53 9.04
C ARG A 20 2.35 5.15 9.08
N LEU A 21 1.82 4.29 9.94
CA LEU A 21 2.31 2.92 10.03
C LEU A 21 1.51 2.02 9.10
N LEU A 22 2.09 1.73 7.95
CA LEU A 22 1.44 0.87 6.97
C LEU A 22 1.72 -0.59 7.31
N GLY A 23 0.70 -1.27 7.83
CA GLY A 23 0.85 -2.64 8.22
C GLY A 23 0.38 -3.60 7.14
N ILE A 24 1.27 -4.47 6.71
CA ILE A 24 0.93 -5.46 5.70
C ILE A 24 0.79 -6.84 6.33
N THR A 25 -0.40 -7.40 6.26
CA THR A 25 -0.66 -8.72 6.83
C THR A 25 -1.11 -9.70 5.75
N LYS A 26 -1.29 -10.96 6.13
CA LYS A 26 -1.55 -12.03 5.17
C LYS A 26 -2.90 -11.90 4.49
N GLU A 27 -3.80 -11.13 5.08
CA GLU A 27 -5.15 -11.04 4.57
C GLU A 27 -5.58 -9.60 4.26
N CYS A 28 -4.93 -8.62 4.87
CA CYS A 28 -5.34 -7.23 4.67
C CYS A 28 -4.19 -6.24 4.88
N VAL A 29 -4.46 -4.99 4.55
CA VAL A 29 -3.53 -3.88 4.71
C VAL A 29 -4.19 -2.79 5.56
N MET A 30 -3.63 -2.52 6.73
CA MET A 30 -4.23 -1.55 7.64
C MET A 30 -3.37 -0.32 7.81
N ARG A 31 -4.00 0.85 7.76
CA ARG A 31 -3.31 2.11 8.01
C ARG A 31 -3.35 2.43 9.49
N VAL A 32 -2.26 2.19 10.18
CA VAL A 32 -2.17 2.50 11.59
C VAL A 32 -1.56 3.88 11.79
N ASP A 33 -2.26 4.73 12.50
CA ASP A 33 -1.78 6.08 12.79
C ASP A 33 -0.54 6.02 13.68
N GLU A 34 0.55 6.62 13.23
CA GLU A 34 1.78 6.64 14.00
C GLU A 34 1.59 7.41 15.30
N LYS A 35 0.65 8.36 15.27
CA LYS A 35 0.37 9.20 16.42
C LYS A 35 -0.41 8.44 17.49
N THR A 36 -1.66 8.09 17.18
CA THR A 36 -2.56 7.47 18.16
C THR A 36 -2.41 5.96 18.19
N LYS A 37 -1.74 5.41 17.18
CA LYS A 37 -1.55 3.96 17.03
C LYS A 37 -2.88 3.25 16.73
N GLU A 38 -3.81 4.00 16.16
CA GLU A 38 -5.11 3.44 15.82
C GLU A 38 -5.23 3.20 14.31
N VAL A 39 -5.92 2.14 13.95
CA VAL A 39 -6.15 1.81 12.55
C VAL A 39 -7.20 2.73 11.96
N ILE A 40 -6.77 3.63 11.08
CA ILE A 40 -7.68 4.59 10.47
C ILE A 40 -8.57 3.89 9.44
N GLN A 41 -7.96 3.11 8.57
CA GLN A 41 -8.69 2.39 7.55
C GLN A 41 -7.95 1.12 7.14
N GLU A 42 -8.69 0.05 6.96
CA GLU A 42 -8.13 -1.22 6.56
C GLU A 42 -8.67 -1.64 5.20
N TRP A 43 -7.80 -2.16 4.35
CA TRP A 43 -8.19 -2.68 3.06
C TRP A 43 -7.89 -4.17 2.97
N SER A 44 -8.86 -4.94 2.54
CA SER A 44 -8.61 -6.35 2.24
C SER A 44 -7.75 -6.44 0.98
N LEU A 45 -6.90 -7.45 0.92
CA LEU A 45 -6.03 -7.66 -0.24
C LEU A 45 -6.87 -7.92 -1.49
N THR A 46 -8.09 -8.38 -1.27
CA THR A 46 -9.02 -8.66 -2.34
C THR A 46 -9.51 -7.38 -3.03
N ASN A 47 -9.27 -6.23 -2.40
CA ASN A 47 -9.75 -4.96 -2.92
C ASN A 47 -8.70 -4.28 -3.79
N ILE A 48 -7.51 -4.86 -3.82
CA ILE A 48 -6.39 -4.25 -4.51
C ILE A 48 -6.37 -4.64 -5.99
N LYS A 49 -6.17 -3.66 -6.86
CA LYS A 49 -6.07 -3.93 -8.30
C LYS A 49 -4.61 -4.03 -8.72
N ARG A 50 -3.85 -3.00 -8.41
CA ARG A 50 -2.43 -2.94 -8.74
C ARG A 50 -1.71 -2.00 -7.78
N TRP A 51 -0.39 -2.12 -7.72
CA TRP A 51 0.40 -1.23 -6.89
C TRP A 51 1.67 -0.78 -7.62
N ALA A 52 2.01 0.48 -7.43
CA ALA A 52 3.21 1.05 -8.02
C ALA A 52 4.31 1.14 -7.00
N ALA A 53 5.31 0.29 -7.17
CA ALA A 53 6.43 0.23 -6.25
C ALA A 53 7.57 1.12 -6.72
N SER A 54 7.88 2.13 -5.93
CA SER A 54 8.99 3.01 -6.20
C SER A 54 9.72 3.37 -4.91
N PRO A 55 11.04 3.52 -4.97
CA PRO A 55 11.87 3.82 -3.79
C PRO A 55 11.68 5.24 -3.28
N LYS A 56 10.88 6.02 -4.00
CA LYS A 56 10.59 7.39 -3.60
C LYS A 56 9.18 7.48 -3.02
N SER A 57 8.27 6.70 -3.57
CA SER A 57 6.87 6.74 -3.16
C SER A 57 6.15 5.48 -3.60
N PHE A 58 5.28 4.96 -2.75
CA PHE A 58 4.52 3.78 -3.06
C PHE A 58 3.06 4.18 -3.31
N THR A 59 2.45 3.64 -4.36
CA THR A 59 1.09 3.98 -4.70
C THR A 59 0.22 2.74 -4.88
N LEU A 60 -0.79 2.60 -4.04
CA LEU A 60 -1.76 1.51 -4.17
C LEU A 60 -2.92 1.94 -5.05
N ASP A 61 -3.34 1.05 -5.95
CA ASP A 61 -4.50 1.30 -6.78
C ASP A 61 -5.55 0.25 -6.51
N PHE A 62 -6.76 0.70 -6.21
CA PHE A 62 -7.86 -0.19 -5.91
C PHE A 62 -8.85 -0.18 -7.06
N GLY A 63 -8.45 0.43 -8.18
CA GLY A 63 -9.25 0.42 -9.38
C GLY A 63 -10.60 1.09 -9.23
N ASP A 64 -11.63 0.28 -9.03
CA ASP A 64 -12.99 0.78 -8.96
C ASP A 64 -13.53 0.60 -7.54
N TYR A 65 -12.62 0.39 -6.59
CA TYR A 65 -12.99 0.21 -5.20
C TYR A 65 -13.12 1.56 -4.49
N GLN A 66 -12.03 2.33 -4.48
CA GLN A 66 -12.07 3.64 -3.83
C GLN A 66 -11.67 4.74 -4.81
N ASP A 67 -12.12 5.95 -4.52
CA ASP A 67 -11.80 7.12 -5.33
C ASP A 67 -10.40 7.61 -5.00
N GLY A 68 -9.58 7.76 -6.03
CA GLY A 68 -8.22 8.23 -5.83
C GLY A 68 -7.25 7.09 -5.59
N TYR A 69 -5.97 7.43 -5.47
CA TYR A 69 -4.93 6.44 -5.22
C TYR A 69 -4.42 6.55 -3.80
N TYR A 70 -3.51 5.66 -3.44
CA TYR A 70 -2.89 5.68 -2.14
C TYR A 70 -1.38 5.83 -2.30
N SER A 71 -0.94 7.07 -2.42
CA SER A 71 0.46 7.37 -2.62
C SER A 71 1.10 7.84 -1.31
N VAL A 72 2.09 7.10 -0.85
CA VAL A 72 2.78 7.42 0.39
C VAL A 72 4.29 7.49 0.16
N GLN A 73 4.93 8.43 0.83
CA GLN A 73 6.37 8.60 0.72
C GLN A 73 7.09 7.54 1.53
N THR A 74 7.95 6.78 0.87
CA THR A 74 8.68 5.70 1.50
C THR A 74 9.83 5.25 0.62
N THR A 75 10.93 4.83 1.23
CA THR A 75 12.07 4.33 0.49
C THR A 75 12.00 2.82 0.36
N GLU A 76 11.04 2.22 1.05
CA GLU A 76 10.91 0.76 1.11
C GLU A 76 9.64 0.30 0.40
N GLY A 77 9.17 1.12 -0.55
CA GLY A 77 7.96 0.81 -1.28
C GLY A 77 8.04 -0.50 -2.04
N GLU A 78 9.24 -0.84 -2.52
CA GLU A 78 9.45 -2.08 -3.24
C GLU A 78 9.23 -3.28 -2.32
N GLN A 79 9.72 -3.17 -1.09
CA GLN A 79 9.56 -4.23 -0.11
C GLN A 79 8.09 -4.39 0.27
N ILE A 80 7.38 -3.27 0.37
CA ILE A 80 5.96 -3.29 0.64
C ILE A 80 5.21 -4.03 -0.46
N ALA A 81 5.52 -3.68 -1.70
CA ALA A 81 4.91 -4.31 -2.86
C ALA A 81 5.15 -5.81 -2.88
N GLN A 82 6.40 -6.21 -2.67
CA GLN A 82 6.79 -7.60 -2.68
C GLN A 82 6.10 -8.36 -1.55
N LEU A 83 5.88 -7.67 -0.44
CA LEU A 83 5.27 -8.27 0.73
C LEU A 83 3.80 -8.58 0.47
N ILE A 84 3.09 -7.64 -0.15
CA ILE A 84 1.69 -7.84 -0.49
C ILE A 84 1.55 -9.02 -1.44
N ALA A 85 2.36 -9.01 -2.50
CA ALA A 85 2.35 -10.10 -3.48
C ALA A 85 2.66 -11.43 -2.82
N GLY A 86 3.54 -11.41 -1.83
CA GLY A 86 3.91 -12.62 -1.11
C GLY A 86 2.75 -13.18 -0.31
N TYR A 87 2.08 -12.33 0.45
CA TYR A 87 0.93 -12.75 1.23
C TYR A 87 -0.21 -13.17 0.32
N ILE A 88 -0.41 -12.41 -0.75
CA ILE A 88 -1.43 -12.71 -1.74
C ILE A 88 -1.23 -14.10 -2.34
N ASP A 89 0.01 -14.40 -2.72
CA ASP A 89 0.32 -15.68 -3.36
C ASP A 89 -0.05 -16.84 -2.44
N ILE A 90 0.03 -16.61 -1.14
CA ILE A 90 -0.34 -17.61 -0.15
C ILE A 90 -1.85 -17.87 -0.17
N ILE A 91 -2.62 -16.85 -0.54
CA ILE A 91 -4.07 -16.96 -0.55
C ILE A 91 -4.54 -17.84 -1.71
N LEU A 92 -3.80 -17.81 -2.83
CA LEU A 92 -4.14 -18.63 -3.98
C LEU A 92 -3.99 -20.12 -3.66
N GLY B 1 11.92 6.15 -18.36
CA GLY B 1 12.35 4.99 -19.18
C GLY B 1 11.83 5.08 -20.59
N ARG B 2 11.87 3.96 -21.32
CA ARG B 2 11.48 3.96 -22.72
C ARG B 2 10.80 2.66 -23.13
N SER B 3 11.11 1.58 -22.43
CA SER B 3 10.59 0.27 -22.80
C SER B 3 9.28 -0.02 -22.07
N LYS B 4 8.21 0.68 -22.48
CA LYS B 4 6.86 0.57 -21.88
C LYS B 4 6.91 0.34 -20.37
N GLU B 5 7.00 1.44 -19.64
CA GLU B 5 7.18 1.40 -18.20
C GLU B 5 5.94 0.89 -17.48
N SER B 6 5.96 -0.39 -17.12
CA SER B 6 4.92 -0.95 -16.29
C SER B 6 5.42 -1.04 -14.85
N GLY B 7 5.06 -0.04 -14.06
CA GLY B 7 5.45 -0.02 -12.67
C GLY B 7 4.33 -0.46 -11.78
N TRP B 8 3.37 -1.14 -12.36
CA TRP B 8 2.16 -1.54 -11.67
C TRP B 8 2.06 -3.05 -11.59
N VAL B 9 2.34 -3.56 -10.41
CA VAL B 9 2.21 -5.00 -10.17
C VAL B 9 0.79 -5.27 -9.72
N GLU B 10 0.10 -6.17 -10.40
CA GLU B 10 -1.31 -6.31 -10.18
C GLU B 10 -1.69 -7.63 -9.50
N ASN B 11 -2.98 -7.72 -9.19
CA ASN B 11 -3.48 -8.69 -8.23
C ASN B 11 -4.54 -9.59 -8.85
N GLU B 12 -4.41 -10.90 -8.63
CA GLU B 12 -5.29 -11.89 -9.23
C GLU B 12 -6.56 -12.08 -8.45
N ILE B 13 -6.66 -11.40 -7.33
CA ILE B 13 -7.85 -11.50 -6.50
C ILE B 13 -8.56 -10.16 -6.37
N TYR B 14 -8.38 -9.31 -7.37
CA TYR B 14 -9.09 -8.05 -7.41
C TYR B 14 -10.58 -8.28 -7.69
N TYR B 15 -11.41 -7.87 -6.75
CA TYR B 15 -12.84 -7.98 -6.90
C TYR B 15 -13.40 -6.74 -7.60
N GLY A 1 3.94 -13.30 9.73
CA GLY A 1 4.16 -12.09 8.90
C GLY A 1 3.75 -10.83 9.62
N VAL A 2 3.04 -9.94 8.91
CA VAL A 2 2.52 -8.69 9.46
C VAL A 2 3.66 -7.72 9.76
N SER A 3 4.08 -6.99 8.75
CA SER A 3 5.16 -6.02 8.87
C SER A 3 4.62 -4.59 8.89
N PHE A 4 5.32 -3.71 9.60
CA PHE A 4 4.93 -2.30 9.68
C PHE A 4 6.01 -1.42 9.08
N PHE A 5 5.60 -0.45 8.27
CA PHE A 5 6.51 0.49 7.65
C PHE A 5 6.13 1.91 8.02
N LEU A 6 7.12 2.76 8.26
CA LEU A 6 6.87 4.16 8.54
C LEU A 6 6.88 4.97 7.25
N VAL A 7 5.70 5.31 6.78
CA VAL A 7 5.56 6.04 5.52
C VAL A 7 4.99 7.43 5.76
N LYS A 8 4.92 8.22 4.70
CA LYS A 8 4.36 9.56 4.79
C LYS A 8 3.25 9.74 3.75
N GLU A 9 2.02 9.87 4.21
CA GLU A 9 0.88 10.07 3.32
C GLU A 9 0.86 11.49 2.79
N LYS A 10 0.96 11.65 1.49
CA LYS A 10 0.78 12.94 0.88
C LYS A 10 -0.68 13.17 0.56
N MET A 11 -1.33 13.97 1.38
CA MET A 11 -2.72 14.32 1.19
C MET A 11 -2.85 15.81 0.99
N LYS A 12 -4.03 16.24 0.55
CA LYS A 12 -4.34 17.66 0.48
C LYS A 12 -4.66 18.17 1.88
N GLY A 13 -5.03 19.44 1.98
CA GLY A 13 -5.31 20.02 3.27
C GLY A 13 -4.09 20.70 3.87
N LYS A 14 -2.93 20.23 3.43
CA LYS A 14 -1.65 20.80 3.82
C LYS A 14 -0.54 20.26 2.93
N ASN A 15 0.69 20.66 3.20
CA ASN A 15 1.84 20.19 2.42
C ASN A 15 2.71 19.27 3.25
N LYS A 16 2.27 19.00 4.46
CA LYS A 16 2.98 18.10 5.34
C LYS A 16 2.52 16.66 5.10
N LEU A 17 3.46 15.79 4.77
CA LEU A 17 3.14 14.39 4.54
C LEU A 17 2.99 13.68 5.88
N VAL A 18 1.81 13.12 6.10
CA VAL A 18 1.44 12.55 7.39
C VAL A 18 2.14 11.22 7.62
N PRO A 19 2.96 11.13 8.69
CA PRO A 19 3.61 9.87 9.08
C PRO A 19 2.58 8.82 9.48
N ARG A 20 2.60 7.70 8.78
CA ARG A 20 1.64 6.64 9.03
C ARG A 20 2.36 5.30 9.17
N LEU A 21 1.80 4.42 9.98
CA LEU A 21 2.33 3.08 10.14
C LEU A 21 1.58 2.13 9.23
N LEU A 22 2.24 1.68 8.18
CA LEU A 22 1.62 0.78 7.23
C LEU A 22 1.65 -0.64 7.75
N GLY A 23 0.47 -1.22 7.92
CA GLY A 23 0.40 -2.58 8.37
C GLY A 23 0.01 -3.53 7.26
N ILE A 24 0.97 -4.31 6.79
CA ILE A 24 0.71 -5.30 5.75
C ILE A 24 0.59 -6.67 6.38
N THR A 25 -0.62 -7.22 6.37
CA THR A 25 -0.86 -8.54 6.92
C THR A 25 -1.08 -9.52 5.78
N LYS A 26 -1.36 -10.78 6.11
CA LYS A 26 -1.52 -11.81 5.11
C LYS A 26 -2.90 -11.74 4.45
N GLU A 27 -3.70 -10.76 4.88
CA GLU A 27 -5.08 -10.69 4.44
C GLU A 27 -5.53 -9.25 4.17
N CYS A 28 -4.98 -8.28 4.89
CA CYS A 28 -5.42 -6.90 4.75
C CYS A 28 -4.29 -5.90 4.91
N VAL A 29 -4.48 -4.73 4.29
CA VAL A 29 -3.60 -3.60 4.45
C VAL A 29 -4.29 -2.56 5.33
N MET A 30 -3.73 -2.30 6.50
CA MET A 30 -4.35 -1.40 7.45
C MET A 30 -3.51 -0.14 7.66
N ARG A 31 -4.17 1.00 7.73
CA ARG A 31 -3.49 2.26 7.99
C ARG A 31 -3.54 2.59 9.47
N VAL A 32 -2.45 2.32 10.17
CA VAL A 32 -2.36 2.66 11.58
C VAL A 32 -1.71 4.02 11.73
N ASP A 33 -2.41 4.96 12.35
CA ASP A 33 -1.88 6.30 12.52
C ASP A 33 -0.67 6.26 13.44
N GLU A 34 0.37 7.00 13.08
CA GLU A 34 1.60 7.03 13.85
C GLU A 34 1.39 7.83 15.13
N LYS A 35 0.65 8.92 15.02
CA LYS A 35 0.44 9.84 16.14
C LYS A 35 -0.54 9.26 17.16
N THR A 36 -1.74 8.94 16.70
CA THR A 36 -2.81 8.50 17.58
C THR A 36 -2.79 6.98 17.79
N LYS A 37 -2.00 6.29 16.98
CA LYS A 37 -1.88 4.82 17.04
C LYS A 37 -3.24 4.16 16.80
N GLU A 38 -4.05 4.79 15.96
CA GLU A 38 -5.37 4.28 15.65
C GLU A 38 -5.42 3.73 14.24
N VAL A 39 -6.03 2.56 14.09
CA VAL A 39 -6.25 1.99 12.77
C VAL A 39 -7.38 2.73 12.08
N ILE A 40 -7.02 3.58 11.14
CA ILE A 40 -7.98 4.45 10.47
C ILE A 40 -8.80 3.68 9.45
N GLN A 41 -8.13 3.11 8.46
CA GLN A 41 -8.81 2.44 7.37
C GLN A 41 -8.08 1.14 7.03
N GLU A 42 -8.85 0.13 6.65
CA GLU A 42 -8.29 -1.19 6.37
C GLU A 42 -8.87 -1.75 5.06
N TRP A 43 -8.00 -2.30 4.22
CA TRP A 43 -8.42 -2.88 2.95
C TRP A 43 -7.94 -4.32 2.83
N SER A 44 -8.84 -5.21 2.50
CA SER A 44 -8.47 -6.59 2.19
C SER A 44 -7.60 -6.62 0.94
N LEU A 45 -6.67 -7.58 0.86
CA LEU A 45 -5.80 -7.71 -0.30
C LEU A 45 -6.62 -7.97 -1.57
N THR A 46 -7.81 -8.51 -1.36
CA THR A 46 -8.75 -8.81 -2.44
C THR A 46 -9.34 -7.51 -3.03
N ASN A 47 -9.11 -6.39 -2.36
CA ASN A 47 -9.67 -5.10 -2.78
C ASN A 47 -8.63 -4.29 -3.54
N ILE A 48 -7.44 -4.84 -3.70
CA ILE A 48 -6.37 -4.16 -4.40
C ILE A 48 -6.52 -4.38 -5.91
N LYS A 49 -6.22 -3.36 -6.69
CA LYS A 49 -6.27 -3.47 -8.15
C LYS A 49 -4.86 -3.50 -8.75
N ARG A 50 -3.99 -2.66 -8.19
CA ARG A 50 -2.62 -2.54 -8.67
C ARG A 50 -1.81 -1.68 -7.72
N TRP A 51 -0.50 -1.86 -7.70
CA TRP A 51 0.36 -1.03 -6.87
C TRP A 51 1.63 -0.64 -7.61
N ALA A 52 2.15 0.52 -7.26
CA ALA A 52 3.37 1.03 -7.85
C ALA A 52 4.49 1.07 -6.83
N ALA A 53 5.48 0.22 -7.03
CA ALA A 53 6.63 0.14 -6.15
C ALA A 53 7.76 1.01 -6.66
N SER A 54 7.94 2.17 -6.05
CA SER A 54 9.01 3.08 -6.41
C SER A 54 9.87 3.38 -5.19
N PRO A 55 11.14 3.76 -5.38
CA PRO A 55 12.06 4.08 -4.28
C PRO A 55 11.76 5.42 -3.63
N LYS A 56 10.77 6.14 -4.17
CA LYS A 56 10.39 7.42 -3.62
C LYS A 56 9.01 7.36 -2.97
N SER A 57 8.12 6.58 -3.58
CA SER A 57 6.74 6.51 -3.11
C SER A 57 6.08 5.21 -3.53
N PHE A 58 5.13 4.75 -2.72
CA PHE A 58 4.37 3.54 -3.02
C PHE A 58 2.90 3.91 -3.21
N THR A 59 2.35 3.53 -4.35
CA THR A 59 0.97 3.88 -4.67
C THR A 59 0.09 2.63 -4.81
N LEU A 60 -0.96 2.56 -4.00
CA LEU A 60 -1.95 1.50 -4.13
C LEU A 60 -3.18 2.02 -4.86
N ASP A 61 -3.68 1.25 -5.81
CA ASP A 61 -4.92 1.56 -6.49
C ASP A 61 -5.97 0.49 -6.15
N PHE A 62 -7.18 0.94 -5.87
CA PHE A 62 -8.25 0.04 -5.47
C PHE A 62 -9.35 0.02 -6.52
N GLY A 63 -9.13 0.77 -7.59
CA GLY A 63 -10.04 0.77 -8.73
C GLY A 63 -11.47 1.16 -8.37
N ASP A 64 -12.33 0.16 -8.29
CA ASP A 64 -13.76 0.38 -8.09
C ASP A 64 -14.12 0.35 -6.62
N TYR A 65 -13.12 0.25 -5.76
CA TYR A 65 -13.37 0.18 -4.33
C TYR A 65 -13.50 1.59 -3.72
N GLN A 66 -12.73 2.52 -4.24
CA GLN A 66 -12.81 3.92 -3.79
C GLN A 66 -12.27 4.85 -4.87
N ASP A 67 -12.46 6.14 -4.66
CA ASP A 67 -11.94 7.14 -5.60
C ASP A 67 -10.57 7.63 -5.14
N GLY A 68 -9.65 7.71 -6.08
CA GLY A 68 -8.32 8.19 -5.77
C GLY A 68 -7.33 7.06 -5.59
N TYR A 69 -6.12 7.40 -5.19
CA TYR A 69 -5.09 6.39 -4.98
C TYR A 69 -4.57 6.47 -3.56
N TYR A 70 -3.67 5.57 -3.22
CA TYR A 70 -3.04 5.55 -1.92
C TYR A 70 -1.53 5.66 -2.09
N SER A 71 -1.04 6.88 -2.18
CA SER A 71 0.38 7.12 -2.40
C SER A 71 1.05 7.60 -1.12
N VAL A 72 2.04 6.84 -0.68
CA VAL A 72 2.79 7.20 0.51
C VAL A 72 4.27 7.30 0.19
N GLN A 73 4.94 8.26 0.82
CA GLN A 73 6.36 8.44 0.62
C GLN A 73 7.13 7.38 1.40
N THR A 74 7.97 6.64 0.69
CA THR A 74 8.75 5.57 1.29
C THR A 74 9.83 5.11 0.33
N THR A 75 10.98 4.74 0.89
CA THR A 75 12.06 4.19 0.10
C THR A 75 11.93 2.67 0.03
N GLU A 76 10.97 2.14 0.77
CA GLU A 76 10.76 0.70 0.85
C GLU A 76 9.55 0.27 0.04
N GLY A 77 9.26 1.02 -1.02
CA GLY A 77 8.12 0.72 -1.88
C GLY A 77 8.18 -0.69 -2.45
N GLU A 78 9.36 -1.10 -2.91
CA GLU A 78 9.54 -2.43 -3.49
C GLU A 78 9.39 -3.49 -2.41
N GLN A 79 9.89 -3.20 -1.22
CA GLN A 79 9.77 -4.09 -0.08
C GLN A 79 8.30 -4.35 0.25
N ILE A 80 7.51 -3.28 0.27
CA ILE A 80 6.08 -3.39 0.54
C ILE A 80 5.39 -4.19 -0.56
N ALA A 81 5.78 -3.93 -1.80
CA ALA A 81 5.24 -4.64 -2.95
C ALA A 81 5.50 -6.13 -2.85
N GLN A 82 6.75 -6.49 -2.57
CA GLN A 82 7.14 -7.88 -2.39
C GLN A 82 6.34 -8.53 -1.26
N LEU A 83 6.10 -7.76 -0.20
CA LEU A 83 5.39 -8.25 0.96
C LEU A 83 3.95 -8.60 0.59
N ILE A 84 3.26 -7.66 -0.05
CA ILE A 84 1.88 -7.88 -0.47
C ILE A 84 1.78 -9.05 -1.44
N ALA A 85 2.65 -9.04 -2.46
CA ALA A 85 2.67 -10.08 -3.47
C ALA A 85 2.97 -11.44 -2.84
N GLY A 86 3.79 -11.45 -1.80
CA GLY A 86 4.11 -12.67 -1.09
C GLY A 86 2.90 -13.29 -0.44
N TYR A 87 2.13 -12.48 0.28
CA TYR A 87 0.91 -12.95 0.94
C TYR A 87 -0.13 -13.35 -0.10
N ILE A 88 -0.23 -12.55 -1.14
CA ILE A 88 -1.13 -12.83 -2.26
C ILE A 88 -0.81 -14.18 -2.89
N ASP A 89 0.47 -14.47 -3.04
CA ASP A 89 0.92 -15.75 -3.58
C ASP A 89 0.42 -16.92 -2.72
N ILE A 90 0.36 -16.69 -1.41
CA ILE A 90 -0.13 -17.70 -0.48
C ILE A 90 -1.63 -17.94 -0.70
N ILE A 91 -2.36 -16.86 -0.95
CA ILE A 91 -3.80 -16.95 -1.16
C ILE A 91 -4.11 -17.61 -2.50
N LEU A 92 -3.26 -17.37 -3.49
CA LEU A 92 -3.43 -17.95 -4.83
C LEU A 92 -3.07 -19.43 -4.82
N GLY B 1 -1.85 -0.93 -16.21
CA GLY B 1 -0.55 -0.98 -16.92
C GLY B 1 -0.71 -1.44 -18.35
N ARG B 2 0.34 -2.02 -18.91
CA ARG B 2 0.31 -2.44 -20.30
C ARG B 2 1.26 -3.62 -20.51
N SER B 3 2.53 -3.40 -20.22
CA SER B 3 3.53 -4.42 -20.40
C SER B 3 4.60 -4.32 -19.33
N LYS B 4 4.17 -4.06 -18.10
CA LYS B 4 5.08 -3.90 -16.97
C LYS B 4 4.80 -4.94 -15.90
N GLU B 5 5.64 -5.96 -15.82
CA GLU B 5 5.59 -6.91 -14.72
C GLU B 5 5.93 -6.21 -13.40
N SER B 6 7.08 -5.56 -13.35
CA SER B 6 7.49 -4.82 -12.16
C SER B 6 7.18 -3.34 -12.33
N GLY B 7 7.30 -2.59 -11.24
CA GLY B 7 6.97 -1.18 -11.26
C GLY B 7 5.50 -0.95 -11.03
N TRP B 8 4.69 -1.43 -11.97
CA TRP B 8 3.24 -1.43 -11.82
C TRP B 8 2.76 -2.86 -11.79
N VAL B 9 2.51 -3.33 -10.59
CA VAL B 9 2.19 -4.73 -10.38
C VAL B 9 0.71 -4.92 -10.15
N GLU B 10 0.09 -5.73 -10.99
CA GLU B 10 -1.34 -5.98 -10.91
C GLU B 10 -1.60 -7.35 -10.31
N ASN B 11 -2.63 -7.41 -9.46
CA ASN B 11 -2.94 -8.64 -8.73
C ASN B 11 -4.01 -9.44 -9.46
N GLU B 12 -4.12 -10.72 -9.11
CA GLU B 12 -5.10 -11.60 -9.75
C GLU B 12 -6.19 -12.02 -8.78
N ILE B 13 -6.33 -11.27 -7.69
CA ILE B 13 -7.42 -11.50 -6.75
C ILE B 13 -8.29 -10.26 -6.60
N TYR B 14 -8.35 -9.46 -7.64
CA TYR B 14 -9.16 -8.25 -7.62
C TYR B 14 -10.60 -8.59 -7.99
N TYR B 15 -11.46 -8.59 -6.99
CA TYR B 15 -12.87 -8.87 -7.19
C TYR B 15 -13.60 -7.60 -7.62
N GLY A 1 4.44 -12.40 10.64
CA GLY A 1 4.75 -11.49 9.51
C GLY A 1 4.00 -10.18 9.59
N VAL A 2 3.99 -9.57 10.76
CA VAL A 2 3.33 -8.28 10.94
C VAL A 2 4.34 -7.16 10.75
N SER A 3 4.49 -6.71 9.52
CA SER A 3 5.49 -5.72 9.19
C SER A 3 4.88 -4.33 9.13
N PHE A 4 5.42 -3.42 9.93
CA PHE A 4 4.98 -2.04 9.94
C PHE A 4 5.97 -1.18 9.17
N PHE A 5 5.49 -0.48 8.16
CA PHE A 5 6.32 0.42 7.38
C PHE A 5 5.92 1.85 7.66
N LEU A 6 6.90 2.70 7.94
CA LEU A 6 6.63 4.09 8.23
C LEU A 6 6.56 4.89 6.94
N VAL A 7 5.35 5.07 6.45
CA VAL A 7 5.15 5.76 5.18
C VAL A 7 4.66 7.18 5.41
N LYS A 8 4.87 8.05 4.43
CA LYS A 8 4.43 9.42 4.51
C LYS A 8 3.26 9.64 3.56
N GLU A 9 2.06 9.75 4.11
CA GLU A 9 0.85 9.90 3.31
C GLU A 9 0.71 11.32 2.80
N LYS A 10 0.74 11.49 1.48
CA LYS A 10 0.47 12.78 0.89
C LYS A 10 -1.01 12.91 0.56
N MET A 11 -1.74 13.52 1.48
CA MET A 11 -3.17 13.74 1.28
C MET A 11 -3.43 15.14 0.78
N LYS A 12 -4.60 15.34 0.20
CA LYS A 12 -4.99 16.61 -0.37
C LYS A 12 -5.29 17.63 0.72
N GLY A 13 -5.24 18.90 0.36
CA GLY A 13 -5.57 19.95 1.31
C GLY A 13 -4.35 20.67 1.83
N LYS A 14 -3.28 19.91 2.05
CA LYS A 14 -2.04 20.48 2.53
C LYS A 14 -0.85 19.76 1.90
N ASN A 15 0.28 20.44 1.87
CA ASN A 15 1.50 19.88 1.28
C ASN A 15 2.30 19.09 2.31
N LYS A 16 1.71 18.90 3.48
CA LYS A 16 2.35 18.13 4.54
C LYS A 16 2.00 16.65 4.41
N LEU A 17 3.02 15.82 4.47
CA LEU A 17 2.82 14.37 4.45
C LEU A 17 2.72 13.85 5.87
N VAL A 18 1.74 12.99 6.11
CA VAL A 18 1.49 12.46 7.44
C VAL A 18 2.11 11.07 7.59
N PRO A 19 2.95 10.89 8.62
CA PRO A 19 3.56 9.60 8.91
C PRO A 19 2.54 8.56 9.37
N ARG A 20 2.51 7.43 8.69
CA ARG A 20 1.58 6.36 9.00
C ARG A 20 2.32 5.04 9.16
N LEU A 21 1.83 4.21 10.05
CA LEU A 21 2.38 2.87 10.22
C LEU A 21 1.59 1.90 9.34
N LEU A 22 2.13 1.60 8.18
CA LEU A 22 1.45 0.73 7.24
C LEU A 22 1.76 -0.72 7.57
N GLY A 23 0.76 -1.41 8.11
CA GLY A 23 0.94 -2.79 8.48
C GLY A 23 0.41 -3.74 7.43
N ILE A 24 1.29 -4.52 6.85
CA ILE A 24 0.90 -5.49 5.83
C ILE A 24 0.74 -6.86 6.44
N THR A 25 -0.46 -7.42 6.36
CA THR A 25 -0.74 -8.74 6.90
C THR A 25 -1.04 -9.72 5.78
N LYS A 26 -1.48 -10.92 6.14
CA LYS A 26 -1.76 -11.97 5.18
C LYS A 26 -3.14 -11.78 4.54
N GLU A 27 -3.84 -10.73 4.92
CA GLU A 27 -5.21 -10.55 4.47
C GLU A 27 -5.56 -9.08 4.24
N CYS A 28 -4.96 -8.18 5.00
CA CYS A 28 -5.35 -6.78 4.92
C CYS A 28 -4.16 -5.82 5.05
N VAL A 29 -4.30 -4.68 4.38
CA VAL A 29 -3.38 -3.57 4.52
C VAL A 29 -3.97 -2.58 5.52
N MET A 30 -3.42 -2.56 6.72
CA MET A 30 -3.99 -1.77 7.80
C MET A 30 -3.17 -0.50 8.05
N ARG A 31 -3.86 0.64 8.04
CA ARG A 31 -3.20 1.93 8.29
C ARG A 31 -3.24 2.28 9.77
N VAL A 32 -2.14 2.07 10.44
CA VAL A 32 -2.04 2.40 11.85
C VAL A 32 -1.56 3.83 12.02
N ASP A 33 -2.33 4.63 12.72
CA ASP A 33 -1.98 6.01 13.00
C ASP A 33 -0.73 6.06 13.87
N GLU A 34 0.22 6.90 13.49
CA GLU A 34 1.49 7.01 14.21
C GLU A 34 1.26 7.52 15.62
N LYS A 35 0.31 8.43 15.75
CA LYS A 35 0.07 9.10 17.02
C LYS A 35 -0.73 8.20 17.98
N THR A 36 -1.92 7.81 17.57
CA THR A 36 -2.83 7.08 18.46
C THR A 36 -2.56 5.58 18.44
N LYS A 37 -1.81 5.13 17.43
CA LYS A 37 -1.46 3.71 17.26
C LYS A 37 -2.70 2.85 16.95
N GLU A 38 -3.77 3.51 16.52
CA GLU A 38 -4.99 2.82 16.12
C GLU A 38 -5.11 2.84 14.60
N VAL A 39 -5.86 1.92 14.02
CA VAL A 39 -6.01 1.92 12.58
C VAL A 39 -7.16 2.82 12.15
N ILE A 40 -6.89 3.61 11.13
CA ILE A 40 -7.88 4.52 10.58
C ILE A 40 -8.66 3.85 9.46
N GLN A 41 -7.97 2.98 8.73
CA GLN A 41 -8.57 2.32 7.59
C GLN A 41 -7.84 1.01 7.30
N GLU A 42 -8.57 0.02 6.79
CA GLU A 42 -7.99 -1.27 6.50
C GLU A 42 -8.50 -1.79 5.15
N TRP A 43 -7.57 -2.13 4.26
CA TRP A 43 -7.95 -2.64 2.94
C TRP A 43 -7.71 -4.14 2.86
N SER A 44 -8.74 -4.90 2.56
CA SER A 44 -8.57 -6.31 2.27
C SER A 44 -7.83 -6.45 0.94
N LEU A 45 -6.91 -7.42 0.87
CA LEU A 45 -6.06 -7.59 -0.32
C LEU A 45 -6.88 -7.82 -1.59
N THR A 46 -8.12 -8.26 -1.41
CA THR A 46 -9.01 -8.55 -2.52
C THR A 46 -9.48 -7.28 -3.23
N ASN A 47 -9.24 -6.14 -2.60
CA ASN A 47 -9.67 -4.85 -3.15
C ASN A 47 -8.50 -4.16 -3.84
N ILE A 48 -7.37 -4.83 -3.88
CA ILE A 48 -6.19 -4.29 -4.50
C ILE A 48 -6.18 -4.60 -5.99
N LYS A 49 -6.02 -3.58 -6.81
CA LYS A 49 -6.01 -3.74 -8.25
C LYS A 49 -4.57 -3.84 -8.75
N ARG A 50 -3.80 -2.80 -8.47
CA ARG A 50 -2.40 -2.76 -8.86
C ARG A 50 -1.63 -1.81 -7.96
N TRP A 51 -0.36 -2.07 -7.76
CA TRP A 51 0.45 -1.19 -6.93
C TRP A 51 1.72 -0.75 -7.66
N ALA A 52 2.07 0.51 -7.49
CA ALA A 52 3.28 1.05 -8.07
C ALA A 52 4.33 1.23 -6.99
N ALA A 53 5.31 0.34 -6.96
CA ALA A 53 6.35 0.38 -5.96
C ALA A 53 7.64 0.94 -6.56
N SER A 54 8.15 1.98 -5.93
CA SER A 54 9.43 2.54 -6.32
C SER A 54 10.20 2.98 -5.08
N PRO A 55 11.51 3.19 -5.19
CA PRO A 55 12.33 3.70 -4.10
C PRO A 55 11.97 5.14 -3.73
N LYS A 56 11.07 5.72 -4.51
CA LYS A 56 10.65 7.10 -4.31
C LYS A 56 9.29 7.15 -3.60
N SER A 57 8.41 6.21 -3.93
CA SER A 57 7.06 6.23 -3.40
C SER A 57 6.35 4.90 -3.63
N PHE A 58 5.22 4.73 -2.96
CA PHE A 58 4.39 3.55 -3.12
C PHE A 58 2.95 3.97 -3.39
N THR A 59 2.39 3.52 -4.49
CA THR A 59 1.05 3.92 -4.88
C THR A 59 0.12 2.71 -5.02
N LEU A 60 -0.94 2.69 -4.22
CA LEU A 60 -1.93 1.62 -4.28
C LEU A 60 -3.14 2.05 -5.09
N ASP A 61 -3.47 1.26 -6.10
CA ASP A 61 -4.68 1.45 -6.89
C ASP A 61 -5.69 0.38 -6.52
N PHE A 62 -6.90 0.81 -6.19
CA PHE A 62 -7.93 -0.10 -5.73
C PHE A 62 -9.06 -0.20 -6.74
N GLY A 63 -8.88 0.44 -7.89
CA GLY A 63 -9.88 0.41 -8.93
C GLY A 63 -11.20 1.00 -8.49
N ASP A 64 -12.26 0.21 -8.56
CA ASP A 64 -13.58 0.66 -8.17
C ASP A 64 -13.84 0.34 -6.71
N TYR A 65 -13.10 1.00 -5.84
CA TYR A 65 -13.26 0.82 -4.41
C TYR A 65 -13.48 2.18 -3.74
N GLN A 66 -12.69 3.16 -4.13
CA GLN A 66 -12.78 4.49 -3.57
C GLN A 66 -12.33 5.53 -4.58
N ASP A 67 -12.56 6.80 -4.27
CA ASP A 67 -12.13 7.90 -5.11
C ASP A 67 -10.66 8.21 -4.87
N GLY A 68 -9.87 8.22 -5.94
CA GLY A 68 -8.46 8.48 -5.82
C GLY A 68 -7.67 7.22 -5.52
N TYR A 69 -6.38 7.37 -5.30
CA TYR A 69 -5.51 6.24 -4.99
C TYR A 69 -4.93 6.41 -3.59
N TYR A 70 -3.97 5.56 -3.25
CA TYR A 70 -3.25 5.67 -2.00
C TYR A 70 -1.76 5.82 -2.29
N SER A 71 -1.30 7.05 -2.32
CA SER A 71 0.09 7.33 -2.64
C SER A 71 0.86 7.78 -1.40
N VAL A 72 1.86 7.01 -1.04
CA VAL A 72 2.71 7.36 0.09
C VAL A 72 4.16 7.51 -0.36
N GLN A 73 4.84 8.49 0.20
CA GLN A 73 6.24 8.70 -0.09
C GLN A 73 7.07 7.84 0.86
N THR A 74 7.92 6.99 0.30
CA THR A 74 8.69 6.06 1.11
C THR A 74 9.86 5.50 0.32
N THR A 75 10.87 5.03 1.03
CA THR A 75 12.04 4.44 0.41
C THR A 75 11.96 2.92 0.47
N GLU A 76 10.94 2.41 1.13
CA GLU A 76 10.79 0.97 1.35
C GLU A 76 9.54 0.44 0.64
N GLY A 77 9.08 1.18 -0.37
CA GLY A 77 7.89 0.80 -1.09
C GLY A 77 8.02 -0.57 -1.74
N GLU A 78 9.24 -0.92 -2.14
CA GLU A 78 9.50 -2.21 -2.75
C GLU A 78 9.22 -3.35 -1.76
N GLN A 79 9.69 -3.19 -0.52
CA GLN A 79 9.49 -4.20 0.50
C GLN A 79 8.01 -4.37 0.81
N ILE A 80 7.27 -3.27 0.76
CA ILE A 80 5.83 -3.29 0.97
C ILE A 80 5.15 -4.09 -0.14
N ALA A 81 5.47 -3.74 -1.37
CA ALA A 81 4.88 -4.37 -2.55
C ALA A 81 5.18 -5.86 -2.59
N GLN A 82 6.45 -6.21 -2.39
CA GLN A 82 6.88 -7.60 -2.47
C GLN A 82 6.27 -8.42 -1.32
N LEU A 83 5.92 -7.73 -0.24
CA LEU A 83 5.27 -8.37 0.89
C LEU A 83 3.82 -8.70 0.55
N ILE A 84 3.11 -7.70 0.01
CA ILE A 84 1.73 -7.90 -0.42
C ILE A 84 1.65 -8.99 -1.47
N ALA A 85 2.50 -8.89 -2.49
CA ALA A 85 2.55 -9.88 -3.55
C ALA A 85 2.81 -11.28 -3.00
N GLY A 86 3.62 -11.35 -1.96
CA GLY A 86 3.92 -12.62 -1.33
C GLY A 86 2.69 -13.25 -0.70
N TYR A 87 2.01 -12.50 0.15
CA TYR A 87 0.80 -13.00 0.80
C TYR A 87 -0.27 -13.31 -0.23
N ILE A 88 -0.37 -12.45 -1.23
CA ILE A 88 -1.33 -12.62 -2.31
C ILE A 88 -1.09 -13.93 -3.07
N ASP A 89 0.18 -14.27 -3.27
CA ASP A 89 0.53 -15.51 -3.95
C ASP A 89 0.19 -16.72 -3.08
N ILE A 90 0.13 -16.50 -1.77
CA ILE A 90 -0.25 -17.55 -0.83
C ILE A 90 -1.76 -17.75 -0.84
N ILE A 91 -2.49 -16.64 -0.98
CA ILE A 91 -3.96 -16.68 -1.02
C ILE A 91 -4.44 -17.40 -2.29
N LEU A 92 -3.65 -17.29 -3.35
CA LEU A 92 -4.00 -17.92 -4.62
C LEU A 92 -3.74 -19.42 -4.56
N GLY B 1 20.56 -11.09 -14.67
CA GLY B 1 19.82 -9.87 -15.07
C GLY B 1 19.50 -8.99 -13.89
N ARG B 2 18.55 -8.09 -14.05
CA ARG B 2 18.14 -7.20 -12.97
C ARG B 2 16.70 -7.51 -12.58
N SER B 3 16.43 -7.67 -11.29
CA SER B 3 15.08 -7.96 -10.84
C SER B 3 14.58 -6.84 -9.93
N LYS B 4 13.93 -5.85 -10.53
CA LYS B 4 13.40 -4.70 -9.81
C LYS B 4 12.50 -3.89 -10.73
N GLU B 5 11.61 -4.60 -11.41
CA GLU B 5 10.80 -4.01 -12.45
C GLU B 5 9.64 -3.20 -11.88
N SER B 6 9.88 -1.92 -11.66
CA SER B 6 8.86 -1.03 -11.12
C SER B 6 7.98 -0.50 -12.24
N GLY B 7 6.70 -0.81 -12.17
CA GLY B 7 5.76 -0.31 -13.16
C GLY B 7 4.41 -0.97 -13.07
N TRP B 8 3.72 -0.73 -11.95
CA TRP B 8 2.38 -1.27 -11.71
C TRP B 8 2.37 -2.78 -11.68
N VAL B 9 2.48 -3.31 -10.48
CA VAL B 9 2.41 -4.75 -10.27
C VAL B 9 0.96 -5.13 -10.03
N GLU B 10 0.43 -5.98 -10.88
CA GLU B 10 -0.98 -6.31 -10.87
C GLU B 10 -1.20 -7.73 -10.38
N ASN B 11 -2.34 -7.97 -9.75
CA ASN B 11 -2.62 -9.24 -9.11
C ASN B 11 -3.86 -9.90 -9.71
N GLU B 12 -4.23 -11.07 -9.21
CA GLU B 12 -5.36 -11.80 -9.75
C GLU B 12 -6.44 -12.06 -8.71
N ILE B 13 -6.52 -11.23 -7.69
CA ILE B 13 -7.60 -11.34 -6.71
C ILE B 13 -8.44 -10.08 -6.64
N TYR B 14 -8.31 -9.22 -7.65
CA TYR B 14 -9.11 -8.00 -7.70
C TYR B 14 -10.52 -8.32 -8.16
N TYR B 15 -11.49 -8.04 -7.29
CA TYR B 15 -12.87 -8.25 -7.60
C TYR B 15 -13.47 -7.01 -8.25
N GLY A 1 3.22 -11.76 9.31
CA GLY A 1 2.23 -11.14 10.24
C GLY A 1 2.13 -9.65 10.03
N VAL A 2 1.64 -8.94 11.04
CA VAL A 2 1.53 -7.49 11.00
C VAL A 2 2.88 -6.82 10.77
N SER A 3 3.17 -6.49 9.52
CA SER A 3 4.42 -5.85 9.17
C SER A 3 4.19 -4.37 8.91
N PHE A 4 4.77 -3.53 9.75
CA PHE A 4 4.53 -2.09 9.65
C PHE A 4 5.66 -1.39 8.91
N PHE A 5 5.31 -0.70 7.84
CA PHE A 5 6.26 0.09 7.08
C PHE A 5 6.03 1.57 7.34
N LEU A 6 7.10 2.34 7.35
CA LEU A 6 6.98 3.77 7.60
C LEU A 6 6.70 4.52 6.32
N VAL A 7 5.47 4.98 6.16
CA VAL A 7 5.07 5.70 4.97
C VAL A 7 4.63 7.11 5.31
N LYS A 8 4.64 7.98 4.31
CA LYS A 8 4.24 9.37 4.50
C LYS A 8 3.06 9.70 3.58
N GLU A 9 1.89 9.90 4.16
CA GLU A 9 0.68 10.19 3.41
C GLU A 9 0.62 11.66 3.02
N LYS A 10 0.57 11.91 1.72
CA LYS A 10 0.36 13.25 1.22
C LYS A 10 -1.14 13.48 0.99
N MET A 11 -1.80 13.98 2.01
CA MET A 11 -3.22 14.27 1.91
C MET A 11 -3.47 15.75 1.78
N LYS A 12 -4.62 16.10 1.26
CA LYS A 12 -5.02 17.50 1.11
C LYS A 12 -5.15 18.18 2.47
N GLY A 13 -5.05 19.50 2.47
CA GLY A 13 -5.15 20.25 3.70
C GLY A 13 -3.86 20.97 4.01
N LYS A 14 -2.76 20.37 3.61
CA LYS A 14 -1.43 20.93 3.82
C LYS A 14 -0.44 20.33 2.84
N ASN A 15 0.82 20.72 2.96
CA ASN A 15 1.86 20.22 2.08
C ASN A 15 2.74 19.20 2.81
N LYS A 16 2.65 19.20 4.12
CA LYS A 16 3.37 18.24 4.95
C LYS A 16 2.75 16.85 4.85
N LEU A 17 3.59 15.84 4.68
CA LEU A 17 3.14 14.46 4.61
C LEU A 17 3.06 13.88 6.03
N VAL A 18 2.04 13.06 6.27
CA VAL A 18 1.80 12.51 7.59
C VAL A 18 2.43 11.12 7.74
N PRO A 19 3.20 10.90 8.82
CA PRO A 19 3.80 9.59 9.11
C PRO A 19 2.74 8.54 9.41
N ARG A 20 2.74 7.47 8.63
CA ARG A 20 1.76 6.42 8.79
C ARG A 20 2.44 5.07 8.96
N LEU A 21 1.88 4.25 9.83
CA LEU A 21 2.34 2.88 9.97
C LEU A 21 1.49 1.98 9.09
N LEU A 22 2.01 1.65 7.92
CA LEU A 22 1.29 0.81 6.98
C LEU A 22 1.49 -0.65 7.35
N GLY A 23 0.47 -1.25 7.95
CA GLY A 23 0.57 -2.62 8.39
C GLY A 23 0.05 -3.59 7.36
N ILE A 24 0.97 -4.31 6.74
CA ILE A 24 0.61 -5.34 5.77
C ILE A 24 0.52 -6.68 6.46
N THR A 25 -0.62 -7.34 6.35
CA THR A 25 -0.81 -8.65 6.96
C THR A 25 -1.03 -9.70 5.88
N LYS A 26 -1.39 -10.91 6.29
CA LYS A 26 -1.55 -12.02 5.36
C LYS A 26 -2.85 -11.92 4.55
N GLU A 27 -3.53 -10.78 4.64
CA GLU A 27 -4.81 -10.62 3.95
C GLU A 27 -5.30 -9.18 3.95
N CYS A 28 -4.78 -8.34 4.84
CA CYS A 28 -5.27 -6.98 4.96
C CYS A 28 -4.14 -5.95 4.93
N VAL A 29 -4.52 -4.72 4.63
CA VAL A 29 -3.60 -3.59 4.63
C VAL A 29 -4.18 -2.49 5.52
N MET A 30 -3.63 -2.34 6.72
CA MET A 30 -4.20 -1.42 7.70
C MET A 30 -3.33 -0.17 7.85
N ARG A 31 -3.99 0.99 7.92
CA ARG A 31 -3.33 2.25 8.13
C ARG A 31 -3.37 2.64 9.61
N VAL A 32 -2.27 2.44 10.31
CA VAL A 32 -2.20 2.80 11.72
C VAL A 32 -1.51 4.15 11.90
N ASP A 33 -2.13 5.04 12.66
CA ASP A 33 -1.55 6.35 12.91
C ASP A 33 -0.28 6.21 13.74
N GLU A 34 0.81 6.78 13.25
CA GLU A 34 2.11 6.63 13.88
C GLU A 34 2.14 7.31 15.24
N LYS A 35 1.42 8.42 15.36
CA LYS A 35 1.45 9.24 16.56
C LYS A 35 0.47 8.74 17.61
N THR A 36 -0.78 8.57 17.22
CA THR A 36 -1.85 8.23 18.15
C THR A 36 -2.03 6.71 18.26
N LYS A 37 -1.43 5.98 17.32
CA LYS A 37 -1.51 4.52 17.29
C LYS A 37 -2.93 4.02 17.07
N GLU A 38 -3.72 4.82 16.35
CA GLU A 38 -5.09 4.43 16.02
C GLU A 38 -5.15 3.82 14.62
N VAL A 39 -5.89 2.74 14.48
CA VAL A 39 -6.13 2.15 13.17
C VAL A 39 -7.18 2.98 12.44
N ILE A 40 -6.75 3.71 11.42
CA ILE A 40 -7.62 4.66 10.73
C ILE A 40 -8.50 3.95 9.70
N GLN A 41 -7.88 3.10 8.88
CA GLN A 41 -8.59 2.44 7.81
C GLN A 41 -7.89 1.14 7.44
N GLU A 42 -8.65 0.15 7.00
CA GLU A 42 -8.09 -1.14 6.65
C GLU A 42 -8.59 -1.58 5.28
N TRP A 43 -7.69 -2.12 4.47
CA TRP A 43 -8.05 -2.67 3.18
C TRP A 43 -7.84 -4.18 3.17
N SER A 44 -8.36 -4.83 2.15
CA SER A 44 -8.15 -6.25 1.96
C SER A 44 -7.35 -6.46 0.68
N LEU A 45 -6.52 -7.49 0.64
CA LEU A 45 -5.72 -7.80 -0.54
C LEU A 45 -6.63 -8.12 -1.71
N THR A 46 -7.82 -8.62 -1.40
CA THR A 46 -8.83 -8.95 -2.41
C THR A 46 -9.39 -7.68 -3.05
N ASN A 47 -9.10 -6.52 -2.47
CA ASN A 47 -9.63 -5.26 -2.95
C ASN A 47 -8.57 -4.48 -3.71
N ILE A 48 -7.41 -5.09 -3.89
CA ILE A 48 -6.30 -4.44 -4.57
C ILE A 48 -6.40 -4.63 -6.07
N LYS A 49 -6.29 -3.55 -6.81
CA LYS A 49 -6.31 -3.60 -8.26
C LYS A 49 -4.88 -3.70 -8.80
N ARG A 50 -4.03 -2.78 -8.34
CA ARG A 50 -2.62 -2.74 -8.74
C ARG A 50 -1.85 -1.77 -7.85
N TRP A 51 -0.54 -1.95 -7.77
CA TRP A 51 0.28 -1.06 -6.96
C TRP A 51 1.55 -0.66 -7.71
N ALA A 52 1.98 0.58 -7.50
CA ALA A 52 3.20 1.09 -8.08
C ALA A 52 4.29 1.16 -7.01
N ALA A 53 5.35 0.39 -7.21
CA ALA A 53 6.42 0.32 -6.23
C ALA A 53 7.63 1.13 -6.68
N SER A 54 7.96 2.16 -5.92
CA SER A 54 9.15 2.95 -6.16
C SER A 54 9.92 3.11 -4.84
N PRO A 55 11.25 3.24 -4.92
CA PRO A 55 12.10 3.41 -3.72
C PRO A 55 11.94 4.79 -3.07
N LYS A 56 11.01 5.59 -3.57
CA LYS A 56 10.72 6.89 -2.98
C LYS A 56 9.25 7.01 -2.61
N SER A 57 8.39 6.26 -3.31
CA SER A 57 6.96 6.33 -3.07
C SER A 57 6.27 5.03 -3.48
N PHE A 58 5.19 4.73 -2.78
CA PHE A 58 4.40 3.55 -3.07
C PHE A 58 2.96 3.98 -3.36
N THR A 59 2.40 3.51 -4.47
CA THR A 59 1.06 3.92 -4.85
C THR A 59 0.12 2.71 -4.93
N LEU A 60 -0.88 2.69 -4.06
CA LEU A 60 -1.90 1.64 -4.09
C LEU A 60 -3.12 2.10 -4.89
N ASP A 61 -3.54 1.27 -5.82
CA ASP A 61 -4.75 1.54 -6.61
C ASP A 61 -5.79 0.44 -6.34
N PHE A 62 -6.98 0.86 -5.97
CA PHE A 62 -8.03 -0.08 -5.59
C PHE A 62 -9.18 -0.03 -6.60
N GLY A 63 -8.97 0.70 -7.70
CA GLY A 63 -9.92 0.72 -8.79
C GLY A 63 -11.32 1.19 -8.39
N ASP A 64 -12.23 0.24 -8.25
CA ASP A 64 -13.63 0.54 -8.01
C ASP A 64 -13.96 0.51 -6.53
N TYR A 65 -12.93 0.32 -5.70
CA TYR A 65 -13.16 0.22 -4.26
C TYR A 65 -13.14 1.59 -3.61
N GLN A 66 -12.45 2.54 -4.23
CA GLN A 66 -12.35 3.87 -3.67
C GLN A 66 -12.05 4.91 -4.76
N ASP A 67 -12.33 6.15 -4.44
CA ASP A 67 -11.99 7.27 -5.31
C ASP A 67 -10.60 7.78 -4.99
N GLY A 68 -9.73 7.78 -5.98
CA GLY A 68 -8.37 8.21 -5.78
C GLY A 68 -7.43 7.04 -5.55
N TYR A 69 -6.18 7.33 -5.28
CA TYR A 69 -5.19 6.28 -5.03
C TYR A 69 -4.60 6.47 -3.65
N TYR A 70 -3.67 5.62 -3.28
CA TYR A 70 -2.96 5.76 -2.03
C TYR A 70 -1.47 5.87 -2.30
N SER A 71 -1.02 7.10 -2.50
CA SER A 71 0.39 7.37 -2.77
C SER A 71 1.08 7.86 -1.51
N VAL A 72 2.10 7.13 -1.09
CA VAL A 72 2.85 7.48 0.11
C VAL A 72 4.35 7.53 -0.18
N GLN A 73 5.01 8.54 0.37
CA GLN A 73 6.45 8.65 0.25
C GLN A 73 7.12 7.71 1.23
N THR A 74 7.99 6.84 0.73
CA THR A 74 8.64 5.85 1.58
C THR A 74 9.78 5.18 0.82
N THR A 75 10.83 4.85 1.55
CA THR A 75 11.96 4.13 1.00
C THR A 75 11.73 2.62 1.09
N GLU A 76 10.62 2.24 1.71
CA GLU A 76 10.29 0.84 1.90
C GLU A 76 9.22 0.41 0.89
N GLY A 77 9.02 1.22 -0.14
CA GLY A 77 7.99 0.97 -1.13
C GLY A 77 8.07 -0.40 -1.78
N GLU A 78 9.27 -0.79 -2.18
CA GLU A 78 9.46 -2.07 -2.86
C GLU A 78 9.27 -3.23 -1.89
N GLN A 79 9.56 -2.99 -0.61
CA GLN A 79 9.39 -4.01 0.41
C GLN A 79 7.91 -4.26 0.65
N ILE A 80 7.12 -3.20 0.64
CA ILE A 80 5.67 -3.31 0.78
C ILE A 80 5.10 -4.14 -0.37
N ALA A 81 5.51 -3.79 -1.58
CA ALA A 81 5.06 -4.48 -2.78
C ALA A 81 5.40 -5.97 -2.74
N GLN A 82 6.64 -6.26 -2.34
CA GLN A 82 7.11 -7.64 -2.25
C GLN A 82 6.29 -8.43 -1.25
N LEU A 83 6.02 -7.82 -0.10
CA LEU A 83 5.29 -8.50 0.96
C LEU A 83 3.87 -8.83 0.54
N ILE A 84 3.20 -7.86 -0.08
CA ILE A 84 1.83 -8.06 -0.56
C ILE A 84 1.77 -9.20 -1.57
N ALA A 85 2.66 -9.15 -2.56
CA ALA A 85 2.72 -10.17 -3.60
C ALA A 85 2.99 -11.55 -2.99
N GLY A 86 3.74 -11.57 -1.89
CA GLY A 86 4.04 -12.83 -1.22
C GLY A 86 2.80 -13.45 -0.59
N TYR A 87 2.02 -12.63 0.10
CA TYR A 87 0.79 -13.11 0.73
C TYR A 87 -0.25 -13.45 -0.33
N ILE A 88 -0.27 -12.66 -1.40
CA ILE A 88 -1.16 -12.90 -2.53
C ILE A 88 -0.92 -14.28 -3.12
N ASP A 89 0.34 -14.69 -3.20
CA ASP A 89 0.68 -15.99 -3.75
C ASP A 89 0.12 -17.12 -2.90
N ILE A 90 0.04 -16.90 -1.60
CA ILE A 90 -0.49 -17.90 -0.68
C ILE A 90 -2.00 -18.07 -0.87
N ILE A 91 -2.69 -16.96 -1.08
CA ILE A 91 -4.13 -16.97 -1.25
C ILE A 91 -4.51 -17.39 -2.67
N LEU A 92 -3.63 -17.09 -3.61
CA LEU A 92 -3.88 -17.34 -5.03
C LEU A 92 -3.39 -18.73 -5.42
N GLY B 1 6.98 6.68 -12.89
CA GLY B 1 7.72 7.05 -14.11
C GLY B 1 7.11 8.24 -14.82
N ARG B 2 7.60 8.53 -16.03
CA ARG B 2 7.05 9.60 -16.84
C ARG B 2 7.13 9.23 -18.31
N SER B 3 8.32 8.88 -18.77
CA SER B 3 8.53 8.45 -20.16
C SER B 3 8.54 6.94 -20.23
N LYS B 4 7.98 6.37 -19.18
CA LYS B 4 7.90 4.93 -18.97
C LYS B 4 7.42 4.69 -17.56
N GLU B 5 6.26 4.06 -17.41
CA GLU B 5 5.67 3.83 -16.11
C GLU B 5 6.63 3.10 -15.18
N SER B 6 7.02 1.89 -15.57
CA SER B 6 7.93 1.06 -14.78
C SER B 6 7.31 0.72 -13.43
N GLY B 7 6.81 -0.49 -13.31
CA GLY B 7 6.13 -0.87 -12.11
C GLY B 7 4.70 -1.31 -12.37
N TRP B 8 3.81 -1.02 -11.42
CA TRP B 8 2.40 -1.39 -11.54
C TRP B 8 2.24 -2.89 -11.58
N VAL B 9 2.18 -3.46 -10.40
CA VAL B 9 2.06 -4.91 -10.26
C VAL B 9 0.61 -5.25 -9.96
N GLU B 10 0.00 -5.99 -10.86
CA GLU B 10 -1.39 -6.34 -10.74
C GLU B 10 -1.56 -7.73 -10.14
N ASN B 11 -2.61 -7.91 -9.36
CA ASN B 11 -2.95 -9.20 -8.82
C ASN B 11 -4.25 -9.70 -9.44
N GLU B 12 -4.56 -10.96 -9.23
CA GLU B 12 -5.76 -11.54 -9.82
C GLU B 12 -6.75 -11.98 -8.76
N ILE B 13 -6.67 -11.37 -7.60
CA ILE B 13 -7.68 -11.59 -6.57
C ILE B 13 -8.52 -10.33 -6.40
N TYR B 14 -8.52 -9.49 -7.43
CA TYR B 14 -9.36 -8.30 -7.45
C TYR B 14 -10.74 -8.69 -7.97
N TYR B 15 -11.71 -8.74 -7.06
CA TYR B 15 -13.05 -9.16 -7.38
C TYR B 15 -13.88 -8.00 -7.90
N GLY A 1 1.55 -9.13 15.78
CA GLY A 1 2.57 -9.59 14.82
C GLY A 1 2.31 -9.08 13.41
N VAL A 2 2.18 -7.76 13.28
CA VAL A 2 1.92 -7.15 11.99
C VAL A 2 3.17 -6.49 11.44
N SER A 3 3.43 -6.65 10.16
CA SER A 3 4.57 -6.02 9.52
C SER A 3 4.25 -4.56 9.19
N PHE A 4 4.84 -3.65 9.94
CA PHE A 4 4.60 -2.22 9.73
C PHE A 4 5.72 -1.59 8.93
N PHE A 5 5.37 -0.61 8.12
CA PHE A 5 6.36 0.18 7.37
C PHE A 5 6.09 1.66 7.61
N LEU A 6 7.16 2.44 7.69
CA LEU A 6 7.05 3.86 7.96
C LEU A 6 6.85 4.65 6.65
N VAL A 7 5.60 5.00 6.37
CA VAL A 7 5.28 5.73 5.17
C VAL A 7 4.79 7.14 5.51
N LYS A 8 4.78 8.01 4.53
CA LYS A 8 4.31 9.37 4.73
C LYS A 8 3.25 9.72 3.69
N GLU A 9 2.03 9.98 4.15
CA GLU A 9 0.92 10.29 3.26
C GLU A 9 0.88 11.77 2.93
N LYS A 10 1.05 12.09 1.66
CA LYS A 10 0.92 13.47 1.21
C LYS A 10 -0.55 13.75 0.91
N MET A 11 -1.25 14.29 1.90
CA MET A 11 -2.66 14.58 1.76
C MET A 11 -2.89 16.08 1.66
N LYS A 12 -4.14 16.46 1.48
CA LYS A 12 -4.53 17.87 1.40
C LYS A 12 -4.50 18.50 2.80
N GLY A 13 -4.46 19.83 2.84
CA GLY A 13 -4.51 20.54 4.10
C GLY A 13 -3.23 21.27 4.41
N LYS A 14 -2.11 20.60 4.23
CA LYS A 14 -0.81 21.18 4.54
C LYS A 14 0.26 20.64 3.62
N ASN A 15 1.47 21.19 3.73
CA ASN A 15 2.59 20.77 2.89
C ASN A 15 3.23 19.49 3.44
N LYS A 16 2.98 19.23 4.72
CA LYS A 16 3.62 18.12 5.39
C LYS A 16 2.96 16.79 5.05
N LEU A 17 3.79 15.79 4.81
CA LEU A 17 3.30 14.44 4.61
C LEU A 17 3.09 13.79 5.98
N VAL A 18 1.92 13.21 6.19
CA VAL A 18 1.57 12.65 7.48
C VAL A 18 2.18 11.27 7.66
N PRO A 19 3.01 11.09 8.69
CA PRO A 19 3.63 9.80 9.00
C PRO A 19 2.58 8.75 9.36
N ARG A 20 2.64 7.62 8.67
CA ARG A 20 1.67 6.56 8.90
C ARG A 20 2.38 5.22 9.06
N LEU A 21 1.80 4.34 9.87
CA LEU A 21 2.30 3.00 10.02
C LEU A 21 1.50 2.05 9.15
N LEU A 22 2.05 1.71 8.00
CA LEU A 22 1.36 0.85 7.06
C LEU A 22 1.54 -0.60 7.46
N GLY A 23 0.47 -1.23 7.91
CA GLY A 23 0.53 -2.61 8.34
C GLY A 23 0.13 -3.56 7.23
N ILE A 24 1.02 -4.50 6.92
CA ILE A 24 0.74 -5.47 5.88
C ILE A 24 0.57 -6.86 6.49
N THR A 25 -0.63 -7.39 6.42
CA THR A 25 -0.89 -8.74 6.91
C THR A 25 -1.18 -9.67 5.74
N LYS A 26 -1.39 -10.94 6.04
CA LYS A 26 -1.58 -11.96 5.00
C LYS A 26 -2.97 -11.87 4.37
N GLU A 27 -3.74 -10.86 4.75
CA GLU A 27 -5.11 -10.76 4.28
C GLU A 27 -5.56 -9.31 4.10
N CYS A 28 -4.99 -8.39 4.87
CA CYS A 28 -5.42 -6.99 4.81
C CYS A 28 -4.27 -6.01 5.01
N VAL A 29 -4.49 -4.80 4.53
CA VAL A 29 -3.55 -3.70 4.68
C VAL A 29 -4.20 -2.60 5.51
N MET A 30 -3.66 -2.34 6.69
CA MET A 30 -4.26 -1.36 7.59
C MET A 30 -3.36 -0.14 7.75
N ARG A 31 -3.98 1.03 7.70
CA ARG A 31 -3.28 2.28 7.95
C ARG A 31 -3.36 2.65 9.42
N VAL A 32 -2.30 2.38 10.16
CA VAL A 32 -2.25 2.73 11.56
C VAL A 32 -1.61 4.11 11.72
N ASP A 33 -2.27 4.98 12.46
CA ASP A 33 -1.74 6.32 12.70
C ASP A 33 -0.45 6.23 13.50
N GLU A 34 0.60 6.86 13.00
CA GLU A 34 1.91 6.77 13.61
C GLU A 34 1.90 7.32 15.04
N LYS A 35 1.26 8.47 15.21
CA LYS A 35 1.26 9.16 16.49
C LYS A 35 0.19 8.60 17.42
N THR A 36 -1.02 8.48 16.89
CA THR A 36 -2.17 8.11 17.70
C THR A 36 -2.27 6.59 17.88
N LYS A 37 -1.60 5.84 17.01
CA LYS A 37 -1.57 4.38 17.06
C LYS A 37 -2.94 3.78 16.73
N GLU A 38 -3.82 4.59 16.16
CA GLU A 38 -5.17 4.14 15.83
C GLU A 38 -5.22 3.58 14.42
N VAL A 39 -5.92 2.46 14.25
CA VAL A 39 -6.13 1.88 12.94
C VAL A 39 -7.18 2.69 12.19
N ILE A 40 -6.73 3.47 11.22
CA ILE A 40 -7.60 4.40 10.52
C ILE A 40 -8.44 3.70 9.46
N GLN A 41 -7.79 3.01 8.54
CA GLN A 41 -8.48 2.41 7.42
C GLN A 41 -7.79 1.11 7.00
N GLU A 42 -8.58 0.07 6.77
CA GLU A 42 -8.04 -1.24 6.43
C GLU A 42 -8.64 -1.74 5.12
N TRP A 43 -7.78 -2.28 4.27
CA TRP A 43 -8.23 -2.84 2.99
C TRP A 43 -7.84 -4.30 2.87
N SER A 44 -8.78 -5.14 2.48
CA SER A 44 -8.48 -6.54 2.19
C SER A 44 -7.63 -6.63 0.92
N LEU A 45 -6.77 -7.65 0.85
CA LEU A 45 -5.93 -7.86 -0.33
C LEU A 45 -6.79 -8.09 -1.57
N THR A 46 -7.99 -8.60 -1.35
CA THR A 46 -8.92 -8.89 -2.42
C THR A 46 -9.47 -7.59 -3.03
N ASN A 47 -9.21 -6.48 -2.37
CA ASN A 47 -9.70 -5.18 -2.84
C ASN A 47 -8.57 -4.42 -3.52
N ILE A 48 -7.39 -5.01 -3.54
CA ILE A 48 -6.24 -4.40 -4.17
C ILE A 48 -6.23 -4.72 -5.65
N LYS A 49 -5.99 -3.71 -6.48
CA LYS A 49 -5.92 -3.90 -7.92
C LYS A 49 -4.47 -3.92 -8.38
N ARG A 50 -3.85 -2.74 -8.38
CA ARG A 50 -2.48 -2.60 -8.82
C ARG A 50 -1.73 -1.68 -7.87
N TRP A 51 -0.44 -1.92 -7.70
CA TRP A 51 0.38 -1.08 -6.85
C TRP A 51 1.63 -0.61 -7.58
N ALA A 52 2.07 0.59 -7.26
CA ALA A 52 3.26 1.16 -7.84
C ALA A 52 4.38 1.20 -6.81
N ALA A 53 5.39 0.37 -7.03
CA ALA A 53 6.51 0.28 -6.11
C ALA A 53 7.73 1.00 -6.68
N SER A 54 8.23 1.97 -5.94
CA SER A 54 9.46 2.65 -6.31
C SER A 54 10.26 2.96 -5.05
N PRO A 55 11.59 3.15 -5.18
CA PRO A 55 12.46 3.49 -4.04
C PRO A 55 12.31 4.94 -3.60
N LYS A 56 11.10 5.47 -3.79
CA LYS A 56 10.84 6.88 -3.52
C LYS A 56 9.39 7.06 -3.05
N SER A 57 8.49 6.27 -3.60
CA SER A 57 7.09 6.35 -3.25
C SER A 57 6.39 5.01 -3.50
N PHE A 58 5.26 4.82 -2.84
CA PHE A 58 4.45 3.63 -3.02
C PHE A 58 3.00 4.04 -3.24
N THR A 59 2.42 3.59 -4.33
CA THR A 59 1.04 3.96 -4.68
C THR A 59 0.14 2.73 -4.79
N LEU A 60 -0.87 2.68 -3.94
CA LEU A 60 -1.87 1.62 -4.00
C LEU A 60 -3.08 2.06 -4.80
N ASP A 61 -3.51 1.21 -5.72
CA ASP A 61 -4.73 1.45 -6.46
C ASP A 61 -5.75 0.37 -6.17
N PHE A 62 -6.96 0.79 -5.84
CA PHE A 62 -8.03 -0.14 -5.51
C PHE A 62 -9.14 -0.03 -6.55
N GLY A 63 -8.85 0.66 -7.63
CA GLY A 63 -9.77 0.75 -8.75
C GLY A 63 -11.08 1.41 -8.39
N ASP A 64 -12.14 0.62 -8.37
CA ASP A 64 -13.48 1.14 -8.16
C ASP A 64 -13.91 0.97 -6.72
N TYR A 65 -12.96 0.62 -5.86
CA TYR A 65 -13.26 0.40 -4.46
C TYR A 65 -13.19 1.71 -3.70
N GLN A 66 -12.33 2.62 -4.14
CA GLN A 66 -12.20 3.92 -3.51
C GLN A 66 -11.88 4.99 -4.54
N ASP A 67 -11.98 6.24 -4.12
CA ASP A 67 -11.70 7.37 -5.00
C ASP A 67 -10.23 7.76 -4.96
N GLY A 68 -9.59 7.74 -6.12
CA GLY A 68 -8.21 8.16 -6.22
C GLY A 68 -7.24 7.05 -5.93
N TYR A 69 -5.98 7.41 -5.70
CA TYR A 69 -4.96 6.44 -5.36
C TYR A 69 -4.53 6.64 -3.91
N TYR A 70 -3.65 5.77 -3.45
CA TYR A 70 -3.03 5.92 -2.15
C TYR A 70 -1.51 5.98 -2.32
N SER A 71 -1.00 7.18 -2.46
CA SER A 71 0.43 7.39 -2.70
C SER A 71 1.13 7.89 -1.45
N VAL A 72 2.09 7.11 -0.97
CA VAL A 72 2.87 7.50 0.19
C VAL A 72 4.34 7.60 -0.17
N GLN A 73 5.05 8.48 0.51
CA GLN A 73 6.48 8.62 0.32
C GLN A 73 7.21 7.66 1.23
N THR A 74 8.11 6.87 0.65
CA THR A 74 8.87 5.89 1.39
C THR A 74 9.87 5.19 0.48
N THR A 75 11.00 4.79 1.04
CA THR A 75 12.01 4.05 0.30
C THR A 75 11.73 2.55 0.38
N GLU A 76 10.70 2.20 1.14
CA GLU A 76 10.38 0.81 1.39
C GLU A 76 9.24 0.33 0.50
N GLY A 77 8.97 1.09 -0.56
CA GLY A 77 7.88 0.76 -1.46
C GLY A 77 8.01 -0.62 -2.07
N GLU A 78 9.22 -0.96 -2.51
CA GLU A 78 9.49 -2.27 -3.09
C GLU A 78 9.25 -3.37 -2.05
N GLN A 79 9.66 -3.11 -0.82
CA GLN A 79 9.50 -4.06 0.28
C GLN A 79 8.02 -4.31 0.55
N ILE A 80 7.24 -3.24 0.61
CA ILE A 80 5.80 -3.33 0.85
C ILE A 80 5.13 -4.11 -0.27
N ALA A 81 5.43 -3.72 -1.51
CA ALA A 81 4.84 -4.34 -2.69
C ALA A 81 5.13 -5.83 -2.73
N GLN A 82 6.40 -6.18 -2.55
CA GLN A 82 6.83 -7.58 -2.63
C GLN A 82 6.20 -8.39 -1.49
N LEU A 83 5.93 -7.72 -0.38
CA LEU A 83 5.33 -8.39 0.77
C LEU A 83 3.85 -8.67 0.51
N ILE A 84 3.13 -7.68 -0.04
CA ILE A 84 1.74 -7.86 -0.41
C ILE A 84 1.62 -8.97 -1.45
N ALA A 85 2.44 -8.88 -2.50
CA ALA A 85 2.47 -9.89 -3.54
C ALA A 85 2.90 -11.24 -2.98
N GLY A 86 3.65 -11.20 -1.87
CA GLY A 86 4.08 -12.42 -1.22
C GLY A 86 2.94 -13.14 -0.55
N TYR A 87 2.10 -12.40 0.17
CA TYR A 87 0.91 -12.98 0.79
C TYR A 87 -0.09 -13.40 -0.28
N ILE A 88 -0.19 -12.60 -1.31
CA ILE A 88 -1.04 -12.88 -2.46
C ILE A 88 -0.57 -14.14 -3.18
N ASP A 89 0.75 -14.33 -3.21
CA ASP A 89 1.34 -15.54 -3.78
C ASP A 89 0.91 -16.78 -3.01
N ILE A 90 0.52 -16.59 -1.75
CA ILE A 90 0.06 -17.69 -0.92
C ILE A 90 -1.42 -17.97 -1.16
N ILE A 91 -2.23 -16.91 -1.11
CA ILE A 91 -3.68 -17.03 -1.27
C ILE A 91 -4.03 -17.48 -2.69
N LEU A 92 -3.34 -16.90 -3.66
CA LEU A 92 -3.60 -17.13 -5.06
C LEU A 92 -2.88 -18.39 -5.55
N GLY B 1 4.27 -5.38 -20.61
CA GLY B 1 4.68 -6.46 -21.54
C GLY B 1 3.81 -7.70 -21.40
N ARG B 2 4.42 -8.82 -21.05
CA ARG B 2 3.67 -10.05 -20.82
C ARG B 2 4.19 -10.75 -19.57
N SER B 3 5.19 -10.14 -18.95
CA SER B 3 5.80 -10.68 -17.74
C SER B 3 5.41 -9.79 -16.57
N LYS B 4 5.91 -10.08 -15.37
CA LYS B 4 5.69 -9.19 -14.25
C LYS B 4 6.67 -8.01 -14.33
N GLU B 5 6.21 -6.92 -14.93
CA GLU B 5 7.01 -5.72 -15.06
C GLU B 5 7.23 -5.04 -13.72
N SER B 6 8.16 -4.11 -13.68
CA SER B 6 8.38 -3.31 -12.49
C SER B 6 7.75 -1.93 -12.70
N GLY B 7 7.27 -1.35 -11.62
CA GLY B 7 6.57 -0.09 -11.69
C GLY B 7 5.11 -0.26 -11.31
N TRP B 8 4.33 -0.89 -12.20
CA TRP B 8 2.94 -1.18 -11.92
C TRP B 8 2.72 -2.67 -11.84
N VAL B 9 2.49 -3.15 -10.64
CA VAL B 9 2.28 -4.57 -10.40
C VAL B 9 0.84 -4.82 -10.00
N GLU B 10 0.12 -5.55 -10.82
CA GLU B 10 -1.29 -5.80 -10.58
C GLU B 10 -1.53 -7.27 -10.23
N ASN B 11 -2.32 -7.50 -9.19
CA ASN B 11 -2.61 -8.84 -8.74
C ASN B 11 -3.92 -9.35 -9.35
N GLU B 12 -4.21 -10.63 -9.16
CA GLU B 12 -5.33 -11.24 -9.84
C GLU B 12 -6.41 -11.71 -8.87
N ILE B 13 -6.47 -11.07 -7.70
CA ILE B 13 -7.56 -11.34 -6.77
C ILE B 13 -8.41 -10.09 -6.56
N TYR B 14 -8.34 -9.17 -7.50
CA TYR B 14 -9.20 -7.99 -7.49
C TYR B 14 -10.57 -8.38 -8.02
N TYR B 15 -11.57 -8.34 -7.15
CA TYR B 15 -12.92 -8.73 -7.52
C TYR B 15 -13.68 -7.54 -8.11
N GLY A 1 3.46 -8.60 16.35
CA GLY A 1 3.21 -9.16 15.00
C GLY A 1 2.82 -8.08 14.01
N VAL A 2 2.66 -8.48 12.74
CA VAL A 2 2.30 -7.55 11.66
C VAL A 2 3.46 -6.62 11.32
N SER A 3 3.96 -6.73 10.11
CA SER A 3 5.04 -5.87 9.65
C SER A 3 4.51 -4.47 9.36
N PHE A 4 5.04 -3.49 10.08
CA PHE A 4 4.64 -2.10 9.90
C PHE A 4 5.71 -1.33 9.15
N PHE A 5 5.31 -0.66 8.09
CA PHE A 5 6.21 0.19 7.34
C PHE A 5 5.88 1.65 7.60
N LEU A 6 6.90 2.47 7.78
CA LEU A 6 6.68 3.88 8.06
C LEU A 6 6.63 4.67 6.77
N VAL A 7 5.43 4.96 6.32
CA VAL A 7 5.22 5.67 5.07
C VAL A 7 4.79 7.11 5.34
N LYS A 8 5.10 7.99 4.40
CA LYS A 8 4.67 9.38 4.51
C LYS A 8 3.54 9.64 3.54
N GLU A 9 2.33 9.74 4.07
CA GLU A 9 1.15 9.96 3.23
C GLU A 9 1.08 11.39 2.73
N LYS A 10 1.00 11.54 1.42
CA LYS A 10 0.78 12.84 0.83
C LYS A 10 -0.63 12.92 0.28
N MET A 11 -1.49 13.60 0.99
CA MET A 11 -2.87 13.78 0.57
C MET A 11 -3.17 15.27 0.43
N LYS A 12 -4.35 15.58 -0.08
CA LYS A 12 -4.80 16.96 -0.19
C LYS A 12 -4.94 17.59 1.19
N GLY A 13 -4.90 18.92 1.24
CA GLY A 13 -5.04 19.61 2.50
C GLY A 13 -3.79 20.36 2.89
N LYS A 14 -2.66 19.68 2.84
CA LYS A 14 -1.39 20.28 3.24
C LYS A 14 -0.22 19.60 2.52
N ASN A 15 0.89 20.33 2.44
CA ASN A 15 2.09 19.80 1.79
C ASN A 15 2.91 18.96 2.76
N LYS A 16 2.46 18.87 4.00
CA LYS A 16 3.12 18.05 4.99
C LYS A 16 2.67 16.60 4.86
N LEU A 17 3.63 15.70 4.77
CA LEU A 17 3.32 14.28 4.66
C LEU A 17 3.17 13.68 6.04
N VAL A 18 2.22 12.76 6.18
CA VAL A 18 1.92 12.17 7.49
C VAL A 18 2.54 10.78 7.61
N PRO A 19 3.42 10.58 8.61
CA PRO A 19 3.98 9.27 8.91
C PRO A 19 2.90 8.30 9.36
N ARG A 20 2.69 7.25 8.59
CA ARG A 20 1.68 6.25 8.89
C ARG A 20 2.33 4.90 9.06
N LEU A 21 1.81 4.12 9.99
CA LEU A 21 2.26 2.75 10.18
C LEU A 21 1.44 1.83 9.28
N LEU A 22 2.00 1.48 8.14
CA LEU A 22 1.32 0.64 7.19
C LEU A 22 1.48 -0.83 7.59
N GLY A 23 0.42 -1.41 8.12
CA GLY A 23 0.47 -2.78 8.57
C GLY A 23 0.05 -3.75 7.48
N ILE A 24 1.02 -4.51 6.98
CA ILE A 24 0.76 -5.47 5.92
C ILE A 24 0.59 -6.87 6.51
N THR A 25 -0.60 -7.41 6.39
CA THR A 25 -0.87 -8.78 6.83
C THR A 25 -1.14 -9.66 5.62
N LYS A 26 -1.35 -10.95 5.84
CA LYS A 26 -1.59 -11.88 4.75
C LYS A 26 -3.07 -11.87 4.34
N GLU A 27 -3.80 -10.87 4.80
CA GLU A 27 -5.22 -10.77 4.48
C GLU A 27 -5.64 -9.34 4.21
N CYS A 28 -5.00 -8.37 4.87
CA CYS A 28 -5.39 -6.98 4.71
C CYS A 28 -4.23 -6.00 4.91
N VAL A 29 -4.40 -4.81 4.36
CA VAL A 29 -3.47 -3.71 4.54
C VAL A 29 -4.14 -2.62 5.36
N MET A 30 -3.64 -2.38 6.56
CA MET A 30 -4.28 -1.43 7.46
C MET A 30 -3.40 -0.20 7.68
N ARG A 31 -4.03 0.96 7.77
CA ARG A 31 -3.32 2.21 8.02
C ARG A 31 -3.44 2.58 9.49
N VAL A 32 -2.35 2.38 10.22
CA VAL A 32 -2.31 2.72 11.63
C VAL A 32 -1.64 4.08 11.82
N ASP A 33 -2.32 4.98 12.53
CA ASP A 33 -1.75 6.28 12.83
C ASP A 33 -0.51 6.10 13.71
N GLU A 34 0.57 6.77 13.34
CA GLU A 34 1.84 6.58 14.03
C GLU A 34 1.73 7.05 15.48
N LYS A 35 1.26 8.27 15.68
CA LYS A 35 1.22 8.87 17.00
C LYS A 35 0.13 8.25 17.87
N THR A 36 -1.06 8.13 17.33
CA THR A 36 -2.22 7.67 18.10
C THR A 36 -2.28 6.15 18.17
N LYS A 37 -1.60 5.49 17.23
CA LYS A 37 -1.57 4.02 17.17
C LYS A 37 -2.96 3.44 16.87
N GLU A 38 -3.78 4.22 16.17
CA GLU A 38 -5.13 3.78 15.83
C GLU A 38 -5.24 3.38 14.37
N VAL A 39 -5.92 2.28 14.11
CA VAL A 39 -6.16 1.82 12.75
C VAL A 39 -7.27 2.64 12.11
N ILE A 40 -6.91 3.55 11.23
CA ILE A 40 -7.86 4.47 10.63
C ILE A 40 -8.67 3.79 9.53
N GLN A 41 -8.00 3.00 8.72
CA GLN A 41 -8.64 2.37 7.57
C GLN A 41 -7.94 1.06 7.25
N GLU A 42 -8.70 0.11 6.73
CA GLU A 42 -8.16 -1.19 6.38
C GLU A 42 -8.67 -1.63 5.01
N TRP A 43 -7.77 -2.16 4.20
CA TRP A 43 -8.13 -2.67 2.88
C TRP A 43 -7.83 -4.16 2.80
N SER A 44 -8.81 -4.95 2.43
CA SER A 44 -8.58 -6.36 2.17
C SER A 44 -7.74 -6.53 0.91
N LEU A 45 -6.91 -7.57 0.87
CA LEU A 45 -6.04 -7.80 -0.29
C LEU A 45 -6.86 -8.08 -1.54
N THR A 46 -8.08 -8.57 -1.34
CA THR A 46 -8.99 -8.86 -2.44
C THR A 46 -9.55 -7.56 -3.05
N ASN A 47 -9.23 -6.45 -2.40
CA ASN A 47 -9.78 -5.15 -2.77
C ASN A 47 -8.74 -4.36 -3.55
N ILE A 48 -7.59 -4.97 -3.74
CA ILE A 48 -6.49 -4.33 -4.43
C ILE A 48 -6.55 -4.64 -5.93
N LYS A 49 -6.43 -3.61 -6.75
CA LYS A 49 -6.39 -3.80 -8.19
C LYS A 49 -4.94 -3.88 -8.65
N ARG A 50 -4.15 -2.89 -8.26
CA ARG A 50 -2.75 -2.81 -8.66
C ARG A 50 -2.00 -1.84 -7.76
N TRP A 51 -0.69 -1.98 -7.69
CA TRP A 51 0.13 -1.07 -6.91
C TRP A 51 1.37 -0.64 -7.68
N ALA A 52 1.86 0.54 -7.36
CA ALA A 52 3.07 1.08 -7.97
C ALA A 52 4.18 1.14 -6.94
N ALA A 53 5.27 0.44 -7.22
CA ALA A 53 6.38 0.35 -6.28
C ALA A 53 7.63 1.00 -6.83
N SER A 54 8.22 1.87 -6.03
CA SER A 54 9.49 2.49 -6.38
C SER A 54 10.35 2.61 -5.13
N PRO A 55 11.66 2.86 -5.27
CA PRO A 55 12.55 3.03 -4.12
C PRO A 55 12.37 4.39 -3.46
N LYS A 56 11.44 5.18 -4.00
CA LYS A 56 11.20 6.52 -3.50
C LYS A 56 9.78 6.64 -2.94
N SER A 57 8.84 5.90 -3.52
CA SER A 57 7.45 6.01 -3.12
C SER A 57 6.67 4.73 -3.41
N PHE A 58 5.44 4.68 -2.91
CA PHE A 58 4.56 3.55 -3.15
C PHE A 58 3.15 4.08 -3.39
N THR A 59 2.42 3.45 -4.30
CA THR A 59 1.07 3.89 -4.62
C THR A 59 0.13 2.70 -4.78
N LEU A 60 -1.03 2.78 -4.14
CA LEU A 60 -2.03 1.72 -4.23
C LEU A 60 -3.24 2.18 -5.05
N ASP A 61 -3.74 1.30 -5.90
CA ASP A 61 -4.99 1.52 -6.63
C ASP A 61 -5.96 0.40 -6.33
N PHE A 62 -7.19 0.77 -6.00
CA PHE A 62 -8.19 -0.21 -5.61
C PHE A 62 -9.32 -0.25 -6.63
N GLY A 63 -9.10 0.38 -7.77
CA GLY A 63 -10.08 0.35 -8.85
C GLY A 63 -11.40 0.98 -8.47
N ASP A 64 -12.43 0.15 -8.37
CA ASP A 64 -13.79 0.63 -8.12
C ASP A 64 -14.11 0.59 -6.63
N TYR A 65 -13.09 0.43 -5.80
CA TYR A 65 -13.27 0.35 -4.37
C TYR A 65 -13.30 1.74 -3.75
N GLN A 66 -12.55 2.66 -4.33
CA GLN A 66 -12.51 4.04 -3.85
C GLN A 66 -12.05 4.97 -4.95
N ASP A 67 -12.31 6.26 -4.77
CA ASP A 67 -11.88 7.27 -5.72
C ASP A 67 -10.53 7.82 -5.31
N GLY A 68 -9.62 7.89 -6.26
CA GLY A 68 -8.29 8.38 -5.97
C GLY A 68 -7.30 7.26 -5.79
N TYR A 69 -6.07 7.60 -5.43
CA TYR A 69 -5.05 6.59 -5.18
C TYR A 69 -4.50 6.75 -3.78
N TYR A 70 -3.58 5.88 -3.41
CA TYR A 70 -2.91 5.98 -2.14
C TYR A 70 -1.41 6.11 -2.37
N SER A 71 -0.95 7.34 -2.52
CA SER A 71 0.45 7.61 -2.79
C SER A 71 1.18 7.98 -1.51
N VAL A 72 2.18 7.18 -1.16
CA VAL A 72 2.98 7.43 0.02
C VAL A 72 4.46 7.51 -0.35
N GLN A 73 5.17 8.43 0.29
CA GLN A 73 6.59 8.55 0.07
C GLN A 73 7.35 7.73 1.10
N THR A 74 8.18 6.82 0.62
CA THR A 74 8.91 5.90 1.48
C THR A 74 9.93 5.12 0.68
N THR A 75 11.07 4.86 1.30
CA THR A 75 12.13 4.10 0.66
C THR A 75 11.85 2.59 0.74
N GLU A 76 10.81 2.23 1.47
CA GLU A 76 10.44 0.84 1.65
C GLU A 76 9.31 0.45 0.70
N GLY A 77 9.01 1.33 -0.25
CA GLY A 77 7.90 1.09 -1.17
C GLY A 77 8.01 -0.24 -1.90
N GLU A 78 9.21 -0.55 -2.38
CA GLU A 78 9.46 -1.79 -3.10
C GLU A 78 9.27 -3.00 -2.19
N GLN A 79 9.64 -2.84 -0.92
CA GLN A 79 9.54 -3.90 0.06
C GLN A 79 8.08 -4.16 0.45
N ILE A 80 7.30 -3.08 0.53
CA ILE A 80 5.88 -3.19 0.81
C ILE A 80 5.20 -4.02 -0.27
N ALA A 81 5.51 -3.69 -1.52
CA ALA A 81 4.97 -4.42 -2.67
C ALA A 81 5.38 -5.89 -2.62
N GLN A 82 6.65 -6.12 -2.28
CA GLN A 82 7.18 -7.48 -2.19
C GLN A 82 6.43 -8.29 -1.14
N LEU A 83 6.09 -7.64 -0.04
CA LEU A 83 5.41 -8.31 1.06
C LEU A 83 3.95 -8.61 0.69
N ILE A 84 3.27 -7.62 0.10
CA ILE A 84 1.89 -7.82 -0.35
C ILE A 84 1.83 -8.94 -1.38
N ALA A 85 2.69 -8.85 -2.39
CA ALA A 85 2.74 -9.85 -3.44
C ALA A 85 3.12 -11.22 -2.85
N GLY A 86 3.95 -11.19 -1.82
CA GLY A 86 4.35 -12.42 -1.14
C GLY A 86 3.19 -13.09 -0.45
N TYR A 87 2.40 -12.31 0.29
CA TYR A 87 1.23 -12.83 0.97
C TYR A 87 0.17 -13.28 -0.02
N ILE A 88 -0.04 -12.46 -1.04
CA ILE A 88 -0.99 -12.77 -2.10
C ILE A 88 -0.59 -14.03 -2.87
N ASP A 89 0.72 -14.21 -3.02
CA ASP A 89 1.28 -15.41 -3.64
C ASP A 89 0.86 -16.67 -2.87
N ILE A 90 0.58 -16.50 -1.60
CA ILE A 90 0.14 -17.60 -0.75
C ILE A 90 -1.36 -17.85 -0.90
N ILE A 91 -2.08 -16.82 -1.33
CA ILE A 91 -3.54 -16.90 -1.41
C ILE A 91 -3.97 -17.60 -2.71
N LEU A 92 -3.26 -17.36 -3.80
CA LEU A 92 -3.57 -18.00 -5.07
C LEU A 92 -3.48 -19.51 -4.94
N GLY B 1 6.38 9.58 -9.79
CA GLY B 1 7.33 10.66 -9.44
C GLY B 1 6.79 12.02 -9.78
N ARG B 2 7.56 12.79 -10.54
CA ARG B 2 7.12 14.10 -11.01
C ARG B 2 7.00 14.11 -12.52
N SER B 3 8.09 13.75 -13.21
CA SER B 3 8.09 13.70 -14.66
C SER B 3 8.37 12.29 -15.14
N LYS B 4 8.27 11.36 -14.21
CA LYS B 4 8.58 9.96 -14.44
C LYS B 4 7.79 9.10 -13.46
N GLU B 5 6.83 8.34 -13.97
CA GLU B 5 5.99 7.54 -13.12
C GLU B 5 6.41 6.08 -13.15
N SER B 6 5.99 5.33 -12.16
CA SER B 6 6.29 3.91 -12.09
C SER B 6 5.11 3.11 -12.66
N GLY B 7 5.38 1.88 -13.08
CA GLY B 7 4.33 1.04 -13.60
C GLY B 7 3.58 0.33 -12.48
N TRP B 8 2.75 -0.62 -12.84
CA TRP B 8 1.85 -1.24 -11.88
C TRP B 8 2.06 -2.74 -11.78
N VAL B 9 1.99 -3.23 -10.56
CA VAL B 9 1.96 -4.66 -10.30
C VAL B 9 0.57 -5.00 -9.80
N GLU B 10 -0.13 -5.84 -10.53
CA GLU B 10 -1.52 -6.11 -10.21
C GLU B 10 -1.72 -7.58 -9.84
N ASN B 11 -2.52 -7.79 -8.81
CA ASN B 11 -2.77 -9.14 -8.32
C ASN B 11 -3.95 -9.78 -9.03
N GLU B 12 -4.07 -11.09 -8.89
CA GLU B 12 -5.15 -11.84 -9.53
C GLU B 12 -6.27 -12.14 -8.55
N ILE B 13 -6.43 -11.30 -7.53
CA ILE B 13 -7.54 -11.45 -6.59
C ILE B 13 -8.37 -10.18 -6.51
N TYR B 14 -8.42 -9.42 -7.60
CA TYR B 14 -9.23 -8.22 -7.62
C TYR B 14 -10.69 -8.58 -7.88
N TYR B 15 -11.51 -8.44 -6.85
CA TYR B 15 -12.92 -8.72 -6.94
C TYR B 15 -13.65 -7.51 -7.54
N GLY A 1 3.72 -11.62 11.36
CA GLY A 1 3.08 -10.32 11.66
C GLY A 1 4.09 -9.24 11.95
N VAL A 2 3.63 -8.12 12.48
CA VAL A 2 4.48 -6.98 12.79
C VAL A 2 5.22 -6.49 11.54
N SER A 3 4.50 -6.46 10.43
CA SER A 3 5.06 -5.93 9.19
C SER A 3 4.53 -4.52 8.96
N PHE A 4 5.24 -3.55 9.53
CA PHE A 4 4.83 -2.15 9.44
C PHE A 4 5.86 -1.35 8.66
N PHE A 5 5.37 -0.43 7.85
CA PHE A 5 6.24 0.44 7.07
C PHE A 5 5.90 1.89 7.36
N LEU A 6 6.90 2.66 7.80
CA LEU A 6 6.71 4.08 8.04
C LEU A 6 6.63 4.83 6.72
N VAL A 7 5.41 5.14 6.32
CA VAL A 7 5.17 5.84 5.07
C VAL A 7 4.71 7.26 5.35
N LYS A 8 4.72 8.08 4.32
CA LYS A 8 4.26 9.45 4.42
C LYS A 8 3.07 9.68 3.49
N GLU A 9 1.89 9.86 4.06
CA GLU A 9 0.66 9.98 3.29
C GLU A 9 0.53 11.36 2.66
N LYS A 10 0.41 11.39 1.35
CA LYS A 10 0.14 12.62 0.62
C LYS A 10 -1.32 12.62 0.16
N MET A 11 -2.16 13.34 0.87
CA MET A 11 -3.59 13.35 0.58
C MET A 11 -4.08 14.78 0.45
N LYS A 12 -5.34 14.94 0.04
CA LYS A 12 -5.91 16.28 -0.18
C LYS A 12 -6.07 17.03 1.14
N GLY A 13 -6.14 18.35 1.05
CA GLY A 13 -6.35 19.16 2.23
C GLY A 13 -5.09 19.90 2.64
N LYS A 14 -3.95 19.31 2.34
CA LYS A 14 -2.67 19.91 2.70
C LYS A 14 -1.54 19.25 1.89
N ASN A 15 -0.34 19.78 2.02
CA ASN A 15 0.82 19.20 1.33
C ASN A 15 1.66 18.38 2.29
N LYS A 16 1.43 18.58 3.59
CA LYS A 16 2.17 17.87 4.62
C LYS A 16 1.90 16.38 4.56
N LEU A 17 2.95 15.60 4.37
CA LEU A 17 2.83 14.16 4.33
C LEU A 17 2.82 13.58 5.74
N VAL A 18 1.74 12.90 6.08
CA VAL A 18 1.55 12.39 7.42
C VAL A 18 2.24 11.03 7.60
N PRO A 19 3.05 10.88 8.66
CA PRO A 19 3.71 9.62 8.99
C PRO A 19 2.69 8.54 9.36
N ARG A 20 2.69 7.45 8.60
CA ARG A 20 1.75 6.38 8.81
C ARG A 20 2.47 5.05 8.94
N LEU A 21 1.94 4.18 9.79
CA LEU A 21 2.44 2.82 9.90
C LEU A 21 1.58 1.91 9.05
N LEU A 22 2.09 1.57 7.87
CA LEU A 22 1.37 0.69 6.97
C LEU A 22 1.53 -0.76 7.39
N GLY A 23 0.47 -1.33 7.92
CA GLY A 23 0.52 -2.69 8.41
C GLY A 23 0.02 -3.68 7.38
N ILE A 24 0.93 -4.49 6.85
CA ILE A 24 0.59 -5.48 5.85
C ILE A 24 0.36 -6.83 6.51
N THR A 25 -0.78 -7.44 6.24
CA THR A 25 -1.11 -8.74 6.79
C THR A 25 -1.38 -9.74 5.68
N LYS A 26 -1.71 -10.97 6.04
CA LYS A 26 -1.92 -12.03 5.07
C LYS A 26 -3.30 -11.93 4.41
N GLU A 27 -3.99 -10.82 4.62
CA GLU A 27 -5.34 -10.66 4.14
C GLU A 27 -5.74 -9.19 4.00
N CYS A 28 -5.20 -8.34 4.85
CA CYS A 28 -5.62 -6.95 4.90
C CYS A 28 -4.44 -5.97 4.92
N VAL A 29 -4.75 -4.70 4.72
CA VAL A 29 -3.76 -3.63 4.76
C VAL A 29 -4.29 -2.49 5.62
N MET A 30 -3.77 -2.35 6.84
CA MET A 30 -4.31 -1.37 7.77
C MET A 30 -3.39 -0.15 7.90
N ARG A 31 -4.00 1.02 7.95
CA ARG A 31 -3.27 2.27 8.17
C ARG A 31 -3.26 2.61 9.65
N VAL A 32 -2.13 2.38 10.30
CA VAL A 32 -2.00 2.68 11.72
C VAL A 32 -1.30 4.04 11.90
N ASP A 33 -1.88 4.89 12.73
CA ASP A 33 -1.28 6.19 13.01
C ASP A 33 0.06 6.01 13.70
N GLU A 34 1.09 6.68 13.18
CA GLU A 34 2.45 6.51 13.66
C GLU A 34 2.54 6.80 15.16
N LYS A 35 2.04 7.94 15.58
CA LYS A 35 2.24 8.40 16.94
C LYS A 35 1.14 7.89 17.87
N THR A 36 -0.10 7.91 17.40
CA THR A 36 -1.24 7.56 18.25
C THR A 36 -1.54 6.06 18.23
N LYS A 37 -0.95 5.35 17.26
CA LYS A 37 -1.10 3.90 17.15
C LYS A 37 -2.54 3.48 16.84
N GLU A 38 -3.32 4.39 16.27
CA GLU A 38 -4.70 4.10 15.95
C GLU A 38 -4.84 3.59 14.52
N VAL A 39 -5.60 2.51 14.35
CA VAL A 39 -5.91 1.99 13.04
C VAL A 39 -7.03 2.82 12.42
N ILE A 40 -6.69 3.59 11.41
CA ILE A 40 -7.62 4.52 10.80
C ILE A 40 -8.49 3.84 9.75
N GLN A 41 -7.86 3.09 8.87
CA GLN A 41 -8.57 2.46 7.77
C GLN A 41 -7.87 1.18 7.36
N GLU A 42 -8.64 0.12 7.18
CA GLU A 42 -8.10 -1.17 6.81
C GLU A 42 -8.67 -1.61 5.47
N TRP A 43 -7.78 -1.93 4.54
CA TRP A 43 -8.17 -2.47 3.25
C TRP A 43 -7.98 -3.98 3.25
N SER A 44 -8.32 -4.61 2.14
CA SER A 44 -8.13 -6.04 1.98
C SER A 44 -7.30 -6.30 0.72
N LEU A 45 -6.52 -7.37 0.73
CA LEU A 45 -5.66 -7.70 -0.40
C LEU A 45 -6.50 -7.95 -1.65
N THR A 46 -7.70 -8.47 -1.44
CA THR A 46 -8.63 -8.77 -2.53
C THR A 46 -9.22 -7.48 -3.13
N ASN A 47 -8.89 -6.33 -2.55
CA ASN A 47 -9.44 -5.07 -3.03
C ASN A 47 -8.38 -4.28 -3.77
N ILE A 48 -7.20 -4.88 -3.91
CA ILE A 48 -6.10 -4.24 -4.59
C ILE A 48 -6.13 -4.60 -6.08
N LYS A 49 -6.14 -3.60 -6.94
CA LYS A 49 -6.16 -3.83 -8.36
C LYS A 49 -4.75 -3.85 -8.93
N ARG A 50 -3.95 -2.87 -8.49
CA ARG A 50 -2.58 -2.72 -8.96
C ARG A 50 -1.82 -1.83 -7.99
N TRP A 51 -0.51 -1.95 -7.95
CA TRP A 51 0.29 -1.11 -7.08
C TRP A 51 1.59 -0.69 -7.76
N ALA A 52 2.12 0.45 -7.34
CA ALA A 52 3.36 0.98 -7.88
C ALA A 52 4.42 1.04 -6.80
N ALA A 53 5.50 0.30 -7.01
CA ALA A 53 6.57 0.20 -6.05
C ALA A 53 7.77 1.04 -6.46
N SER A 54 8.06 2.07 -5.68
CA SER A 54 9.20 2.93 -5.94
C SER A 54 10.13 2.91 -4.73
N PRO A 55 11.40 3.30 -4.92
CA PRO A 55 12.36 3.39 -3.81
C PRO A 55 12.17 4.68 -3.00
N LYS A 56 11.27 5.53 -3.47
CA LYS A 56 11.00 6.80 -2.79
C LYS A 56 9.50 6.94 -2.48
N SER A 57 8.68 6.15 -3.13
CA SER A 57 7.24 6.24 -2.96
C SER A 57 6.56 4.89 -3.18
N PHE A 58 5.27 4.83 -2.86
CA PHE A 58 4.49 3.64 -3.09
C PHE A 58 3.05 4.04 -3.36
N THR A 59 2.38 3.31 -4.24
CA THR A 59 1.01 3.65 -4.61
C THR A 59 0.13 2.42 -4.68
N LEU A 60 -0.99 2.45 -3.96
CA LEU A 60 -1.98 1.39 -4.01
C LEU A 60 -3.21 1.84 -4.78
N ASP A 61 -3.50 1.14 -5.87
CA ASP A 61 -4.67 1.44 -6.68
C ASP A 61 -5.76 0.41 -6.44
N PHE A 62 -6.92 0.88 -5.98
CA PHE A 62 -8.00 -0.02 -5.62
C PHE A 62 -9.06 -0.08 -6.72
N GLY A 63 -8.73 0.49 -7.86
CA GLY A 63 -9.62 0.44 -9.01
C GLY A 63 -10.95 1.12 -8.76
N ASP A 64 -12.00 0.31 -8.66
CA ASP A 64 -13.35 0.82 -8.49
C ASP A 64 -13.86 0.52 -7.09
N TYR A 65 -12.94 0.37 -6.16
CA TYR A 65 -13.28 0.13 -4.77
C TYR A 65 -13.51 1.47 -4.07
N GLN A 66 -12.81 2.49 -4.54
CA GLN A 66 -12.99 3.85 -4.04
C GLN A 66 -12.38 4.83 -5.01
N ASP A 67 -12.90 6.06 -5.03
CA ASP A 67 -12.34 7.10 -5.88
C ASP A 67 -11.14 7.74 -5.20
N GLY A 68 -10.00 7.66 -5.84
CA GLY A 68 -8.78 8.12 -5.24
C GLY A 68 -7.96 6.97 -4.71
N TYR A 69 -6.65 7.03 -4.89
CA TYR A 69 -5.79 5.92 -4.53
C TYR A 69 -4.99 6.24 -3.27
N TYR A 70 -4.02 5.40 -2.98
CA TYR A 70 -3.20 5.58 -1.80
C TYR A 70 -1.73 5.72 -2.20
N SER A 71 -1.29 6.97 -2.32
CA SER A 71 0.08 7.26 -2.69
C SER A 71 0.85 7.80 -1.49
N VAL A 72 1.90 7.08 -1.11
CA VAL A 72 2.70 7.45 0.04
C VAL A 72 4.17 7.59 -0.34
N GLN A 73 4.89 8.38 0.43
CA GLN A 73 6.33 8.48 0.27
C GLN A 73 7.00 7.51 1.24
N THR A 74 7.90 6.68 0.73
CA THR A 74 8.53 5.66 1.54
C THR A 74 9.71 5.03 0.81
N THR A 75 10.79 4.81 1.53
CA THR A 75 11.96 4.17 0.97
C THR A 75 11.81 2.66 0.97
N GLU A 76 10.73 2.18 1.58
CA GLU A 76 10.46 0.75 1.65
C GLU A 76 9.35 0.35 0.69
N GLY A 77 9.04 1.24 -0.26
CA GLY A 77 7.97 1.00 -1.21
C GLY A 77 8.13 -0.32 -1.96
N GLU A 78 9.37 -0.63 -2.34
CA GLU A 78 9.67 -1.88 -3.03
C GLU A 78 9.37 -3.08 -2.13
N GLN A 79 9.71 -2.94 -0.85
CA GLN A 79 9.52 -3.99 0.13
C GLN A 79 8.04 -4.20 0.43
N ILE A 80 7.27 -3.12 0.45
CA ILE A 80 5.84 -3.20 0.69
C ILE A 80 5.17 -4.03 -0.41
N ALA A 81 5.44 -3.66 -1.65
CA ALA A 81 4.85 -4.33 -2.80
C ALA A 81 5.19 -5.82 -2.82
N GLN A 82 6.46 -6.13 -2.58
CA GLN A 82 6.92 -7.51 -2.61
C GLN A 82 6.32 -8.31 -1.46
N LEU A 83 6.09 -7.64 -0.34
CA LEU A 83 5.48 -8.30 0.82
C LEU A 83 4.02 -8.63 0.54
N ILE A 84 3.31 -7.69 -0.07
CA ILE A 84 1.91 -7.91 -0.43
C ILE A 84 1.78 -9.09 -1.39
N ALA A 85 2.60 -9.07 -2.44
CA ALA A 85 2.60 -10.16 -3.42
C ALA A 85 3.03 -11.48 -2.78
N GLY A 86 3.78 -11.37 -1.69
CA GLY A 86 4.21 -12.54 -0.96
C GLY A 86 3.06 -13.26 -0.27
N TYR A 87 2.11 -12.49 0.26
CA TYR A 87 0.95 -13.07 0.92
C TYR A 87 -0.07 -13.52 -0.12
N ILE A 88 -0.19 -12.74 -1.19
CA ILE A 88 -1.10 -13.04 -2.28
C ILE A 88 -0.81 -14.43 -2.86
N ASP A 89 0.47 -14.75 -3.01
CA ASP A 89 0.89 -16.05 -3.54
C ASP A 89 0.39 -17.20 -2.65
N ILE A 90 0.28 -16.94 -1.35
CA ILE A 90 -0.15 -17.97 -0.41
C ILE A 90 -1.65 -18.20 -0.52
N ILE A 91 -2.40 -17.16 -0.86
CA ILE A 91 -3.85 -17.25 -0.94
C ILE A 91 -4.29 -17.96 -2.21
N LEU A 92 -3.51 -17.81 -3.27
CA LEU A 92 -3.84 -18.38 -4.57
C LEU A 92 -3.63 -19.89 -4.57
N GLY B 1 20.32 2.20 -17.79
CA GLY B 1 21.11 3.38 -17.39
C GLY B 1 20.67 3.92 -16.06
N ARG B 2 20.37 5.21 -16.01
CA ARG B 2 19.85 5.83 -14.79
C ARG B 2 18.37 5.49 -14.64
N SER B 3 18.09 4.37 -13.99
CA SER B 3 16.73 3.93 -13.82
C SER B 3 16.61 3.02 -12.60
N LYS B 4 15.96 3.53 -11.56
CA LYS B 4 15.57 2.71 -10.43
C LYS B 4 14.16 2.19 -10.71
N GLU B 5 14.10 0.91 -11.00
CA GLU B 5 12.89 0.30 -11.56
C GLU B 5 11.66 0.52 -10.69
N SER B 6 10.75 1.35 -11.18
CA SER B 6 9.45 1.54 -10.58
C SER B 6 8.37 1.39 -11.64
N GLY B 7 7.31 0.72 -11.28
CA GLY B 7 6.25 0.46 -12.23
C GLY B 7 5.07 -0.24 -11.57
N TRP B 8 4.22 -0.85 -12.39
CA TRP B 8 2.96 -1.37 -11.92
C TRP B 8 2.95 -2.88 -11.82
N VAL B 9 2.57 -3.36 -10.65
CA VAL B 9 2.38 -4.79 -10.43
C VAL B 9 0.90 -5.04 -10.18
N GLU B 10 0.30 -5.89 -11.00
CA GLU B 10 -1.13 -6.11 -10.93
C GLU B 10 -1.46 -7.30 -10.04
N ASN B 11 -2.68 -7.31 -9.52
CA ASN B 11 -3.12 -8.32 -8.56
C ASN B 11 -4.21 -9.19 -9.16
N GLU B 12 -4.14 -10.50 -8.90
CA GLU B 12 -5.04 -11.46 -9.53
C GLU B 12 -6.22 -11.80 -8.65
N ILE B 13 -6.30 -11.14 -7.52
CA ILE B 13 -7.46 -11.31 -6.63
C ILE B 13 -8.11 -9.94 -6.34
N TYR B 14 -9.02 -9.50 -7.20
CA TYR B 14 -9.66 -8.21 -7.03
C TYR B 14 -11.18 -8.36 -7.09
N TYR B 15 -11.87 -7.90 -6.06
CA TYR B 15 -13.31 -7.93 -6.02
C TYR B 15 -13.88 -6.94 -7.04
N GLY A 1 3.48 -12.55 8.55
CA GLY A 1 3.57 -11.73 9.77
C GLY A 1 2.87 -10.40 9.61
N VAL A 2 2.87 -9.59 10.67
CA VAL A 2 2.29 -8.27 10.61
C VAL A 2 3.39 -7.20 10.62
N SER A 3 3.77 -6.76 9.43
CA SER A 3 4.86 -5.81 9.27
C SER A 3 4.33 -4.38 9.25
N PHE A 4 4.95 -3.51 10.03
CA PHE A 4 4.57 -2.11 10.06
C PHE A 4 5.63 -1.26 9.37
N PHE A 5 5.20 -0.52 8.36
CA PHE A 5 6.09 0.37 7.65
C PHE A 5 5.78 1.81 8.00
N LEU A 6 6.80 2.54 8.43
CA LEU A 6 6.64 3.95 8.77
C LEU A 6 6.74 4.79 7.50
N VAL A 7 5.60 5.02 6.88
CA VAL A 7 5.55 5.74 5.62
C VAL A 7 5.11 7.18 5.83
N LYS A 8 5.20 7.98 4.77
CA LYS A 8 4.82 9.38 4.85
C LYS A 8 3.72 9.69 3.86
N GLU A 9 2.52 9.96 4.35
CA GLU A 9 1.38 10.28 3.51
C GLU A 9 1.39 11.76 3.15
N LYS A 10 1.62 12.06 1.89
CA LYS A 10 1.57 13.44 1.43
C LYS A 10 0.14 13.82 1.06
N MET A 11 -0.51 14.54 1.97
CA MET A 11 -1.87 14.99 1.75
C MET A 11 -1.88 16.42 1.25
N LYS A 12 -3.03 16.86 0.74
CA LYS A 12 -3.19 18.22 0.25
C LYS A 12 -3.35 19.18 1.42
N GLY A 13 -3.41 20.47 1.12
CA GLY A 13 -3.60 21.47 2.16
C GLY A 13 -2.28 21.97 2.69
N LYS A 14 -1.33 21.06 2.89
CA LYS A 14 -0.02 21.43 3.39
C LYS A 14 1.06 20.59 2.72
N ASN A 15 2.31 20.99 2.89
CA ASN A 15 3.44 20.30 2.28
C ASN A 15 4.04 19.30 3.25
N LYS A 16 3.60 19.37 4.49
CA LYS A 16 4.09 18.47 5.53
C LYS A 16 3.44 17.09 5.40
N LEU A 17 4.27 16.07 5.23
CA LEU A 17 3.77 14.71 5.10
C LEU A 17 3.45 14.13 6.47
N VAL A 18 2.45 13.26 6.52
CA VAL A 18 2.01 12.67 7.78
C VAL A 18 2.60 11.27 7.95
N PRO A 19 3.30 11.02 9.08
CA PRO A 19 3.84 9.70 9.39
C PRO A 19 2.75 8.68 9.64
N ARG A 20 2.77 7.60 8.88
CA ARG A 20 1.74 6.58 9.00
C ARG A 20 2.36 5.21 9.18
N LEU A 21 1.75 4.39 10.03
CA LEU A 21 2.19 3.03 10.22
C LEU A 21 1.38 2.10 9.32
N LEU A 22 1.95 1.74 8.19
CA LEU A 22 1.26 0.88 7.23
C LEU A 22 1.49 -0.57 7.60
N GLY A 23 0.43 -1.23 8.06
CA GLY A 23 0.53 -2.62 8.46
C GLY A 23 0.19 -3.56 7.33
N ILE A 24 1.11 -4.45 7.02
CA ILE A 24 0.89 -5.43 5.96
C ILE A 24 0.76 -6.82 6.55
N THR A 25 -0.41 -7.43 6.38
CA THR A 25 -0.64 -8.78 6.85
C THR A 25 -0.94 -9.69 5.67
N LYS A 26 -1.26 -10.95 5.93
CA LYS A 26 -1.50 -11.91 4.87
C LYS A 26 -2.94 -11.86 4.37
N GLU A 27 -3.70 -10.87 4.82
CA GLU A 27 -5.09 -10.74 4.40
C GLU A 27 -5.49 -9.29 4.17
N CYS A 28 -4.91 -8.36 4.91
CA CYS A 28 -5.32 -6.97 4.83
C CYS A 28 -4.18 -5.99 5.06
N VAL A 29 -4.38 -4.77 4.59
CA VAL A 29 -3.44 -3.67 4.81
C VAL A 29 -4.11 -2.59 5.64
N MET A 30 -3.64 -2.39 6.86
CA MET A 30 -4.24 -1.44 7.77
C MET A 30 -3.38 -0.20 7.95
N ARG A 31 -4.01 0.96 7.96
CA ARG A 31 -3.32 2.21 8.24
C ARG A 31 -3.42 2.55 9.72
N VAL A 32 -2.33 2.39 10.43
CA VAL A 32 -2.27 2.71 11.84
C VAL A 32 -1.74 4.13 12.03
N ASP A 33 -2.44 4.91 12.84
CA ASP A 33 -2.02 6.27 13.13
C ASP A 33 -0.78 6.27 14.01
N GLU A 34 0.18 7.11 13.67
CA GLU A 34 1.45 7.16 14.39
C GLU A 34 1.22 7.61 15.83
N LYS A 35 0.46 8.67 16.01
CA LYS A 35 0.26 9.27 17.31
C LYS A 35 -0.66 8.42 18.19
N THR A 36 -1.83 8.10 17.68
CA THR A 36 -2.86 7.44 18.47
C THR A 36 -2.70 5.92 18.47
N LYS A 37 -1.97 5.41 17.48
CA LYS A 37 -1.70 3.98 17.35
C LYS A 37 -2.95 3.18 17.04
N GLU A 38 -3.99 3.85 16.54
CA GLU A 38 -5.23 3.17 16.18
C GLU A 38 -5.30 2.96 14.68
N VAL A 39 -6.19 2.07 14.26
CA VAL A 39 -6.39 1.81 12.85
C VAL A 39 -7.41 2.78 12.27
N ILE A 40 -7.01 3.47 11.21
CA ILE A 40 -7.89 4.43 10.54
C ILE A 40 -8.71 3.73 9.47
N GLN A 41 -8.02 3.08 8.54
CA GLN A 41 -8.67 2.39 7.44
C GLN A 41 -7.92 1.12 7.11
N GLU A 42 -8.64 0.08 6.72
CA GLU A 42 -8.03 -1.20 6.38
C GLU A 42 -8.51 -1.68 5.01
N TRP A 43 -7.58 -2.14 4.18
CA TRP A 43 -7.92 -2.66 2.87
C TRP A 43 -7.69 -4.16 2.81
N SER A 44 -8.72 -4.91 2.46
CA SER A 44 -8.54 -6.32 2.15
C SER A 44 -7.69 -6.46 0.91
N LEU A 45 -6.81 -7.46 0.87
CA LEU A 45 -5.95 -7.68 -0.28
C LEU A 45 -6.77 -7.98 -1.53
N THR A 46 -7.99 -8.47 -1.31
CA THR A 46 -8.91 -8.77 -2.39
C THR A 46 -9.42 -7.48 -3.07
N ASN A 47 -9.27 -6.36 -2.37
CA ASN A 47 -9.80 -5.07 -2.87
C ASN A 47 -8.75 -4.32 -3.66
N ILE A 48 -7.55 -4.90 -3.77
CA ILE A 48 -6.48 -4.27 -4.52
C ILE A 48 -6.65 -4.54 -6.01
N LYS A 49 -6.29 -3.57 -6.85
CA LYS A 49 -6.36 -3.73 -8.29
C LYS A 49 -4.95 -3.83 -8.89
N ARG A 50 -4.12 -2.86 -8.53
CA ARG A 50 -2.74 -2.81 -8.98
C ARG A 50 -1.95 -1.86 -8.09
N TRP A 51 -0.67 -2.14 -7.89
CA TRP A 51 0.17 -1.25 -7.11
C TRP A 51 1.40 -0.82 -7.89
N ALA A 52 1.86 0.38 -7.60
CA ALA A 52 3.04 0.94 -8.23
C ALA A 52 4.13 1.13 -7.20
N ALA A 53 5.25 0.47 -7.43
CA ALA A 53 6.35 0.48 -6.48
C ALA A 53 7.58 1.16 -7.07
N SER A 54 8.16 2.07 -6.29
CA SER A 54 9.39 2.73 -6.68
C SER A 54 10.27 2.89 -5.44
N PRO A 55 11.54 3.28 -5.59
CA PRO A 55 12.43 3.50 -4.46
C PRO A 55 12.15 4.81 -3.73
N LYS A 56 11.05 5.47 -4.07
CA LYS A 56 10.73 6.75 -3.46
C LYS A 56 9.25 6.83 -3.04
N SER A 57 8.36 6.21 -3.81
CA SER A 57 6.95 6.25 -3.48
C SER A 57 6.27 4.93 -3.77
N PHE A 58 5.21 4.65 -3.03
CA PHE A 58 4.41 3.45 -3.22
C PHE A 58 2.96 3.84 -3.46
N THR A 59 2.38 3.36 -4.55
CA THR A 59 1.02 3.72 -4.93
C THR A 59 0.12 2.50 -4.99
N LEU A 60 -0.98 2.55 -4.25
CA LEU A 60 -1.99 1.50 -4.29
C LEU A 60 -3.21 1.97 -5.08
N ASP A 61 -3.59 1.22 -6.10
CA ASP A 61 -4.82 1.48 -6.83
C ASP A 61 -5.81 0.36 -6.55
N PHE A 62 -7.01 0.75 -6.16
CA PHE A 62 -8.04 -0.22 -5.79
C PHE A 62 -9.16 -0.22 -6.82
N GLY A 63 -8.99 0.60 -7.86
CA GLY A 63 -9.98 0.67 -8.92
C GLY A 63 -11.34 1.09 -8.42
N ASP A 64 -12.30 0.19 -8.52
CA ASP A 64 -13.67 0.47 -8.12
C ASP A 64 -13.87 0.17 -6.64
N TYR A 65 -13.20 0.95 -5.80
CA TYR A 65 -13.32 0.78 -4.35
C TYR A 65 -13.49 2.13 -3.68
N GLN A 66 -12.54 3.03 -3.91
CA GLN A 66 -12.61 4.36 -3.32
C GLN A 66 -12.10 5.42 -4.29
N ASP A 67 -12.15 6.67 -3.85
CA ASP A 67 -11.76 7.80 -4.68
C ASP A 67 -10.27 8.09 -4.58
N GLY A 68 -9.61 8.13 -5.72
CA GLY A 68 -8.20 8.45 -5.76
C GLY A 68 -7.31 7.28 -5.40
N TYR A 69 -6.04 7.37 -5.76
CA TYR A 69 -5.06 6.34 -5.44
C TYR A 69 -4.57 6.53 -4.01
N TYR A 70 -3.71 5.62 -3.57
CA TYR A 70 -3.05 5.76 -2.28
C TYR A 70 -1.54 5.74 -2.48
N SER A 71 -0.94 6.93 -2.47
CA SER A 71 0.49 7.05 -2.69
C SER A 71 1.18 7.61 -1.46
N VAL A 72 2.14 6.86 -0.95
CA VAL A 72 2.94 7.32 0.19
C VAL A 72 4.40 7.40 -0.20
N GLN A 73 5.10 8.37 0.36
CA GLN A 73 6.53 8.52 0.11
C GLN A 73 7.32 7.65 1.07
N THR A 74 8.11 6.75 0.52
CA THR A 74 8.83 5.78 1.31
C THR A 74 9.87 5.04 0.46
N THR A 75 11.03 4.80 1.04
CA THR A 75 12.06 4.02 0.36
C THR A 75 11.78 2.54 0.53
N GLU A 76 10.85 2.22 1.42
CA GLU A 76 10.50 0.84 1.70
C GLU A 76 9.30 0.40 0.87
N GLY A 77 8.91 1.25 -0.09
CA GLY A 77 7.81 0.92 -0.99
C GLY A 77 8.08 -0.35 -1.76
N GLU A 78 9.35 -0.57 -2.10
CA GLU A 78 9.80 -1.79 -2.74
C GLU A 78 9.42 -3.01 -1.89
N GLN A 79 9.70 -2.91 -0.59
CA GLN A 79 9.43 -3.98 0.35
C GLN A 79 7.94 -4.27 0.43
N ILE A 80 7.16 -3.20 0.59
CA ILE A 80 5.71 -3.31 0.73
C ILE A 80 5.09 -4.04 -0.46
N ALA A 81 5.50 -3.65 -1.66
CA ALA A 81 4.98 -4.23 -2.89
C ALA A 81 5.16 -5.74 -2.93
N GLN A 82 6.40 -6.18 -2.76
CA GLN A 82 6.72 -7.60 -2.86
C GLN A 82 6.21 -8.36 -1.64
N LEU A 83 6.03 -7.65 -0.53
CA LEU A 83 5.48 -8.26 0.67
C LEU A 83 4.01 -8.62 0.44
N ILE A 84 3.26 -7.68 -0.13
CA ILE A 84 1.86 -7.92 -0.46
C ILE A 84 1.76 -9.06 -1.48
N ALA A 85 2.59 -9.00 -2.51
CA ALA A 85 2.62 -10.04 -3.54
C ALA A 85 2.98 -11.39 -2.93
N GLY A 86 3.84 -11.37 -1.92
CA GLY A 86 4.23 -12.59 -1.24
C GLY A 86 3.07 -13.22 -0.49
N TYR A 87 2.34 -12.41 0.27
CA TYR A 87 1.17 -12.88 1.00
C TYR A 87 0.08 -13.33 0.04
N ILE A 88 -0.12 -12.55 -1.00
CA ILE A 88 -1.08 -12.87 -2.05
C ILE A 88 -0.77 -14.22 -2.68
N ASP A 89 0.51 -14.51 -2.83
CA ASP A 89 0.95 -15.78 -3.40
C ASP A 89 0.54 -16.95 -2.51
N ILE A 90 0.43 -16.68 -1.21
CA ILE A 90 0.00 -17.68 -0.24
C ILE A 90 -1.50 -17.91 -0.33
N ILE A 91 -2.24 -16.82 -0.56
CA ILE A 91 -3.69 -16.88 -0.69
C ILE A 91 -4.08 -17.61 -1.97
N LEU A 92 -3.32 -17.38 -3.02
CA LEU A 92 -3.56 -18.02 -4.31
C LEU A 92 -3.21 -19.49 -4.26
N GLY B 1 10.03 10.14 -9.31
CA GLY B 1 10.33 11.46 -8.71
C GLY B 1 9.88 12.59 -9.61
N ARG B 2 10.62 12.81 -10.69
CA ARG B 2 10.27 13.81 -11.69
C ARG B 2 9.01 13.39 -12.43
N SER B 3 8.91 12.10 -12.69
CA SER B 3 7.75 11.53 -13.33
C SER B 3 7.24 10.36 -12.48
N LYS B 4 6.12 9.75 -12.85
CA LYS B 4 5.66 8.56 -12.15
C LYS B 4 6.52 7.38 -12.58
N GLU B 5 7.70 7.30 -12.00
CA GLU B 5 8.68 6.29 -12.34
C GLU B 5 8.43 5.02 -11.55
N SER B 6 7.30 4.40 -11.81
CA SER B 6 6.90 3.20 -11.10
C SER B 6 6.10 2.30 -12.02
N GLY B 7 6.50 1.04 -12.10
CA GLY B 7 5.72 0.08 -12.85
C GLY B 7 4.55 -0.42 -12.04
N TRP B 8 3.75 -1.26 -12.66
CA TRP B 8 2.49 -1.67 -12.06
C TRP B 8 2.41 -3.17 -11.93
N VAL B 9 2.08 -3.60 -10.73
CA VAL B 9 1.94 -5.02 -10.43
C VAL B 9 0.49 -5.31 -10.06
N GLU B 10 -0.19 -6.07 -10.89
CA GLU B 10 -1.60 -6.34 -10.69
C GLU B 10 -1.82 -7.69 -10.00
N ASN B 11 -2.85 -7.73 -9.18
CA ASN B 11 -3.18 -8.92 -8.42
C ASN B 11 -4.29 -9.71 -9.11
N GLU B 12 -4.34 -11.00 -8.85
CA GLU B 12 -5.35 -11.86 -9.47
C GLU B 12 -6.42 -12.26 -8.48
N ILE B 13 -6.53 -11.49 -7.40
CA ILE B 13 -7.62 -11.68 -6.45
C ILE B 13 -8.50 -10.45 -6.37
N TYR B 14 -8.43 -9.59 -7.38
CA TYR B 14 -9.28 -8.41 -7.46
C TYR B 14 -10.69 -8.82 -7.86
N TYR B 15 -11.65 -8.51 -7.00
CA TYR B 15 -13.02 -8.83 -7.26
C TYR B 15 -13.69 -7.76 -8.12
N GLY A 1 5.97 -11.49 9.30
CA GLY A 1 4.52 -11.23 9.10
C GLY A 1 4.05 -10.07 9.94
N VAL A 2 2.94 -9.45 9.52
CA VAL A 2 2.39 -8.28 10.22
C VAL A 2 3.48 -7.22 10.36
N SER A 3 3.89 -6.67 9.23
CA SER A 3 4.98 -5.73 9.19
C SER A 3 4.48 -4.31 9.03
N PHE A 4 4.94 -3.42 9.89
CA PHE A 4 4.54 -2.03 9.82
C PHE A 4 5.66 -1.18 9.23
N PHE A 5 5.34 -0.49 8.16
CA PHE A 5 6.28 0.42 7.53
C PHE A 5 5.82 1.85 7.75
N LEU A 6 6.74 2.73 8.07
CA LEU A 6 6.39 4.11 8.32
C LEU A 6 6.37 4.88 7.00
N VAL A 7 5.19 5.00 6.43
CA VAL A 7 5.04 5.69 5.16
C VAL A 7 4.62 7.13 5.40
N LYS A 8 4.97 8.01 4.47
CA LYS A 8 4.63 9.41 4.60
C LYS A 8 3.54 9.79 3.61
N GLU A 9 2.33 9.97 4.12
CA GLU A 9 1.20 10.35 3.30
C GLU A 9 1.24 11.85 3.00
N LYS A 10 1.53 12.19 1.76
CA LYS A 10 1.51 13.59 1.36
C LYS A 10 0.08 14.01 1.09
N MET A 11 -0.52 14.65 2.06
CA MET A 11 -1.88 15.13 1.93
C MET A 11 -1.90 16.65 1.71
N LYS A 12 -3.07 17.17 1.41
CA LYS A 12 -3.25 18.60 1.23
C LYS A 12 -3.25 19.30 2.59
N GLY A 13 -3.04 20.61 2.58
CA GLY A 13 -3.10 21.37 3.81
C GLY A 13 -1.74 21.87 4.25
N LYS A 14 -0.72 21.07 4.02
CA LYS A 14 0.64 21.44 4.41
C LYS A 14 1.66 20.76 3.50
N ASN A 15 2.91 21.20 3.59
CA ASN A 15 3.98 20.63 2.79
C ASN A 15 4.60 19.42 3.47
N LYS A 16 4.27 19.22 4.74
CA LYS A 16 4.79 18.09 5.48
C LYS A 16 3.94 16.85 5.21
N LEU A 17 4.60 15.71 5.07
CA LEU A 17 3.93 14.45 4.83
C LEU A 17 3.60 13.79 6.17
N VAL A 18 2.43 13.16 6.24
CA VAL A 18 1.96 12.57 7.48
C VAL A 18 2.48 11.13 7.62
N PRO A 19 3.26 10.86 8.68
CA PRO A 19 3.77 9.52 8.96
C PRO A 19 2.66 8.58 9.40
N ARG A 20 2.47 7.52 8.64
CA ARG A 20 1.45 6.53 8.96
C ARG A 20 2.08 5.16 9.08
N LEU A 21 1.56 4.34 9.98
CA LEU A 21 2.03 2.98 10.12
C LEU A 21 1.28 2.06 9.17
N LEU A 22 1.93 1.74 8.07
CA LEU A 22 1.32 0.88 7.06
C LEU A 22 1.55 -0.58 7.43
N GLY A 23 0.51 -1.22 7.94
CA GLY A 23 0.63 -2.60 8.36
C GLY A 23 0.26 -3.57 7.27
N ILE A 24 1.20 -4.43 6.91
CA ILE A 24 0.95 -5.44 5.90
C ILE A 24 0.75 -6.80 6.57
N THR A 25 -0.42 -7.37 6.40
CA THR A 25 -0.72 -8.67 6.98
C THR A 25 -1.04 -9.68 5.87
N LYS A 26 -1.45 -10.89 6.25
CA LYS A 26 -1.65 -11.96 5.29
C LYS A 26 -2.87 -11.73 4.41
N GLU A 27 -3.80 -10.91 4.87
CA GLU A 27 -5.05 -10.73 4.14
C GLU A 27 -5.42 -9.26 3.96
N CYS A 28 -4.75 -8.35 4.65
CA CYS A 28 -5.14 -6.95 4.59
C CYS A 28 -3.98 -5.99 4.84
N VAL A 29 -4.22 -4.73 4.47
CA VAL A 29 -3.28 -3.64 4.68
C VAL A 29 -3.97 -2.56 5.51
N MET A 30 -3.53 -2.37 6.75
CA MET A 30 -4.18 -1.43 7.64
C MET A 30 -3.34 -0.18 7.85
N ARG A 31 -4.00 0.97 7.85
CA ARG A 31 -3.34 2.24 8.16
C ARG A 31 -3.50 2.55 9.64
N VAL A 32 -2.42 2.39 10.38
CA VAL A 32 -2.44 2.70 11.80
C VAL A 32 -1.84 4.08 12.05
N ASP A 33 -2.56 4.91 12.79
CA ASP A 33 -2.07 6.23 13.15
C ASP A 33 -0.80 6.10 13.98
N GLU A 34 0.23 6.84 13.59
CA GLU A 34 1.54 6.73 14.22
C GLU A 34 1.50 7.24 15.66
N LYS A 35 0.65 8.23 15.91
CA LYS A 35 0.59 8.88 17.22
C LYS A 35 -0.43 8.21 18.13
N THR A 36 -1.65 8.08 17.64
CA THR A 36 -2.75 7.59 18.46
C THR A 36 -2.88 6.06 18.36
N LYS A 37 -2.27 5.49 17.33
CA LYS A 37 -2.31 4.04 17.09
C LYS A 37 -3.73 3.56 16.77
N GLU A 38 -4.44 4.36 15.98
CA GLU A 38 -5.77 4.01 15.55
C GLU A 38 -5.75 3.38 14.16
N VAL A 39 -6.53 2.32 13.97
CA VAL A 39 -6.68 1.72 12.66
C VAL A 39 -7.67 2.53 11.85
N ILE A 40 -7.16 3.47 11.08
CA ILE A 40 -8.00 4.41 10.33
C ILE A 40 -8.70 3.71 9.19
N GLN A 41 -7.98 2.87 8.48
CA GLN A 41 -8.52 2.19 7.32
C GLN A 41 -7.81 0.87 7.08
N GLU A 42 -8.58 -0.17 6.85
CA GLU A 42 -8.02 -1.48 6.55
C GLU A 42 -8.48 -1.93 5.18
N TRP A 43 -7.54 -2.16 4.28
CA TRP A 43 -7.86 -2.64 2.95
C TRP A 43 -7.56 -4.12 2.84
N SER A 44 -8.56 -4.92 2.50
CA SER A 44 -8.33 -6.33 2.25
C SER A 44 -7.60 -6.48 0.91
N LEU A 45 -6.71 -7.46 0.82
CA LEU A 45 -5.92 -7.67 -0.39
C LEU A 45 -6.81 -7.93 -1.60
N THR A 46 -8.04 -8.37 -1.33
CA THR A 46 -9.00 -8.67 -2.36
C THR A 46 -9.50 -7.39 -3.05
N ASN A 47 -9.27 -6.24 -2.43
CA ASN A 47 -9.73 -4.97 -2.96
C ASN A 47 -8.60 -4.22 -3.63
N ILE A 48 -7.43 -4.85 -3.67
CA ILE A 48 -6.29 -4.26 -4.35
C ILE A 48 -6.39 -4.52 -5.84
N LYS A 49 -6.35 -3.47 -6.62
CA LYS A 49 -6.40 -3.60 -8.06
C LYS A 49 -4.98 -3.63 -8.64
N ARG A 50 -4.19 -2.65 -8.22
CA ARG A 50 -2.81 -2.55 -8.66
C ARG A 50 -2.01 -1.74 -7.65
N TRP A 51 -0.71 -1.97 -7.62
CA TRP A 51 0.17 -1.18 -6.75
C TRP A 51 1.47 -0.87 -7.47
N ALA A 52 2.03 0.29 -7.18
CA ALA A 52 3.24 0.74 -7.81
C ALA A 52 4.39 0.81 -6.82
N ALA A 53 5.46 0.10 -7.15
CA ALA A 53 6.63 0.04 -6.30
C ALA A 53 7.77 0.85 -6.90
N SER A 54 8.24 1.83 -6.15
CA SER A 54 9.38 2.63 -6.58
C SER A 54 10.27 2.94 -5.38
N PRO A 55 11.56 3.22 -5.62
CA PRO A 55 12.50 3.52 -4.54
C PRO A 55 12.21 4.84 -3.83
N LYS A 56 11.32 5.64 -4.42
CA LYS A 56 10.98 6.94 -3.86
C LYS A 56 9.64 6.89 -3.11
N SER A 57 8.70 6.10 -3.62
CA SER A 57 7.36 6.09 -3.04
C SER A 57 6.61 4.80 -3.35
N PHE A 58 5.41 4.69 -2.82
CA PHE A 58 4.55 3.54 -3.05
C PHE A 58 3.12 4.02 -3.32
N THR A 59 2.44 3.37 -4.25
CA THR A 59 1.09 3.77 -4.61
C THR A 59 0.16 2.57 -4.72
N LEU A 60 -0.98 2.66 -4.04
CA LEU A 60 -1.99 1.62 -4.10
C LEU A 60 -3.22 2.11 -4.86
N ASP A 61 -3.82 1.23 -5.64
CA ASP A 61 -5.07 1.51 -6.31
C ASP A 61 -6.08 0.42 -5.98
N PHE A 62 -7.30 0.84 -5.66
CA PHE A 62 -8.33 -0.08 -5.23
C PHE A 62 -9.54 -0.03 -6.16
N GLY A 63 -9.38 0.67 -7.28
CA GLY A 63 -10.39 0.71 -8.32
C GLY A 63 -11.76 1.17 -7.83
N ASP A 64 -12.64 0.21 -7.62
CA ASP A 64 -14.04 0.48 -7.31
C ASP A 64 -14.28 0.57 -5.80
N TYR A 65 -13.21 0.46 -5.03
CA TYR A 65 -13.34 0.43 -3.57
C TYR A 65 -13.39 1.85 -2.99
N GLN A 66 -12.57 2.75 -3.52
CA GLN A 66 -12.54 4.12 -3.04
C GLN A 66 -12.20 5.09 -4.18
N ASP A 67 -12.29 6.38 -3.89
CA ASP A 67 -12.08 7.41 -4.90
C ASP A 67 -10.64 7.88 -4.90
N GLY A 68 -9.92 7.59 -5.97
CA GLY A 68 -8.54 8.04 -6.09
C GLY A 68 -7.55 6.93 -5.76
N TYR A 69 -6.29 7.30 -5.65
CA TYR A 69 -5.24 6.34 -5.34
C TYR A 69 -4.74 6.56 -3.93
N TYR A 70 -3.81 5.72 -3.49
CA TYR A 70 -3.15 5.88 -2.22
C TYR A 70 -1.64 5.99 -2.44
N SER A 71 -1.13 7.20 -2.50
CA SER A 71 0.28 7.44 -2.75
C SER A 71 0.99 7.93 -1.49
N VAL A 72 2.02 7.20 -1.09
CA VAL A 72 2.82 7.57 0.07
C VAL A 72 4.30 7.55 -0.28
N GLN A 73 5.06 8.45 0.31
CA GLN A 73 6.49 8.50 0.06
C GLN A 73 7.22 7.59 1.03
N THR A 74 8.09 6.76 0.49
CA THR A 74 8.84 5.79 1.29
C THR A 74 9.92 5.15 0.43
N THR A 75 11.10 4.97 1.02
CA THR A 75 12.22 4.40 0.31
C THR A 75 12.17 2.88 0.35
N GLU A 76 11.19 2.35 1.07
CA GLU A 76 11.04 0.92 1.23
C GLU A 76 9.78 0.42 0.53
N GLY A 77 9.40 1.11 -0.55
CA GLY A 77 8.22 0.75 -1.31
C GLY A 77 8.29 -0.64 -1.90
N GLU A 78 9.50 -1.06 -2.27
CA GLU A 78 9.70 -2.39 -2.87
C GLU A 78 9.39 -3.47 -1.84
N GLN A 79 9.88 -3.28 -0.63
CA GLN A 79 9.65 -4.22 0.47
C GLN A 79 8.16 -4.40 0.69
N ILE A 80 7.43 -3.29 0.69
CA ILE A 80 5.98 -3.31 0.88
C ILE A 80 5.31 -4.07 -0.27
N ALA A 81 5.68 -3.73 -1.49
CA ALA A 81 5.09 -4.33 -2.69
C ALA A 81 5.32 -5.83 -2.71
N GLN A 82 6.56 -6.25 -2.51
CA GLN A 82 6.92 -7.65 -2.58
C GLN A 82 6.28 -8.43 -1.44
N LEU A 83 6.03 -7.75 -0.33
CA LEU A 83 5.39 -8.39 0.82
C LEU A 83 3.91 -8.66 0.52
N ILE A 84 3.24 -7.67 -0.08
CA ILE A 84 1.86 -7.84 -0.49
C ILE A 84 1.74 -8.95 -1.53
N ALA A 85 2.58 -8.87 -2.55
CA ALA A 85 2.58 -9.89 -3.61
C ALA A 85 2.94 -11.26 -3.04
N GLY A 86 3.73 -11.26 -1.97
CA GLY A 86 4.10 -12.51 -1.31
C GLY A 86 2.92 -13.19 -0.68
N TYR A 87 2.09 -12.43 0.02
CA TYR A 87 0.88 -12.98 0.64
C TYR A 87 -0.18 -13.25 -0.41
N ILE A 88 -0.20 -12.44 -1.47
CA ILE A 88 -1.06 -12.69 -2.61
C ILE A 88 -0.75 -14.04 -3.23
N ASP A 89 0.53 -14.36 -3.29
CA ASP A 89 0.99 -15.66 -3.80
C ASP A 89 0.46 -16.81 -2.95
N ILE A 90 0.11 -16.51 -1.70
CA ILE A 90 -0.43 -17.51 -0.79
C ILE A 90 -1.94 -17.65 -0.98
N ILE A 91 -2.64 -16.52 -1.01
CA ILE A 91 -4.09 -16.51 -1.15
C ILE A 91 -4.50 -16.95 -2.55
N LEU A 92 -3.71 -16.57 -3.54
CA LEU A 92 -4.01 -16.85 -4.93
C LEU A 92 -3.51 -18.24 -5.31
N GLY B 1 -0.95 -13.37 -12.13
CA GLY B 1 -0.35 -12.51 -13.17
C GLY B 1 1.15 -12.46 -13.07
N ARG B 2 1.83 -13.26 -13.89
CA ARG B 2 3.29 -13.34 -13.86
C ARG B 2 3.89 -12.62 -15.07
N SER B 3 3.04 -12.09 -15.94
CA SER B 3 3.51 -11.42 -17.15
C SER B 3 3.35 -9.90 -17.03
N LYS B 4 3.72 -9.36 -15.88
CA LYS B 4 3.69 -7.92 -15.67
C LYS B 4 5.08 -7.42 -15.32
N GLU B 5 5.36 -6.18 -15.71
CA GLU B 5 6.66 -5.57 -15.47
C GLU B 5 6.88 -5.27 -13.99
N SER B 6 8.14 -5.15 -13.60
CA SER B 6 8.48 -4.84 -12.22
C SER B 6 8.35 -3.34 -11.97
N GLY B 7 7.54 -2.98 -10.98
CA GLY B 7 7.28 -1.58 -10.71
C GLY B 7 5.81 -1.27 -10.77
N TRP B 8 5.14 -1.80 -11.78
CA TRP B 8 3.70 -1.67 -11.93
C TRP B 8 3.09 -3.06 -12.05
N VAL B 9 2.47 -3.51 -10.97
CA VAL B 9 2.05 -4.89 -10.85
C VAL B 9 0.65 -4.98 -10.26
N GLU B 10 -0.19 -5.79 -10.88
CA GLU B 10 -1.57 -5.97 -10.47
C GLU B 10 -1.79 -7.41 -10.02
N ASN B 11 -2.73 -7.62 -9.11
CA ASN B 11 -3.06 -8.98 -8.67
C ASN B 11 -4.38 -9.44 -9.27
N GLU B 12 -4.74 -10.69 -9.06
CA GLU B 12 -5.97 -11.24 -9.61
C GLU B 12 -6.91 -11.72 -8.52
N ILE B 13 -6.76 -11.19 -7.32
CA ILE B 13 -7.74 -11.45 -6.26
C ILE B 13 -8.67 -10.27 -6.11
N TYR B 14 -8.62 -9.36 -7.06
CA TYR B 14 -9.50 -8.20 -7.08
C TYR B 14 -10.86 -8.61 -7.62
N TYR B 15 -11.73 -9.04 -6.72
CA TYR B 15 -13.08 -9.40 -7.08
C TYR B 15 -13.98 -8.18 -6.95
N GLY A 1 2.94 -12.20 8.49
CA GLY A 1 3.58 -11.45 9.59
C GLY A 1 3.29 -9.97 9.50
N VAL A 2 2.71 -9.43 10.56
CA VAL A 2 2.33 -8.01 10.58
C VAL A 2 3.56 -7.11 10.46
N SER A 3 3.77 -6.58 9.27
CA SER A 3 4.88 -5.70 9.01
C SER A 3 4.41 -4.26 8.93
N PHE A 4 5.01 -3.39 9.72
CA PHE A 4 4.60 -1.99 9.74
C PHE A 4 5.65 -1.12 9.07
N PHE A 5 5.23 -0.41 8.04
CA PHE A 5 6.12 0.48 7.31
C PHE A 5 5.78 1.93 7.61
N LEU A 6 6.78 2.68 8.04
CA LEU A 6 6.58 4.08 8.34
C LEU A 6 6.57 4.89 7.04
N VAL A 7 5.37 5.15 6.55
CA VAL A 7 5.19 5.85 5.29
C VAL A 7 4.78 7.29 5.54
N LYS A 8 4.92 8.12 4.51
CA LYS A 8 4.53 9.52 4.62
C LYS A 8 3.32 9.79 3.72
N GLU A 9 2.16 9.93 4.33
CA GLU A 9 0.92 10.18 3.59
C GLU A 9 0.85 11.65 3.17
N LYS A 10 0.74 11.88 1.87
CA LYS A 10 0.58 13.23 1.38
C LYS A 10 -0.90 13.58 1.28
N MET A 11 -1.39 14.32 2.26
CA MET A 11 -2.76 14.78 2.26
C MET A 11 -2.84 16.22 1.78
N LYS A 12 -4.00 16.60 1.28
CA LYS A 12 -4.22 17.96 0.80
C LYS A 12 -4.32 18.94 1.98
N GLY A 13 -4.15 20.22 1.68
CA GLY A 13 -4.24 21.24 2.71
C GLY A 13 -2.88 21.77 3.10
N LYS A 14 -1.88 20.91 3.03
CA LYS A 14 -0.52 21.30 3.36
C LYS A 14 0.46 20.39 2.62
N ASN A 15 1.68 20.85 2.42
CA ASN A 15 2.68 20.07 1.70
C ASN A 15 3.40 19.11 2.62
N LYS A 16 3.25 19.33 3.93
CA LYS A 16 3.85 18.43 4.91
C LYS A 16 3.17 17.08 4.87
N LEU A 17 3.97 16.03 4.69
CA LEU A 17 3.43 14.67 4.66
C LEU A 17 3.28 14.15 6.08
N VAL A 18 2.32 13.27 6.28
CA VAL A 18 2.03 12.75 7.61
C VAL A 18 2.53 11.30 7.73
N PRO A 19 3.46 11.05 8.66
CA PRO A 19 3.98 9.70 8.91
C PRO A 19 2.90 8.77 9.46
N ARG A 20 2.75 7.61 8.83
CA ARG A 20 1.76 6.65 9.24
C ARG A 20 2.37 5.25 9.25
N LEU A 21 1.80 4.36 10.05
CA LEU A 21 2.28 2.99 10.12
C LEU A 21 1.44 2.10 9.21
N LEU A 22 1.98 1.78 8.05
CA LEU A 22 1.28 0.92 7.11
C LEU A 22 1.49 -0.54 7.50
N GLY A 23 0.46 -1.14 8.08
CA GLY A 23 0.56 -2.50 8.54
C GLY A 23 0.10 -3.49 7.48
N ILE A 24 1.06 -4.22 6.92
CA ILE A 24 0.76 -5.23 5.92
C ILE A 24 0.64 -6.60 6.59
N THR A 25 -0.51 -7.23 6.43
CA THR A 25 -0.72 -8.56 6.96
C THR A 25 -0.84 -9.56 5.81
N LYS A 26 -1.22 -10.79 6.13
CA LYS A 26 -1.31 -11.82 5.11
C LYS A 26 -2.67 -11.79 4.43
N GLU A 27 -3.43 -10.72 4.66
CA GLU A 27 -4.81 -10.66 4.20
C GLU A 27 -5.29 -9.22 4.01
N CYS A 28 -4.76 -8.30 4.81
CA CYS A 28 -5.27 -6.93 4.80
C CYS A 28 -4.14 -5.91 4.82
N VAL A 29 -4.49 -4.66 4.54
CA VAL A 29 -3.56 -3.54 4.58
C VAL A 29 -4.16 -2.45 5.46
N MET A 30 -3.66 -2.33 6.68
CA MET A 30 -4.26 -1.43 7.65
C MET A 30 -3.40 -0.18 7.86
N ARG A 31 -4.04 0.98 7.76
CA ARG A 31 -3.38 2.24 8.06
C ARG A 31 -3.44 2.51 9.55
N VAL A 32 -2.35 2.21 10.24
CA VAL A 32 -2.26 2.42 11.67
C VAL A 32 -1.60 3.76 11.96
N ASP A 33 -2.24 4.58 12.79
CA ASP A 33 -1.69 5.87 13.16
C ASP A 33 -0.36 5.71 13.87
N GLU A 34 0.62 6.51 13.46
CA GLU A 34 1.97 6.42 13.97
C GLU A 34 1.99 6.58 15.49
N LYS A 35 1.28 7.58 15.98
CA LYS A 35 1.33 7.91 17.39
C LYS A 35 0.32 7.10 18.21
N THR A 36 -0.95 7.18 17.83
CA THR A 36 -2.03 6.63 18.65
C THR A 36 -2.25 5.13 18.37
N LYS A 37 -1.63 4.61 17.32
CA LYS A 37 -1.78 3.20 16.93
C LYS A 37 -3.20 2.89 16.48
N GLU A 38 -3.93 3.91 16.09
CA GLU A 38 -5.31 3.75 15.65
C GLU A 38 -5.38 3.24 14.21
N VAL A 39 -6.14 2.19 14.00
CA VAL A 39 -6.36 1.66 12.66
C VAL A 39 -7.40 2.51 11.95
N ILE A 40 -6.93 3.45 11.15
CA ILE A 40 -7.80 4.42 10.50
C ILE A 40 -8.56 3.78 9.35
N GLN A 41 -7.88 2.97 8.56
CA GLN A 41 -8.48 2.39 7.37
C GLN A 41 -7.81 1.06 7.02
N GLU A 42 -8.57 -0.01 7.08
CA GLU A 42 -8.05 -1.35 6.79
C GLU A 42 -8.57 -1.84 5.44
N TRP A 43 -7.66 -2.00 4.49
CA TRP A 43 -8.01 -2.56 3.19
C TRP A 43 -7.79 -4.06 3.19
N SER A 44 -8.30 -4.72 2.15
CA SER A 44 -8.07 -6.13 1.96
C SER A 44 -7.28 -6.35 0.68
N LEU A 45 -6.45 -7.38 0.64
CA LEU A 45 -5.65 -7.69 -0.55
C LEU A 45 -6.56 -7.98 -1.73
N THR A 46 -7.75 -8.45 -1.43
CA THR A 46 -8.75 -8.78 -2.42
C THR A 46 -9.38 -7.52 -3.04
N ASN A 47 -9.22 -6.39 -2.36
CA ASN A 47 -9.86 -5.15 -2.82
C ASN A 47 -8.87 -4.29 -3.58
N ILE A 48 -7.65 -4.79 -3.66
CA ILE A 48 -6.58 -4.11 -4.38
C ILE A 48 -6.61 -4.52 -5.85
N LYS A 49 -6.19 -3.63 -6.73
CA LYS A 49 -6.02 -4.00 -8.14
C LYS A 49 -4.55 -3.97 -8.52
N ARG A 50 -3.91 -2.85 -8.31
CA ARG A 50 -2.51 -2.68 -8.70
C ARG A 50 -1.79 -1.81 -7.70
N TRP A 51 -0.50 -2.06 -7.56
CA TRP A 51 0.33 -1.26 -6.68
C TRP A 51 1.62 -0.87 -7.38
N ALA A 52 2.01 0.38 -7.21
CA ALA A 52 3.22 0.91 -7.82
C ALA A 52 4.33 0.98 -6.79
N ALA A 53 5.38 0.21 -7.02
CA ALA A 53 6.51 0.15 -6.11
C ALA A 53 7.69 0.91 -6.70
N SER A 54 8.21 1.85 -5.92
CA SER A 54 9.41 2.57 -6.31
C SER A 54 10.27 2.82 -5.07
N PRO A 55 11.57 3.07 -5.26
CA PRO A 55 12.46 3.39 -4.14
C PRO A 55 12.24 4.81 -3.63
N LYS A 56 11.24 5.48 -4.17
CA LYS A 56 10.92 6.85 -3.77
C LYS A 56 9.57 6.92 -3.07
N SER A 57 8.62 6.12 -3.55
CA SER A 57 7.26 6.14 -3.02
C SER A 57 6.53 4.82 -3.29
N PHE A 58 5.31 4.72 -2.79
CA PHE A 58 4.46 3.55 -3.03
C PHE A 58 3.04 4.02 -3.35
N THR A 59 2.42 3.40 -4.32
CA THR A 59 1.08 3.82 -4.76
C THR A 59 0.12 2.63 -4.85
N LEU A 60 -0.95 2.68 -4.07
CA LEU A 60 -1.99 1.66 -4.14
C LEU A 60 -3.16 2.14 -4.98
N ASP A 61 -3.67 1.27 -5.85
CA ASP A 61 -4.88 1.54 -6.61
C ASP A 61 -5.91 0.47 -6.35
N PHE A 62 -7.14 0.90 -6.08
CA PHE A 62 -8.21 -0.02 -5.71
C PHE A 62 -9.30 -0.01 -6.76
N GLY A 63 -9.06 0.70 -7.86
CA GLY A 63 -9.98 0.72 -8.98
C GLY A 63 -11.35 1.23 -8.63
N ASP A 64 -12.31 0.31 -8.51
CA ASP A 64 -13.70 0.67 -8.33
C ASP A 64 -14.11 0.61 -6.86
N TYR A 65 -13.14 0.44 -5.98
CA TYR A 65 -13.42 0.35 -4.56
C TYR A 65 -13.49 1.74 -3.94
N GLN A 66 -12.77 2.69 -4.55
CA GLN A 66 -12.78 4.07 -4.11
C GLN A 66 -12.11 4.96 -5.15
N ASP A 67 -12.36 6.25 -5.08
CA ASP A 67 -11.77 7.19 -6.01
C ASP A 67 -10.39 7.64 -5.53
N GLY A 68 -9.45 7.68 -6.46
CA GLY A 68 -8.12 8.17 -6.15
C GLY A 68 -7.17 7.06 -5.79
N TYR A 69 -5.88 7.38 -5.78
CA TYR A 69 -4.87 6.42 -5.40
C TYR A 69 -4.53 6.55 -3.92
N TYR A 70 -3.66 5.69 -3.47
CA TYR A 70 -3.05 5.84 -2.16
C TYR A 70 -1.54 5.90 -2.32
N SER A 71 -1.04 7.10 -2.56
CA SER A 71 0.38 7.29 -2.78
C SER A 71 1.06 7.83 -1.52
N VAL A 72 1.99 7.05 -1.01
CA VAL A 72 2.74 7.44 0.17
C VAL A 72 4.23 7.48 -0.15
N GLN A 73 4.92 8.42 0.46
CA GLN A 73 6.35 8.53 0.26
C GLN A 73 7.09 7.55 1.15
N THR A 74 7.86 6.67 0.52
CA THR A 74 8.60 5.65 1.24
C THR A 74 9.64 4.99 0.34
N THR A 75 10.84 4.84 0.88
CA THR A 75 11.90 4.17 0.17
C THR A 75 11.74 2.65 0.28
N GLU A 76 10.88 2.25 1.21
CA GLU A 76 10.64 0.85 1.49
C GLU A 76 9.40 0.36 0.74
N GLY A 77 8.96 1.17 -0.23
CA GLY A 77 7.77 0.84 -1.01
C GLY A 77 7.86 -0.49 -1.71
N GLU A 78 9.05 -0.80 -2.21
CA GLU A 78 9.27 -2.09 -2.89
C GLU A 78 9.09 -3.24 -1.91
N GLN A 79 9.54 -3.05 -0.68
CA GLN A 79 9.39 -4.07 0.35
C GLN A 79 7.92 -4.34 0.62
N ILE A 80 7.13 -3.28 0.65
CA ILE A 80 5.69 -3.39 0.83
C ILE A 80 5.07 -4.19 -0.31
N ALA A 81 5.40 -3.82 -1.53
CA ALA A 81 4.88 -4.47 -2.72
C ALA A 81 5.23 -5.95 -2.75
N GLN A 82 6.48 -6.26 -2.45
CA GLN A 82 6.96 -7.64 -2.47
C GLN A 82 6.25 -8.49 -1.42
N LEU A 83 5.93 -7.85 -0.30
CA LEU A 83 5.27 -8.54 0.80
C LEU A 83 3.81 -8.85 0.43
N ILE A 84 3.12 -7.85 -0.13
CA ILE A 84 1.76 -8.03 -0.59
C ILE A 84 1.69 -9.13 -1.64
N ALA A 85 2.57 -9.05 -2.63
CA ALA A 85 2.62 -10.02 -3.70
C ALA A 85 2.96 -11.41 -3.16
N GLY A 86 3.72 -11.45 -2.07
CA GLY A 86 4.08 -12.72 -1.47
C GLY A 86 2.90 -13.42 -0.84
N TYR A 87 2.14 -12.70 -0.04
CA TYR A 87 0.96 -13.28 0.62
C TYR A 87 -0.15 -13.56 -0.38
N ILE A 88 -0.26 -12.69 -1.38
CA ILE A 88 -1.22 -12.89 -2.46
C ILE A 88 -0.88 -14.14 -3.27
N ASP A 89 0.41 -14.38 -3.44
CA ASP A 89 0.89 -15.56 -4.16
C ASP A 89 0.40 -16.84 -3.50
N ILE A 90 0.25 -16.80 -2.19
CA ILE A 90 -0.23 -17.95 -1.42
C ILE A 90 -1.70 -18.24 -1.72
N ILE A 91 -2.48 -17.18 -1.89
CA ILE A 91 -3.92 -17.30 -2.13
C ILE A 91 -4.19 -17.77 -3.56
N LEU A 92 -3.22 -17.57 -4.44
CA LEU A 92 -3.38 -17.88 -5.85
C LEU A 92 -3.04 -19.33 -6.13
N GLY B 1 7.57 -6.57 -28.82
CA GLY B 1 6.52 -7.23 -28.01
C GLY B 1 5.48 -6.25 -27.51
N ARG B 2 5.65 -5.79 -26.29
CA ARG B 2 4.72 -4.85 -25.68
C ARG B 2 5.45 -3.99 -24.66
N SER B 3 4.73 -3.08 -24.03
CA SER B 3 5.30 -2.26 -22.97
C SER B 3 4.94 -2.85 -21.63
N LYS B 4 5.83 -3.68 -21.08
CA LYS B 4 5.57 -4.31 -19.80
C LYS B 4 5.46 -3.24 -18.72
N GLU B 5 4.51 -3.44 -17.81
CA GLU B 5 4.13 -2.45 -16.81
C GLU B 5 5.35 -1.81 -16.14
N SER B 6 6.14 -2.64 -15.47
CA SER B 6 7.34 -2.18 -14.75
C SER B 6 6.98 -1.16 -13.66
N GLY B 7 6.98 -1.61 -12.43
CA GLY B 7 6.59 -0.74 -11.33
C GLY B 7 5.15 -0.99 -10.93
N TRP B 8 4.31 -1.18 -11.94
CA TRP B 8 2.91 -1.49 -11.74
C TRP B 8 2.71 -2.99 -11.68
N VAL B 9 2.16 -3.45 -10.58
CA VAL B 9 1.95 -4.88 -10.37
C VAL B 9 0.47 -5.20 -10.33
N GLU B 10 0.00 -5.90 -11.36
CA GLU B 10 -1.39 -6.30 -11.45
C GLU B 10 -1.64 -7.53 -10.58
N ASN B 11 -2.76 -7.55 -9.89
CA ASN B 11 -3.12 -8.70 -9.07
C ASN B 11 -4.13 -9.58 -9.80
N GLU B 12 -4.42 -10.73 -9.22
CA GLU B 12 -5.41 -11.62 -9.79
C GLU B 12 -6.46 -12.02 -8.77
N ILE B 13 -6.64 -11.20 -7.74
CA ILE B 13 -7.72 -11.42 -6.78
C ILE B 13 -8.50 -10.12 -6.56
N TYR B 14 -8.67 -9.36 -7.62
CA TYR B 14 -9.36 -8.08 -7.53
C TYR B 14 -10.87 -8.26 -7.59
N TYR B 15 -11.53 -7.91 -6.50
CA TYR B 15 -12.96 -7.97 -6.43
C TYR B 15 -13.58 -6.64 -6.85
#